data_4MM1
#
_entry.id   4MM1
#
_cell.length_a   143.675
_cell.length_b   148.756
_cell.length_c   91.503
_cell.angle_alpha   90.00
_cell.angle_beta   109.50
_cell.angle_gamma   90.00
#
_symmetry.space_group_name_H-M   'C 1 2 1'
#
loop_
_entity.id
_entity.type
_entity.pdbx_description
1 polymer 'Geranylgeranylglyceryl phosphate synthase'
2 non-polymer SN-GLYCEROL-1-PHOSPHATE
3 non-polymer 'TRIETHYLENE GLYCOL'
4 water water
#
_entity_poly.entity_id   1
_entity_poly.type   'polypeptide(L)'
_entity_poly.pdbx_seq_one_letter_code
;MFKMKVEDYFHDILRERKIHLTLIDPEEQTPEEAVEIARAAIRGGTDGIMLGGSTTDSSELDNTARALRENIDVPIILFP
GNTTGVSRYADAIFFMSLLNSTNPYWIIGAQALGAATVKKMGIEALPMGYLVVEPGGTVGWVGDTKPVPRNKPDIAAAYA
MAAEFLGMRLFYLEAGSGAPEHVPEEMIALVKRCTDQILIVGGGIRSGEDAARVAGAGADVVVTGTVVENSDNVEDKIRE
IVEGMGSVLE
;
_entity_poly.pdbx_strand_id   A,B,C,D,E,F
#
loop_
_chem_comp.id
_chem_comp.type
_chem_comp.name
_chem_comp.formula
1GP non-polymer SN-GLYCEROL-1-PHOSPHATE 'C3 H9 O6 P'
PGE non-polymer 'TRIETHYLENE GLYCOL' 'C6 H14 O4'
#
# COMPACT_ATOMS: atom_id res chain seq x y z
N PHE A 2 -16.61 28.44 -32.42
CA PHE A 2 -15.96 27.87 -33.60
C PHE A 2 -15.70 26.37 -33.51
N LYS A 3 -14.88 25.97 -32.54
CA LYS A 3 -14.71 24.56 -32.26
C LYS A 3 -15.73 24.11 -31.25
N MET A 4 -16.02 22.82 -31.29
CA MET A 4 -17.14 22.24 -30.58
C MET A 4 -16.51 21.57 -29.39
N LYS A 5 -17.18 21.48 -28.24
CA LYS A 5 -16.55 20.79 -27.14
C LYS A 5 -16.42 19.34 -27.59
N VAL A 6 -15.56 18.57 -26.96
CA VAL A 6 -15.36 17.19 -27.42
C VAL A 6 -16.50 16.30 -27.00
N GLU A 7 -17.07 16.56 -25.82
CA GLU A 7 -18.17 15.74 -25.34
C GLU A 7 -19.43 15.95 -26.19
N ASP A 8 -19.64 17.17 -26.66
CA ASP A 8 -20.78 17.44 -27.54
C ASP A 8 -20.56 16.82 -28.91
N TYR A 9 -19.31 16.87 -29.38
CA TYR A 9 -18.94 16.18 -30.61
C TYR A 9 -19.32 14.70 -30.51
N PHE A 10 -19.09 14.13 -29.33
CA PHE A 10 -19.40 12.73 -29.05
C PHE A 10 -20.92 12.49 -29.07
N HIS A 11 -21.66 13.34 -28.38
CA HIS A 11 -23.10 13.21 -28.28
C HIS A 11 -23.75 13.29 -29.65
N ASP A 12 -23.23 14.19 -30.49
CA ASP A 12 -23.71 14.36 -31.87
C ASP A 12 -23.60 13.07 -32.69
N ILE A 13 -22.44 12.43 -32.63
CA ILE A 13 -22.21 11.18 -33.36
C ILE A 13 -23.09 10.08 -32.77
N LEU A 14 -23.16 10.05 -31.44
CA LEU A 14 -23.88 9.01 -30.73
C LEU A 14 -25.38 9.03 -31.01
N ARG A 15 -25.88 10.13 -31.59
CA ARG A 15 -27.26 10.19 -32.00
C ARG A 15 -27.57 9.16 -33.09
N GLU A 16 -26.56 8.88 -33.91
CA GLU A 16 -26.75 8.10 -35.13
C GLU A 16 -25.88 6.84 -35.21
N ARG A 17 -24.71 6.87 -34.58
CA ARG A 17 -23.76 5.76 -34.72
C ARG A 17 -22.78 5.68 -33.55
N LYS A 18 -21.85 4.74 -33.64
CA LYS A 18 -20.84 4.56 -32.60
C LYS A 18 -19.53 5.22 -32.99
N ILE A 19 -18.77 5.63 -31.98
CA ILE A 19 -17.56 6.41 -32.15
C ILE A 19 -16.31 5.54 -32.23
N HIS A 20 -15.36 5.95 -33.07
CA HIS A 20 -14.05 5.31 -33.13
C HIS A 20 -12.93 6.30 -32.85
N LEU A 21 -11.98 5.89 -32.02
CA LEU A 21 -10.80 6.69 -31.71
C LEU A 21 -9.53 5.89 -31.99
N THR A 22 -8.53 6.58 -32.54
CA THR A 22 -7.24 5.96 -32.84
C THR A 22 -6.21 6.41 -31.80
N LEU A 23 -5.55 5.45 -31.17
CA LEU A 23 -4.57 5.73 -30.13
C LEU A 23 -3.14 5.71 -30.65
N ILE A 24 -2.50 6.88 -30.65
CA ILE A 24 -1.09 7.00 -31.04
C ILE A 24 -0.22 7.27 -29.82
N ASP A 25 0.91 6.57 -29.74
CA ASP A 25 1.89 6.75 -28.67
C ASP A 25 3.03 7.63 -29.19
N PRO A 26 3.31 8.76 -28.51
CA PRO A 26 4.39 9.61 -29.04
C PRO A 26 5.77 8.95 -29.04
N GLU A 27 5.99 8.03 -28.11
CA GLU A 27 7.29 7.40 -27.96
C GLU A 27 7.64 6.48 -29.12
N GLU A 28 6.64 5.97 -29.82
CA GLU A 28 6.83 4.85 -30.72
C GLU A 28 7.12 5.25 -32.17
N GLN A 29 6.93 6.52 -32.50
CA GLN A 29 7.32 7.02 -33.82
C GLN A 29 7.40 8.54 -33.83
N THR A 30 8.05 9.09 -34.85
CA THR A 30 8.26 10.53 -34.95
C THR A 30 6.96 11.25 -35.34
N PRO A 31 6.90 12.56 -35.07
CA PRO A 31 5.71 13.36 -35.41
C PRO A 31 5.31 13.27 -36.88
N GLU A 32 6.30 13.19 -37.77
CA GLU A 32 6.03 13.04 -39.19
C GLU A 32 5.28 11.74 -39.45
N GLU A 33 5.82 10.65 -38.89
CA GLU A 33 5.23 9.33 -39.03
C GLU A 33 3.87 9.25 -38.34
N ALA A 34 3.69 10.06 -37.31
CA ALA A 34 2.45 10.08 -36.55
C ALA A 34 1.34 10.75 -37.35
N VAL A 35 1.68 11.82 -38.07
CA VAL A 35 0.73 12.46 -38.97
C VAL A 35 0.23 11.48 -40.03
N GLU A 36 1.13 10.65 -40.55
CA GLU A 36 0.75 9.63 -41.52
C GLU A 36 -0.29 8.67 -40.96
N ILE A 37 -0.07 8.21 -39.73
CA ILE A 37 -1.00 7.28 -39.09
C ILE A 37 -2.36 7.94 -38.94
N ALA A 38 -2.36 9.18 -38.46
CA ALA A 38 -3.58 9.94 -38.27
C ALA A 38 -4.35 10.13 -39.58
N ARG A 39 -3.67 10.68 -40.58
CA ARG A 39 -4.30 10.96 -41.87
C ARG A 39 -4.87 9.71 -42.53
N ALA A 40 -4.14 8.60 -42.44
CA ALA A 40 -4.62 7.32 -42.95
C ALA A 40 -5.81 6.84 -42.14
N ALA A 41 -5.68 6.96 -40.82
CA ALA A 41 -6.72 6.50 -39.91
C ALA A 41 -7.98 7.31 -40.07
N ILE A 42 -7.84 8.53 -40.60
CA ILE A 42 -8.98 9.40 -40.89
C ILE A 42 -9.66 9.08 -42.23
N ARG A 43 -8.91 8.60 -43.22
CA ARG A 43 -9.55 8.23 -44.48
C ARG A 43 -10.38 6.97 -44.26
N GLY A 44 -9.93 6.14 -43.32
CA GLY A 44 -10.76 5.08 -42.78
C GLY A 44 -11.52 5.93 -41.78
N GLY A 45 -12.80 5.69 -41.54
CA GLY A 45 -13.55 6.60 -40.71
C GLY A 45 -13.29 6.76 -39.22
N THR A 46 -12.06 7.04 -38.77
CA THR A 46 -11.86 7.32 -37.34
C THR A 46 -12.49 8.68 -37.05
N ASP A 47 -12.94 8.88 -35.82
CA ASP A 47 -13.61 10.13 -35.45
C ASP A 47 -12.74 11.01 -34.57
N GLY A 48 -11.54 10.55 -34.25
CA GLY A 48 -10.66 11.29 -33.38
C GLY A 48 -9.35 10.59 -33.11
N ILE A 49 -8.38 11.34 -32.59
CA ILE A 49 -7.05 10.83 -32.28
C ILE A 49 -6.73 10.96 -30.80
N MET A 50 -6.55 9.82 -30.14
CA MET A 50 -6.12 9.80 -28.76
C MET A 50 -4.59 9.87 -28.71
N LEU A 51 -4.08 10.63 -27.75
CA LEU A 51 -2.65 10.90 -27.64
C LEU A 51 -2.15 10.61 -26.24
N GLY A 52 -1.47 9.47 -26.13
CA GLY A 52 -0.86 9.02 -24.90
C GLY A 52 -0.75 7.51 -24.99
N GLY A 53 -0.68 6.85 -23.85
CA GLY A 53 -0.71 5.40 -23.79
C GLY A 53 0.47 4.89 -23.01
N SER A 54 1.37 5.82 -22.71
CA SER A 54 2.66 5.49 -22.11
C SER A 54 3.02 6.54 -21.08
N THR A 55 3.97 6.19 -20.21
CA THR A 55 4.63 7.17 -19.36
C THR A 55 5.95 7.58 -20.03
N THR A 56 5.94 8.73 -20.68
CA THR A 56 7.12 9.18 -21.43
C THR A 56 7.27 10.71 -21.36
N ASP A 57 8.52 11.16 -21.53
CA ASP A 57 8.87 12.58 -21.55
C ASP A 57 7.92 13.40 -22.44
N SER A 58 7.44 14.51 -21.89
CA SER A 58 6.43 15.35 -22.55
C SER A 58 6.96 16.22 -23.71
N SER A 59 8.13 15.90 -24.26
CA SER A 59 8.68 16.69 -25.37
C SER A 59 8.39 15.95 -26.68
N GLU A 60 8.48 14.63 -26.64
CA GLU A 60 7.92 13.80 -27.71
C GLU A 60 6.42 14.01 -27.86
N LEU A 61 5.73 14.26 -26.75
CA LEU A 61 4.30 14.48 -26.78
C LEU A 61 3.94 15.77 -27.51
N ASP A 62 4.46 16.89 -27.01
CA ASP A 62 4.25 18.20 -27.62
C ASP A 62 4.52 18.21 -29.13
N ASN A 63 5.64 17.61 -29.53
CA ASN A 63 6.03 17.61 -30.93
C ASN A 63 5.04 16.81 -31.76
N THR A 64 4.61 15.66 -31.24
CA THR A 64 3.58 14.85 -31.89
C THR A 64 2.26 15.60 -31.89
N ALA A 65 1.96 16.27 -30.77
CA ALA A 65 0.72 17.01 -30.62
C ALA A 65 0.66 18.19 -31.58
N ARG A 66 1.76 18.94 -31.65
CA ARG A 66 1.86 20.09 -32.55
C ARG A 66 1.66 19.67 -34.00
N ALA A 67 2.43 18.66 -34.42
CA ALA A 67 2.36 18.14 -35.78
C ALA A 67 0.93 17.76 -36.16
N LEU A 68 0.23 17.11 -35.24
CA LEU A 68 -1.15 16.71 -35.49
C LEU A 68 -2.05 17.95 -35.60
N ARG A 69 -1.92 18.86 -34.64
CA ARG A 69 -2.79 20.04 -34.59
C ARG A 69 -2.68 20.83 -35.89
N GLU A 70 -1.59 20.65 -36.61
CA GLU A 70 -1.36 21.32 -37.88
C GLU A 70 -2.09 20.66 -39.05
N ASN A 71 -2.10 19.33 -39.08
CA ASN A 71 -2.54 18.59 -40.26
C ASN A 71 -3.92 17.91 -40.23
N ILE A 72 -4.59 17.88 -39.08
CA ILE A 72 -5.91 17.23 -39.00
C ILE A 72 -6.99 18.10 -38.37
N ASP A 73 -8.25 17.75 -38.66
CA ASP A 73 -9.41 18.51 -38.20
C ASP A 73 -10.34 17.70 -37.30
N VAL A 74 -9.91 16.49 -36.93
CA VAL A 74 -10.62 15.73 -35.91
C VAL A 74 -9.98 16.04 -34.56
N PRO A 75 -10.72 15.84 -33.46
CA PRO A 75 -10.20 16.24 -32.15
C PRO A 75 -8.99 15.43 -31.69
N ILE A 76 -8.05 16.11 -31.03
CA ILE A 76 -6.94 15.45 -30.33
C ILE A 76 -7.24 15.35 -28.84
N ILE A 77 -7.37 14.11 -28.35
CA ILE A 77 -7.72 13.84 -26.96
C ILE A 77 -6.55 13.19 -26.23
N LEU A 78 -6.10 13.80 -25.15
CA LEU A 78 -5.02 13.22 -24.35
C LEU A 78 -5.47 11.97 -23.59
N PHE A 79 -4.63 10.94 -23.63
CA PHE A 79 -4.88 9.68 -22.94
C PHE A 79 -3.74 9.43 -21.95
N PRO A 80 -3.71 10.21 -20.85
CA PRO A 80 -2.52 10.32 -20.00
C PRO A 80 -2.19 9.06 -19.21
N GLY A 81 -0.90 8.72 -19.16
CA GLY A 81 -0.41 7.62 -18.34
C GLY A 81 0.20 8.12 -17.05
N ASN A 82 0.43 9.43 -16.99
CA ASN A 82 0.95 10.10 -15.80
C ASN A 82 0.76 11.60 -16.00
N THR A 83 1.26 12.41 -15.07
CA THR A 83 1.15 13.86 -15.23
C THR A 83 2.00 14.35 -16.40
N THR A 84 2.87 13.49 -16.94
CA THR A 84 3.65 13.82 -18.13
C THR A 84 2.81 13.70 -19.40
N GLY A 85 1.53 13.37 -19.24
CA GLY A 85 0.67 13.09 -20.37
C GLY A 85 -0.16 14.31 -20.73
N VAL A 86 0.16 15.43 -20.10
CA VAL A 86 -0.53 16.69 -20.35
C VAL A 86 0.26 17.53 -21.34
N SER A 87 -0.43 18.00 -22.38
CA SER A 87 0.16 18.89 -23.38
C SER A 87 -0.89 19.93 -23.74
N ARG A 88 -0.47 21.20 -23.78
CA ARG A 88 -1.41 22.29 -24.01
C ARG A 88 -1.96 22.30 -25.44
N TYR A 89 -1.35 21.52 -26.32
CA TYR A 89 -1.72 21.50 -27.74
C TYR A 89 -2.86 20.54 -28.06
N ALA A 90 -3.47 19.93 -27.05
CA ALA A 90 -4.56 18.98 -27.29
C ALA A 90 -5.91 19.70 -27.19
N ASP A 91 -6.95 19.04 -27.67
CA ASP A 91 -8.29 19.64 -27.69
C ASP A 91 -9.04 19.30 -26.41
N ALA A 92 -8.78 18.13 -25.86
CA ALA A 92 -9.39 17.69 -24.60
C ALA A 92 -8.52 16.65 -23.92
N ILE A 93 -8.76 16.42 -22.64
CA ILE A 93 -8.07 15.38 -21.90
C ILE A 93 -9.07 14.46 -21.21
N PHE A 94 -8.86 13.15 -21.35
CA PHE A 94 -9.53 12.18 -20.48
C PHE A 94 -8.96 12.32 -19.08
N PHE A 95 -9.65 13.06 -18.22
CA PHE A 95 -9.18 13.22 -16.84
C PHE A 95 -9.65 12.01 -16.05
N MET A 96 -8.78 11.01 -15.94
CA MET A 96 -9.18 9.68 -15.51
C MET A 96 -8.63 9.24 -14.17
N SER A 97 -9.41 8.40 -13.49
CA SER A 97 -9.00 7.71 -12.28
C SER A 97 -8.87 6.22 -12.55
N LEU A 98 -7.72 5.64 -12.22
CA LEU A 98 -7.52 4.21 -12.36
C LEU A 98 -8.16 3.50 -11.17
N LEU A 99 -9.43 3.15 -11.31
CA LEU A 99 -10.27 2.76 -10.19
C LEU A 99 -9.83 1.50 -9.45
N ASN A 100 -9.34 0.50 -10.19
CA ASN A 100 -8.97 -0.77 -9.56
C ASN A 100 -7.47 -0.89 -9.33
N SER A 101 -6.82 0.25 -9.08
CA SER A 101 -5.43 0.27 -8.62
C SER A 101 -5.38 0.13 -7.10
N THR A 102 -4.31 -0.47 -6.60
CA THR A 102 -4.14 -0.60 -5.15
C THR A 102 -3.37 0.59 -4.59
N ASN A 103 -2.92 1.47 -5.49
CA ASN A 103 -2.11 2.63 -5.12
C ASN A 103 -2.90 3.92 -5.30
N PRO A 104 -3.09 4.69 -4.21
CA PRO A 104 -3.86 5.93 -4.32
C PRO A 104 -3.28 6.96 -5.29
N TYR A 105 -2.00 6.84 -5.63
CA TYR A 105 -1.39 7.79 -6.55
C TYR A 105 -2.07 7.73 -7.92
N TRP A 106 -2.35 6.53 -8.40
CA TRP A 106 -2.96 6.34 -9.71
C TRP A 106 -4.47 6.56 -9.67
N ILE A 107 -5.05 6.65 -8.47
CA ILE A 107 -6.49 6.83 -8.34
C ILE A 107 -6.85 8.31 -8.24
N ILE A 108 -6.10 9.08 -7.46
CA ILE A 108 -6.41 10.49 -7.24
C ILE A 108 -5.16 11.35 -7.04
N GLY A 109 -4.06 10.74 -6.60
CA GLY A 109 -2.84 11.48 -6.32
C GLY A 109 -2.27 12.16 -7.54
N ALA A 110 -1.98 11.37 -8.57
CA ALA A 110 -1.51 11.91 -9.84
C ALA A 110 -2.46 12.97 -10.37
N GLN A 111 -3.76 12.70 -10.25
CA GLN A 111 -4.79 13.61 -10.72
C GLN A 111 -4.73 14.94 -9.99
N ALA A 112 -4.43 14.90 -8.69
CA ALA A 112 -4.36 16.11 -7.87
C ALA A 112 -3.13 16.95 -8.22
N LEU A 113 -2.01 16.29 -8.50
CA LEU A 113 -0.78 16.98 -8.82
C LEU A 113 -0.84 17.60 -10.22
N GLY A 114 -1.66 17.03 -11.10
CA GLY A 114 -1.75 17.49 -12.47
C GLY A 114 -2.92 18.42 -12.75
N ALA A 115 -3.78 18.63 -11.75
CA ALA A 115 -5.02 19.36 -11.95
C ALA A 115 -4.82 20.85 -12.22
N ALA A 116 -3.91 21.47 -11.47
CA ALA A 116 -3.62 22.89 -11.64
C ALA A 116 -3.16 23.16 -13.07
N THR A 117 -2.36 22.26 -13.60
CA THR A 117 -1.86 22.38 -14.96
C THR A 117 -3.00 22.31 -15.99
N VAL A 118 -3.91 21.37 -15.79
CA VAL A 118 -5.04 21.18 -16.69
C VAL A 118 -5.95 22.40 -16.66
N LYS A 119 -6.15 22.97 -15.47
CA LYS A 119 -6.98 24.16 -15.32
C LYS A 119 -6.33 25.40 -15.93
N LYS A 120 -5.01 25.51 -15.74
CA LYS A 120 -4.25 26.66 -16.21
C LYS A 120 -4.21 26.73 -17.73
N MET A 121 -4.01 25.59 -18.36
CA MET A 121 -4.18 25.47 -19.80
C MET A 121 -5.67 25.50 -20.08
N GLY A 122 -6.05 25.52 -21.34
CA GLY A 122 -7.45 25.64 -21.70
C GLY A 122 -8.16 24.29 -21.75
N ILE A 123 -7.40 23.22 -21.52
CA ILE A 123 -7.81 21.88 -21.92
C ILE A 123 -9.14 21.48 -21.26
N GLU A 124 -10.07 21.00 -22.08
CA GLU A 124 -11.35 20.45 -21.62
C GLU A 124 -11.13 19.13 -20.87
N ALA A 125 -11.69 19.00 -19.67
CA ALA A 125 -11.49 17.81 -18.85
C ALA A 125 -12.74 16.93 -18.85
N LEU A 126 -12.61 15.76 -19.46
CA LEU A 126 -13.70 14.79 -19.51
C LEU A 126 -13.62 13.80 -18.33
N PRO A 127 -14.62 13.81 -17.43
CA PRO A 127 -14.53 12.90 -16.28
C PRO A 127 -14.72 11.44 -16.65
N MET A 128 -13.75 10.59 -16.31
CA MET A 128 -13.74 9.20 -16.76
C MET A 128 -13.28 8.21 -15.69
N GLY A 129 -14.06 7.15 -15.49
CA GLY A 129 -13.63 6.02 -14.70
C GLY A 129 -12.83 5.06 -15.57
N TYR A 130 -11.67 4.63 -15.07
CA TYR A 130 -10.74 3.81 -15.85
C TYR A 130 -10.52 2.49 -15.13
N LEU A 131 -10.96 1.39 -15.78
CA LEU A 131 -10.96 0.07 -15.15
C LEU A 131 -10.21 -0.97 -15.98
N VAL A 132 -9.19 -1.57 -15.38
CA VAL A 132 -8.38 -2.57 -16.06
C VAL A 132 -8.95 -3.98 -15.91
N VAL A 133 -9.15 -4.64 -17.04
CA VAL A 133 -9.67 -6.00 -17.10
C VAL A 133 -8.55 -6.97 -17.49
N GLU A 134 -8.67 -8.22 -17.05
CA GLU A 134 -7.66 -9.24 -17.32
C GLU A 134 -7.41 -9.34 -18.83
N PRO A 135 -6.13 -9.33 -19.25
CA PRO A 135 -4.90 -9.44 -18.47
C PRO A 135 -4.38 -8.11 -17.93
N GLY A 136 -4.74 -7.01 -18.59
CA GLY A 136 -4.48 -5.68 -18.06
C GLY A 136 -3.29 -5.01 -18.71
N GLY A 137 -2.45 -5.80 -19.37
CA GLY A 137 -1.29 -5.29 -20.07
C GLY A 137 -0.32 -4.56 -19.17
N THR A 138 0.43 -3.64 -19.75
CA THR A 138 1.46 -2.93 -19.03
C THR A 138 0.88 -1.92 -18.05
N VAL A 139 -0.24 -1.30 -18.43
CA VAL A 139 -0.87 -0.31 -17.57
C VAL A 139 -1.41 -0.99 -16.33
N GLY A 140 -1.90 -2.22 -16.49
CA GLY A 140 -2.36 -3.01 -15.36
C GLY A 140 -1.24 -3.22 -14.37
N TRP A 141 -0.05 -3.48 -14.90
CA TRP A 141 1.12 -3.76 -14.07
C TRP A 141 1.70 -2.49 -13.46
N VAL A 142 1.97 -1.50 -14.31
CA VAL A 142 2.53 -0.23 -13.85
C VAL A 142 1.55 0.50 -12.96
N GLY A 143 0.26 0.33 -13.26
CA GLY A 143 -0.79 1.02 -12.53
C GLY A 143 -1.11 0.39 -11.18
N ASP A 144 -0.37 -0.65 -10.81
CA ASP A 144 -0.53 -1.31 -9.53
C ASP A 144 -1.97 -1.82 -9.36
N THR A 145 -2.48 -2.50 -10.39
CA THR A 145 -3.88 -2.92 -10.41
C THR A 145 -4.12 -4.36 -9.97
N LYS A 146 -5.38 -4.62 -9.61
CA LYS A 146 -5.91 -5.97 -9.54
C LYS A 146 -6.91 -6.12 -10.68
N PRO A 147 -6.46 -6.63 -11.84
CA PRO A 147 -7.31 -6.67 -13.03
C PRO A 147 -8.62 -7.40 -12.75
N VAL A 148 -9.73 -6.83 -13.24
CA VAL A 148 -11.02 -7.47 -13.07
C VAL A 148 -11.01 -8.79 -13.84
N PRO A 149 -11.25 -9.92 -13.15
CA PRO A 149 -11.24 -11.18 -13.89
C PRO A 149 -12.34 -11.17 -14.94
N ARG A 150 -12.09 -11.83 -16.07
CA ARG A 150 -12.99 -11.78 -17.21
C ARG A 150 -14.33 -12.47 -16.96
N ASN A 151 -14.39 -13.31 -15.93
CA ASN A 151 -15.62 -14.01 -15.57
C ASN A 151 -16.27 -13.39 -14.32
N LYS A 152 -16.01 -12.11 -14.10
CA LYS A 152 -16.56 -11.37 -12.97
C LYS A 152 -17.11 -10.03 -13.42
N PRO A 153 -18.12 -10.06 -14.31
CA PRO A 153 -18.69 -8.80 -14.80
C PRO A 153 -19.35 -7.97 -13.71
N ASP A 154 -19.84 -8.63 -12.66
CA ASP A 154 -20.44 -7.93 -11.52
C ASP A 154 -19.45 -6.97 -10.86
N ILE A 155 -18.17 -7.33 -10.86
CA ILE A 155 -17.15 -6.46 -10.30
C ILE A 155 -17.00 -5.23 -11.18
N ALA A 156 -16.88 -5.47 -12.49
CA ALA A 156 -16.79 -4.38 -13.46
C ALA A 156 -17.99 -3.44 -13.34
N ALA A 157 -19.18 -4.01 -13.26
CA ALA A 157 -20.41 -3.25 -13.16
C ALA A 157 -20.46 -2.43 -11.86
N ALA A 158 -19.94 -3.03 -10.78
CA ALA A 158 -19.93 -2.37 -9.48
C ALA A 158 -19.11 -1.08 -9.51
N TYR A 159 -17.98 -1.11 -10.20
CA TYR A 159 -17.11 0.06 -10.27
C TYR A 159 -17.69 1.05 -11.28
N ALA A 160 -18.32 0.54 -12.33
CA ALA A 160 -19.00 1.37 -13.30
C ALA A 160 -20.13 2.14 -12.63
N MET A 161 -20.87 1.47 -11.75
CA MET A 161 -21.94 2.11 -11.01
C MET A 161 -21.35 3.13 -10.03
N ALA A 162 -20.26 2.76 -9.37
CA ALA A 162 -19.63 3.66 -8.41
C ALA A 162 -19.07 4.90 -9.10
N ALA A 163 -18.40 4.70 -10.23
CA ALA A 163 -17.86 5.80 -11.02
C ALA A 163 -18.96 6.80 -11.41
N GLU A 164 -20.07 6.29 -11.92
CA GLU A 164 -21.17 7.13 -12.35
C GLU A 164 -21.73 7.98 -11.20
N PHE A 165 -21.96 7.35 -10.06
CA PHE A 165 -22.49 8.04 -8.89
C PHE A 165 -21.54 9.13 -8.37
N LEU A 166 -20.25 8.99 -8.67
CA LEU A 166 -19.27 9.96 -8.24
C LEU A 166 -19.12 11.09 -9.26
N GLY A 167 -19.85 10.99 -10.36
CA GLY A 167 -19.94 12.06 -11.35
C GLY A 167 -19.17 11.78 -12.64
N MET A 168 -18.59 10.59 -12.74
CA MET A 168 -17.79 10.24 -13.91
C MET A 168 -18.71 9.80 -15.05
N ARG A 169 -18.86 10.67 -16.05
CA ARG A 169 -19.82 10.43 -17.13
C ARG A 169 -19.34 9.41 -18.15
N LEU A 170 -18.03 9.16 -18.16
CA LEU A 170 -17.42 8.21 -19.09
C LEU A 170 -16.78 7.05 -18.36
N PHE A 171 -16.78 5.88 -19.00
CA PHE A 171 -16.17 4.70 -18.41
C PHE A 171 -15.38 3.91 -19.45
N TYR A 172 -14.15 3.55 -19.09
CA TYR A 172 -13.22 2.89 -20.00
C TYR A 172 -12.90 1.49 -19.48
N LEU A 173 -13.33 0.47 -20.23
CA LEU A 173 -12.99 -0.92 -19.93
C LEU A 173 -11.70 -1.29 -20.65
N GLU A 174 -10.62 -1.42 -19.88
CA GLU A 174 -9.27 -1.57 -20.43
C GLU A 174 -8.77 -3.01 -20.35
N ALA A 175 -8.55 -3.62 -21.51
CA ALA A 175 -7.96 -4.96 -21.57
C ALA A 175 -6.44 -4.90 -21.70
N GLY A 176 -5.92 -3.70 -21.88
CA GLY A 176 -4.49 -3.50 -22.04
C GLY A 176 -4.02 -3.60 -23.48
N SER A 177 -3.04 -2.76 -23.83
CA SER A 177 -2.46 -2.76 -25.16
C SER A 177 -1.95 -4.15 -25.56
N GLY A 178 -2.35 -4.58 -26.75
CA GLY A 178 -1.86 -5.83 -27.31
C GLY A 178 -2.49 -7.06 -26.71
N ALA A 179 -3.57 -6.86 -25.95
CA ALA A 179 -4.28 -7.96 -25.31
C ALA A 179 -4.66 -9.03 -26.32
N PRO A 180 -4.46 -10.31 -25.98
CA PRO A 180 -4.82 -11.37 -26.93
C PRO A 180 -6.30 -11.31 -27.32
N GLU A 181 -7.18 -11.10 -26.33
CA GLU A 181 -8.60 -10.89 -26.59
C GLU A 181 -9.15 -9.68 -25.85
N HIS A 182 -10.08 -8.99 -26.51
CA HIS A 182 -10.76 -7.84 -25.94
C HIS A 182 -11.66 -8.19 -24.76
N VAL A 183 -12.15 -7.15 -24.09
CA VAL A 183 -13.03 -7.28 -22.93
C VAL A 183 -14.26 -8.13 -23.29
N PRO A 184 -14.66 -9.03 -22.38
CA PRO A 184 -15.78 -9.91 -22.76
C PRO A 184 -17.07 -9.15 -23.07
N GLU A 185 -17.82 -9.68 -24.02
CA GLU A 185 -19.11 -9.15 -24.45
C GLU A 185 -20.06 -9.07 -23.26
N GLU A 186 -20.03 -10.11 -22.43
CA GLU A 186 -20.91 -10.19 -21.28
C GLU A 186 -20.59 -9.03 -20.35
N MET A 187 -19.31 -8.76 -20.17
CA MET A 187 -18.88 -7.69 -19.27
C MET A 187 -19.33 -6.33 -19.77
N ILE A 188 -19.14 -6.08 -21.06
CA ILE A 188 -19.55 -4.82 -21.68
C ILE A 188 -21.06 -4.65 -21.51
N ALA A 189 -21.79 -5.68 -21.93
CA ALA A 189 -23.25 -5.69 -21.84
C ALA A 189 -23.73 -5.31 -20.44
N LEU A 190 -23.16 -5.93 -19.42
CA LEU A 190 -23.60 -5.66 -18.06
C LEU A 190 -23.29 -4.21 -17.68
N VAL A 191 -22.10 -3.72 -18.04
CA VAL A 191 -21.73 -2.35 -17.70
C VAL A 191 -22.68 -1.36 -18.37
N LYS A 192 -23.08 -1.64 -19.62
CA LYS A 192 -23.99 -0.74 -20.32
C LYS A 192 -25.39 -0.79 -19.71
N ARG A 193 -25.77 -1.95 -19.20
CA ARG A 193 -27.09 -2.12 -18.60
C ARG A 193 -27.25 -1.34 -17.30
N CYS A 194 -26.15 -1.13 -16.59
CA CYS A 194 -26.21 -0.58 -15.24
C CYS A 194 -25.98 0.92 -15.18
N THR A 195 -25.48 1.51 -16.27
CA THR A 195 -25.21 2.95 -16.29
C THR A 195 -25.57 3.60 -17.62
N ASP A 196 -25.71 4.92 -17.58
CA ASP A 196 -25.95 5.74 -18.76
C ASP A 196 -24.68 6.52 -19.06
N GLN A 197 -23.56 5.81 -19.08
CA GLN A 197 -22.26 6.43 -19.31
C GLN A 197 -21.90 6.22 -20.77
N ILE A 198 -21.09 7.12 -21.33
CA ILE A 198 -20.47 6.81 -22.61
C ILE A 198 -19.45 5.73 -22.33
N LEU A 199 -19.77 4.52 -22.78
CA LEU A 199 -18.99 3.34 -22.46
C LEU A 199 -17.88 3.13 -23.49
N ILE A 200 -16.65 3.38 -23.06
CA ILE A 200 -15.49 3.21 -23.92
C ILE A 200 -14.84 1.86 -23.68
N VAL A 201 -14.44 1.21 -24.76
CA VAL A 201 -13.72 -0.05 -24.69
C VAL A 201 -12.52 -0.05 -25.62
N GLY A 202 -11.37 -0.44 -25.08
CA GLY A 202 -10.18 -0.63 -25.90
C GLY A 202 -9.48 -1.93 -25.56
N GLY A 203 -8.38 -2.19 -26.26
CA GLY A 203 -7.58 -3.37 -26.05
C GLY A 203 -8.00 -4.53 -26.95
N GLY A 204 -7.01 -5.20 -27.52
CA GLY A 204 -7.22 -6.38 -28.33
C GLY A 204 -8.16 -6.28 -29.52
N ILE A 205 -8.59 -5.07 -29.87
CA ILE A 205 -9.49 -4.89 -31.00
C ILE A 205 -8.69 -4.67 -32.28
N ARG A 206 -8.58 -5.74 -33.08
CA ARG A 206 -7.79 -5.74 -34.30
C ARG A 206 -8.65 -5.85 -35.55
N SER A 207 -9.52 -6.85 -35.57
CA SER A 207 -10.35 -7.16 -36.72
C SER A 207 -11.70 -6.46 -36.66
N GLY A 208 -12.38 -6.43 -37.80
CA GLY A 208 -13.73 -5.88 -37.86
C GLY A 208 -14.69 -6.60 -36.94
N GLU A 209 -14.50 -7.91 -36.77
CA GLU A 209 -15.36 -8.68 -35.88
C GLU A 209 -15.16 -8.29 -34.43
N ASP A 210 -13.91 -8.10 -34.02
CA ASP A 210 -13.64 -7.66 -32.66
C ASP A 210 -14.44 -6.40 -32.39
N ALA A 211 -14.46 -5.48 -33.35
CA ALA A 211 -15.14 -4.21 -33.18
C ALA A 211 -16.65 -4.37 -33.28
N ALA A 212 -17.11 -5.27 -34.13
CA ALA A 212 -18.54 -5.55 -34.26
C ALA A 212 -19.08 -6.14 -32.97
N ARG A 213 -18.35 -7.09 -32.41
CA ARG A 213 -18.75 -7.76 -31.19
C ARG A 213 -18.73 -6.77 -30.02
N VAL A 214 -17.65 -6.02 -29.90
CA VAL A 214 -17.51 -5.02 -28.83
C VAL A 214 -18.57 -3.93 -28.97
N ALA A 215 -18.77 -3.45 -30.20
CA ALA A 215 -19.76 -2.43 -30.46
C ALA A 215 -21.17 -2.97 -30.17
N GLY A 216 -21.43 -4.18 -30.66
CA GLY A 216 -22.72 -4.83 -30.47
C GLY A 216 -23.06 -5.08 -29.01
N ALA A 217 -22.04 -5.23 -28.17
CA ALA A 217 -22.24 -5.57 -26.77
C ALA A 217 -22.75 -4.40 -25.94
N GLY A 218 -22.56 -3.18 -26.43
CA GLY A 218 -23.05 -2.00 -25.73
C GLY A 218 -22.11 -0.81 -25.80
N ALA A 219 -20.87 -1.05 -26.24
CA ALA A 219 -19.86 -0.01 -26.30
C ALA A 219 -20.28 1.15 -27.20
N ASP A 220 -20.21 2.36 -26.66
CA ASP A 220 -20.50 3.56 -27.41
C ASP A 220 -19.26 3.99 -28.19
N VAL A 221 -18.10 3.63 -27.65
CA VAL A 221 -16.82 4.06 -28.20
C VAL A 221 -15.85 2.90 -28.32
N VAL A 222 -14.99 2.94 -29.33
CA VAL A 222 -14.00 1.91 -29.59
C VAL A 222 -12.62 2.49 -29.83
N VAL A 223 -11.67 2.11 -28.98
CA VAL A 223 -10.30 2.58 -29.07
C VAL A 223 -9.40 1.51 -29.66
N THR A 224 -8.54 1.90 -30.59
CA THR A 224 -7.57 0.98 -31.18
C THR A 224 -6.27 1.71 -31.45
N GLY A 225 -5.16 1.08 -31.08
CA GLY A 225 -3.85 1.64 -31.30
C GLY A 225 -2.92 0.69 -32.05
N THR A 226 -2.51 -0.38 -31.39
CA THR A 226 -1.62 -1.37 -32.00
C THR A 226 -2.23 -1.97 -33.26
N VAL A 227 -1.83 -1.41 -34.40
CA VAL A 227 -2.15 -1.86 -35.76
C VAL A 227 -1.88 -0.69 -36.70
N GLU A 235 -2.53 0.67 -42.76
CA GLU A 235 -3.02 1.67 -41.83
C GLU A 235 -4.54 1.83 -41.92
N ASP A 236 -5.09 1.52 -43.10
CA ASP A 236 -6.54 1.57 -43.28
C ASP A 236 -7.19 0.27 -42.82
N LYS A 237 -6.64 -0.32 -41.77
CA LYS A 237 -7.30 -1.40 -41.04
C LYS A 237 -8.55 -0.80 -40.42
N ILE A 238 -8.46 0.49 -40.14
CA ILE A 238 -9.53 1.27 -39.54
C ILE A 238 -10.83 1.17 -40.33
N ARG A 239 -10.74 1.08 -41.65
CA ARG A 239 -11.94 1.02 -42.47
C ARG A 239 -12.69 -0.27 -42.20
N GLU A 240 -11.97 -1.35 -41.96
CA GLU A 240 -12.58 -2.61 -41.54
C GLU A 240 -13.25 -2.50 -40.18
N ILE A 241 -12.51 -1.97 -39.21
CA ILE A 241 -13.05 -1.79 -37.88
C ILE A 241 -14.29 -0.90 -37.87
N VAL A 242 -14.20 0.29 -38.48
CA VAL A 242 -15.34 1.21 -38.47
C VAL A 242 -16.50 0.60 -39.27
N GLU A 243 -16.18 -0.18 -40.31
CA GLU A 243 -17.19 -0.95 -41.03
C GLU A 243 -17.90 -1.94 -40.10
N GLY A 244 -17.11 -2.71 -39.36
CA GLY A 244 -17.61 -3.69 -38.41
C GLY A 244 -18.65 -3.14 -37.46
N MET A 245 -18.40 -1.92 -37.00
CA MET A 245 -19.23 -1.29 -35.98
C MET A 245 -20.60 -0.86 -36.52
N GLY A 246 -20.77 -0.91 -37.84
CA GLY A 246 -22.04 -0.59 -38.46
C GLY A 246 -22.98 -1.78 -38.49
N LYS B 5 -34.45 16.41 -6.89
CA LYS B 5 -35.13 17.26 -5.91
C LYS B 5 -34.21 17.86 -4.84
N VAL B 6 -33.34 17.08 -4.23
CA VAL B 6 -32.51 17.62 -3.16
C VAL B 6 -31.40 18.53 -3.68
N GLU B 7 -30.86 18.22 -4.86
CA GLU B 7 -29.83 19.07 -5.45
C GLU B 7 -30.45 20.40 -5.89
N ASP B 8 -31.69 20.33 -6.36
CA ASP B 8 -32.43 21.53 -6.76
C ASP B 8 -32.84 22.32 -5.53
N TYR B 9 -33.21 21.60 -4.48
CA TYR B 9 -33.49 22.22 -3.18
C TYR B 9 -32.30 23.08 -2.75
N PHE B 10 -31.10 22.55 -2.98
CA PHE B 10 -29.86 23.25 -2.63
C PHE B 10 -29.60 24.49 -3.49
N HIS B 11 -29.66 24.34 -4.81
CA HIS B 11 -29.38 25.45 -5.72
C HIS B 11 -30.35 26.61 -5.52
N ASP B 12 -31.62 26.30 -5.31
CA ASP B 12 -32.64 27.31 -5.07
C ASP B 12 -32.33 28.15 -3.85
N ILE B 13 -31.95 27.51 -2.75
CA ILE B 13 -31.63 28.23 -1.52
C ILE B 13 -30.40 29.12 -1.68
N LEU B 14 -29.35 28.60 -2.31
CA LEU B 14 -28.11 29.34 -2.42
C LEU B 14 -28.25 30.60 -3.29
N ARG B 15 -29.36 30.72 -4.00
CA ARG B 15 -29.64 31.94 -4.76
C ARG B 15 -29.76 33.15 -3.84
N GLU B 16 -30.19 32.90 -2.61
CA GLU B 16 -30.60 33.99 -1.72
C GLU B 16 -29.78 34.03 -0.43
N ARG B 17 -29.35 32.86 0.02
CA ARG B 17 -28.68 32.73 1.31
C ARG B 17 -27.86 31.44 1.30
N LYS B 18 -27.26 31.09 2.44
CA LYS B 18 -26.48 29.87 2.56
C LYS B 18 -27.23 28.72 3.24
N ILE B 19 -26.83 27.50 2.92
CA ILE B 19 -27.53 26.31 3.39
C ILE B 19 -26.94 25.88 4.73
N HIS B 20 -27.80 25.42 5.64
CA HIS B 20 -27.35 24.84 6.90
C HIS B 20 -27.88 23.43 7.03
N LEU B 21 -27.01 22.51 7.44
CA LEU B 21 -27.39 21.11 7.65
C LEU B 21 -27.05 20.68 9.08
N THR B 22 -27.95 19.92 9.68
CA THR B 22 -27.77 19.43 11.04
C THR B 22 -27.38 17.95 11.01
N LEU B 23 -26.28 17.61 11.66
CA LEU B 23 -25.80 16.22 11.64
C LEU B 23 -26.26 15.47 12.90
N ILE B 24 -27.12 14.48 12.67
CA ILE B 24 -27.61 13.62 13.75
C ILE B 24 -27.02 12.22 13.62
N ASP B 25 -26.54 11.69 14.75
CA ASP B 25 -25.96 10.35 14.81
C ASP B 25 -26.95 9.34 15.41
N PRO B 26 -27.26 8.27 14.66
CA PRO B 26 -28.21 7.27 15.20
C PRO B 26 -27.71 6.53 16.45
N GLU B 27 -26.40 6.36 16.60
CA GLU B 27 -25.85 5.59 17.71
C GLU B 27 -26.04 6.27 19.05
N GLU B 28 -26.08 7.59 19.05
CA GLU B 28 -25.91 8.38 20.26
C GLU B 28 -27.21 8.75 20.99
N GLN B 29 -28.35 8.48 20.37
CA GLN B 29 -29.62 8.70 21.05
C GLN B 29 -30.73 7.87 20.41
N THR B 30 -31.82 7.68 21.13
CA THR B 30 -32.92 6.84 20.66
C THR B 30 -33.71 7.58 19.58
N PRO B 31 -34.40 6.84 18.70
CA PRO B 31 -35.20 7.46 17.62
C PRO B 31 -36.21 8.50 18.10
N GLU B 32 -36.85 8.28 19.24
CA GLU B 32 -37.77 9.28 19.80
C GLU B 32 -37.00 10.55 20.10
N GLU B 33 -35.87 10.39 20.79
CA GLU B 33 -35.00 11.51 21.12
C GLU B 33 -34.41 12.10 19.85
N ALA B 34 -34.27 11.27 18.82
CA ALA B 34 -33.71 11.71 17.54
C ALA B 34 -34.70 12.57 16.76
N VAL B 35 -35.97 12.15 16.71
CA VAL B 35 -37.00 12.97 16.08
C VAL B 35 -37.09 14.34 16.75
N GLU B 36 -36.93 14.35 18.06
CA GLU B 36 -36.93 15.58 18.86
C GLU B 36 -35.86 16.59 18.44
N ILE B 37 -34.64 16.12 18.22
CA ILE B 37 -33.52 17.00 17.87
C ILE B 37 -33.80 17.78 16.59
N ALA B 38 -34.40 17.14 15.60
CA ALA B 38 -34.76 17.80 14.34
C ALA B 38 -35.66 19.01 14.58
N GLY B 45 -33.66 27.03 12.65
CA GLY B 45 -33.80 27.40 11.25
C GLY B 45 -32.93 26.57 10.32
N THR B 46 -32.74 25.28 10.65
CA THR B 46 -31.99 24.36 9.79
C THR B 46 -32.74 24.03 8.51
N ASP B 47 -31.98 23.70 7.45
CA ASP B 47 -32.54 23.41 6.14
C ASP B 47 -32.51 21.93 5.76
N GLY B 48 -31.99 21.10 6.66
CA GLY B 48 -31.89 19.68 6.37
C GLY B 48 -31.22 18.88 7.48
N ILE B 49 -31.43 17.56 7.44
CA ILE B 49 -30.89 16.66 8.45
C ILE B 49 -29.95 15.64 7.82
N MET B 50 -28.67 15.71 8.18
CA MET B 50 -27.70 14.70 7.77
C MET B 50 -27.73 13.55 8.75
N LEU B 51 -27.60 12.33 8.24
CA LEU B 51 -27.74 11.13 9.06
C LEU B 51 -26.53 10.22 8.90
N GLY B 52 -25.61 10.30 9.86
CA GLY B 52 -24.43 9.45 9.85
C GLY B 52 -23.26 10.04 10.59
N GLY B 53 -22.07 9.62 10.19
CA GLY B 53 -20.81 10.15 10.69
C GLY B 53 -19.94 9.01 11.15
N SER B 54 -20.53 7.81 11.16
CA SER B 54 -19.90 6.64 11.76
C SER B 54 -20.12 5.36 10.98
N THR B 55 -19.30 4.36 11.29
CA THR B 55 -19.54 2.98 10.90
C THR B 55 -20.23 2.32 12.09
N THR B 56 -21.54 2.14 11.99
CA THR B 56 -22.34 1.68 13.13
C THR B 56 -23.47 0.76 12.68
N ASP B 57 -24.03 0.03 13.65
CA ASP B 57 -25.15 -0.89 13.43
C ASP B 57 -26.12 -0.34 12.39
N SER B 58 -26.38 -1.15 11.36
CA SER B 58 -27.17 -0.72 10.21
C SER B 58 -28.69 -0.78 10.39
N SER B 59 -29.15 -1.08 11.59
CA SER B 59 -30.59 -1.16 11.88
C SER B 59 -30.97 0.05 12.72
N GLU B 60 -30.01 0.51 13.52
CA GLU B 60 -30.12 1.78 14.19
C GLU B 60 -30.37 2.87 13.14
N LEU B 61 -29.78 2.69 11.97
CA LEU B 61 -29.97 3.59 10.85
C LEU B 61 -31.41 3.54 10.36
N ASP B 62 -31.87 2.35 9.97
CA ASP B 62 -33.24 2.17 9.45
C ASP B 62 -34.35 2.78 10.28
N ASN B 63 -34.38 2.47 11.59
CA ASN B 63 -35.46 2.93 12.46
C ASN B 63 -35.42 4.44 12.66
N THR B 64 -34.22 4.98 12.80
CA THR B 64 -34.04 6.42 12.96
C THR B 64 -34.49 7.14 11.69
N ALA B 65 -34.19 6.56 10.54
CA ALA B 65 -34.59 7.14 9.25
C ALA B 65 -36.10 7.15 9.11
N ARG B 66 -36.73 6.02 9.44
CA ARG B 66 -38.18 5.90 9.40
C ARG B 66 -38.79 6.94 10.33
N ALA B 67 -38.30 6.98 11.56
CA ALA B 67 -38.77 7.93 12.55
C ALA B 67 -38.67 9.36 12.02
N LEU B 68 -37.54 9.68 11.39
CA LEU B 68 -37.36 10.99 10.79
C LEU B 68 -38.28 11.21 9.59
N ARG B 69 -38.31 10.25 8.66
CA ARG B 69 -39.03 10.44 7.40
C ARG B 69 -40.52 10.77 7.54
N GLU B 70 -41.13 10.32 8.62
CA GLU B 70 -42.56 10.57 8.81
C GLU B 70 -42.88 11.95 9.36
N ASN B 71 -42.03 12.46 10.26
CA ASN B 71 -42.39 13.62 11.06
C ASN B 71 -41.83 14.98 10.63
N ILE B 72 -40.95 15.01 9.64
CA ILE B 72 -40.38 16.27 9.15
C ILE B 72 -40.51 16.47 7.65
N ASP B 73 -40.35 17.71 7.22
CA ASP B 73 -40.56 18.10 5.83
C ASP B 73 -39.28 18.57 5.15
N VAL B 74 -38.16 18.46 5.86
CA VAL B 74 -36.85 18.74 5.26
C VAL B 74 -36.23 17.40 4.84
N PRO B 75 -35.27 17.44 3.90
CA PRO B 75 -34.67 16.18 3.43
C PRO B 75 -33.86 15.47 4.50
N ILE B 76 -33.93 14.14 4.55
CA ILE B 76 -33.00 13.35 5.35
C ILE B 76 -31.94 12.85 4.39
N ILE B 77 -30.70 13.30 4.58
CA ILE B 77 -29.62 12.95 3.66
C ILE B 77 -28.59 12.07 4.36
N LEU B 78 -28.36 10.89 3.79
CA LEU B 78 -27.39 9.94 4.36
C LEU B 78 -25.97 10.46 4.25
N PHE B 79 -25.24 10.34 5.35
CA PHE B 79 -23.85 10.78 5.44
C PHE B 79 -22.98 9.58 5.85
N PRO B 80 -22.77 8.64 4.91
CA PRO B 80 -22.23 7.32 5.26
C PRO B 80 -20.76 7.34 5.67
N GLY B 81 -20.45 6.58 6.71
CA GLY B 81 -19.07 6.38 7.13
C GLY B 81 -18.56 5.05 6.61
N ASN B 82 -19.48 4.23 6.12
CA ASN B 82 -19.14 2.94 5.53
C ASN B 82 -20.34 2.40 4.75
N THR B 83 -20.24 1.18 4.24
CA THR B 83 -21.34 0.56 3.51
C THR B 83 -22.53 0.25 4.42
N THR B 84 -22.34 0.41 5.73
CA THR B 84 -23.44 0.23 6.68
C THR B 84 -24.35 1.46 6.71
N GLY B 85 -24.04 2.46 5.89
CA GLY B 85 -24.72 3.75 5.95
C GLY B 85 -25.80 3.98 4.91
N VAL B 86 -26.13 2.95 4.13
CA VAL B 86 -27.19 3.09 3.13
C VAL B 86 -28.49 2.56 3.71
N SER B 87 -29.53 3.38 3.60
CA SER B 87 -30.87 3.02 4.07
C SER B 87 -31.94 3.59 3.13
N ARG B 88 -32.91 2.76 2.80
CA ARG B 88 -33.94 3.10 1.82
C ARG B 88 -34.91 4.20 2.26
N TYR B 89 -34.91 4.53 3.54
CA TYR B 89 -35.84 5.52 4.09
C TYR B 89 -35.36 6.97 4.03
N ALA B 90 -34.20 7.19 3.41
CA ALA B 90 -33.63 8.54 3.29
C ALA B 90 -33.99 9.19 1.96
N ASP B 91 -33.81 10.50 1.87
CA ASP B 91 -34.16 11.25 0.67
C ASP B 91 -33.02 11.35 -0.33
N ALA B 92 -31.79 11.42 0.17
CA ALA B 92 -30.62 11.48 -0.70
C ALA B 92 -29.39 10.91 0.00
N ILE B 93 -28.37 10.57 -0.78
CA ILE B 93 -27.10 10.12 -0.22
C ILE B 93 -25.94 10.93 -0.78
N PHE B 94 -25.08 11.41 0.10
CA PHE B 94 -23.78 11.89 -0.33
C PHE B 94 -22.95 10.66 -0.71
N PHE B 95 -22.91 10.34 -1.99
CA PHE B 95 -22.10 9.22 -2.45
C PHE B 95 -20.68 9.75 -2.59
N MET B 96 -19.90 9.57 -1.54
CA MET B 96 -18.64 10.30 -1.38
C MET B 96 -17.39 9.44 -1.47
N SER B 97 -16.33 10.06 -1.94
CA SER B 97 -15.00 9.45 -1.94
C SER B 97 -14.09 10.21 -0.98
N LEU B 98 -13.47 9.47 -0.06
CA LEU B 98 -12.53 10.05 0.88
C LEU B 98 -11.17 10.22 0.21
N LEU B 99 -10.99 11.38 -0.41
CA LEU B 99 -9.93 11.61 -1.38
C LEU B 99 -8.49 11.50 -0.87
N ASN B 100 -8.23 12.02 0.34
CA ASN B 100 -6.85 12.04 0.83
C ASN B 100 -6.58 10.88 1.79
N SER B 101 -7.26 9.77 1.54
CA SER B 101 -6.97 8.51 2.23
C SER B 101 -5.83 7.79 1.53
N THR B 102 -5.05 7.04 2.29
CA THR B 102 -3.99 6.23 1.72
C THR B 102 -4.49 4.83 1.42
N ASN B 103 -5.74 4.57 1.78
CA ASN B 103 -6.34 3.25 1.63
C ASN B 103 -7.39 3.29 0.51
N PRO B 104 -7.18 2.52 -0.56
CA PRO B 104 -8.14 2.52 -1.69
C PRO B 104 -9.55 2.10 -1.29
N TYR B 105 -9.70 1.44 -0.15
CA TYR B 105 -11.02 1.01 0.30
C TYR B 105 -11.92 2.21 0.55
N TRP B 106 -11.36 3.23 1.19
CA TRP B 106 -12.13 4.42 1.54
C TRP B 106 -12.28 5.37 0.36
N ILE B 107 -11.51 5.13 -0.70
CA ILE B 107 -11.55 5.99 -1.89
C ILE B 107 -12.53 5.47 -2.93
N ILE B 108 -12.53 4.17 -3.19
CA ILE B 108 -13.35 3.59 -4.25
C ILE B 108 -13.87 2.19 -3.91
N GLY B 109 -13.16 1.48 -3.03
CA GLY B 109 -13.52 0.11 -2.68
C GLY B 109 -14.88 -0.02 -2.02
N ALA B 110 -15.05 0.67 -0.90
CA ALA B 110 -16.33 0.71 -0.20
C ALA B 110 -17.45 1.19 -1.13
N GLN B 111 -17.15 2.21 -1.93
CA GLN B 111 -18.14 2.79 -2.84
C GLN B 111 -18.62 1.76 -3.86
N ALA B 112 -17.71 0.92 -4.34
CA ALA B 112 -18.05 -0.09 -5.32
C ALA B 112 -18.93 -1.15 -4.68
N LEU B 113 -18.64 -1.46 -3.42
CA LEU B 113 -19.37 -2.49 -2.69
C LEU B 113 -20.78 -1.99 -2.35
N GLY B 114 -20.93 -0.67 -2.23
CA GLY B 114 -22.19 -0.06 -1.84
C GLY B 114 -23.04 0.46 -2.99
N ALA B 115 -22.51 0.41 -4.20
CA ALA B 115 -23.16 1.05 -5.34
C ALA B 115 -24.45 0.34 -5.74
N ALA B 116 -24.41 -0.98 -5.78
CA ALA B 116 -25.56 -1.78 -6.17
C ALA B 116 -26.73 -1.55 -5.21
N THR B 117 -26.44 -1.42 -3.93
CA THR B 117 -27.47 -1.17 -2.94
C THR B 117 -28.15 0.18 -3.22
N VAL B 118 -27.33 1.18 -3.50
CA VAL B 118 -27.83 2.51 -3.83
C VAL B 118 -28.67 2.52 -5.11
N LYS B 119 -28.25 1.76 -6.12
CA LYS B 119 -29.00 1.65 -7.36
C LYS B 119 -30.29 0.85 -7.19
N LYS B 120 -30.24 -0.19 -6.36
CA LYS B 120 -31.39 -1.05 -6.16
C LYS B 120 -32.52 -0.23 -5.54
N MET B 121 -32.18 0.60 -4.57
CA MET B 121 -33.11 1.58 -4.05
C MET B 121 -33.19 2.71 -5.08
N GLY B 122 -34.12 3.64 -4.88
CA GLY B 122 -34.31 4.73 -5.84
C GLY B 122 -33.44 5.92 -5.48
N ILE B 123 -32.71 5.79 -4.38
CA ILE B 123 -32.11 6.92 -3.68
C ILE B 123 -31.24 7.83 -4.57
N GLU B 124 -31.49 9.13 -4.47
CA GLU B 124 -30.72 10.15 -5.15
C GLU B 124 -29.30 10.25 -4.61
N ALA B 125 -28.31 10.14 -5.50
CA ALA B 125 -26.90 10.17 -5.12
C ALA B 125 -26.20 11.46 -5.56
N LEU B 126 -25.78 12.26 -4.59
CA LEU B 126 -25.01 13.49 -4.86
C LEU B 126 -23.50 13.22 -4.87
N PRO B 127 -22.84 13.44 -6.02
CA PRO B 127 -21.39 13.16 -6.10
C PRO B 127 -20.60 14.15 -5.26
N MET B 128 -19.78 13.65 -4.34
CA MET B 128 -19.09 14.50 -3.37
C MET B 128 -17.66 14.06 -3.10
N GLY B 129 -16.73 15.00 -3.20
CA GLY B 129 -15.37 14.78 -2.74
C GLY B 129 -15.30 15.07 -1.25
N TYR B 130 -14.70 14.15 -0.50
CA TYR B 130 -14.65 14.25 0.95
C TYR B 130 -13.19 14.30 1.41
N LEU B 131 -12.81 15.42 2.02
CA LEU B 131 -11.42 15.69 2.36
C LEU B 131 -11.24 16.05 3.82
N VAL B 132 -10.43 15.25 4.51
CA VAL B 132 -10.15 15.50 5.92
C VAL B 132 -9.01 16.50 6.03
N VAL B 133 -9.26 17.56 6.79
CA VAL B 133 -8.27 18.60 7.02
C VAL B 133 -7.72 18.45 8.43
N GLU B 134 -6.48 18.88 8.64
CA GLU B 134 -5.82 18.78 9.93
C GLU B 134 -6.67 19.49 10.99
N PRO B 135 -6.90 18.84 12.16
CA PRO B 135 -6.29 17.61 12.65
C PRO B 135 -7.00 16.33 12.19
N GLY B 136 -8.29 16.44 11.88
CA GLY B 136 -9.00 15.37 11.21
C GLY B 136 -9.96 14.49 12.02
N GLY B 137 -9.80 14.46 13.34
CA GLY B 137 -10.71 13.69 14.18
C GLY B 137 -10.74 12.19 13.90
N THR B 138 -11.86 11.55 14.21
CA THR B 138 -12.00 10.11 14.12
C THR B 138 -12.09 9.56 12.70
N VAL B 139 -12.75 10.29 11.80
CA VAL B 139 -12.89 9.80 10.42
C VAL B 139 -11.54 9.81 9.73
N GLY B 140 -10.73 10.82 10.05
CA GLY B 140 -9.37 10.91 9.54
C GLY B 140 -8.54 9.71 9.94
N TRP B 141 -8.75 9.25 11.17
CA TRP B 141 -7.98 8.15 11.72
C TRP B 141 -8.48 6.82 11.15
N VAL B 142 -9.79 6.62 11.21
CA VAL B 142 -10.41 5.41 10.68
C VAL B 142 -10.25 5.34 9.17
N GLY B 143 -10.28 6.49 8.52
CA GLY B 143 -10.21 6.54 7.07
C GLY B 143 -8.79 6.45 6.54
N ASP B 144 -7.82 6.29 7.45
CA ASP B 144 -6.42 6.15 7.07
C ASP B 144 -5.97 7.34 6.24
N THR B 145 -6.25 8.54 6.74
CA THR B 145 -5.99 9.76 5.98
C THR B 145 -4.65 10.35 6.34
N LYS B 146 -4.15 11.20 5.44
CA LYS B 146 -3.07 12.12 5.74
C LYS B 146 -3.72 13.49 5.75
N PRO B 147 -4.16 13.96 6.94
CA PRO B 147 -4.92 15.21 6.99
C PRO B 147 -4.18 16.37 6.31
N VAL B 148 -4.92 17.13 5.51
CA VAL B 148 -4.35 18.29 4.84
C VAL B 148 -3.93 19.28 5.90
N PRO B 149 -2.63 19.63 5.94
CA PRO B 149 -2.25 20.57 6.99
C PRO B 149 -2.95 21.91 6.85
N ARG B 150 -3.24 22.54 7.97
CA ARG B 150 -4.02 23.78 7.99
C ARG B 150 -3.25 24.90 7.30
N ASN B 151 -1.96 24.66 7.09
CA ASN B 151 -1.07 25.63 6.47
C ASN B 151 -0.75 25.29 5.02
N LYS B 152 -1.61 24.50 4.39
CA LYS B 152 -1.40 24.11 2.99
C LYS B 152 -2.70 24.17 2.19
N PRO B 153 -3.27 25.36 2.02
CA PRO B 153 -4.52 25.43 1.24
C PRO B 153 -4.30 24.99 -0.21
N ASP B 154 -3.09 25.11 -0.73
CA ASP B 154 -2.80 24.64 -2.09
C ASP B 154 -3.08 23.15 -2.27
N ILE B 155 -2.85 22.36 -1.24
CA ILE B 155 -3.09 20.92 -1.31
C ILE B 155 -4.60 20.69 -1.39
N ALA B 156 -5.34 21.36 -0.52
CA ALA B 156 -6.81 21.28 -0.53
C ALA B 156 -7.37 21.68 -1.89
N ALA B 157 -6.89 22.81 -2.43
CA ALA B 157 -7.38 23.31 -3.72
C ALA B 157 -7.05 22.37 -4.87
N ALA B 158 -5.86 21.78 -4.84
CA ALA B 158 -5.43 20.85 -5.87
C ALA B 158 -6.40 19.68 -5.93
N TYR B 159 -6.85 19.26 -4.75
CA TYR B 159 -7.77 18.14 -4.61
C TYR B 159 -9.20 18.55 -4.97
N ALA B 160 -9.57 19.79 -4.68
CA ALA B 160 -10.86 20.32 -5.08
C ALA B 160 -10.98 20.35 -6.60
N MET B 161 -9.90 20.77 -7.25
CA MET B 161 -9.86 20.85 -8.70
C MET B 161 -9.91 19.49 -9.36
N ALA B 162 -9.19 18.52 -8.80
CA ALA B 162 -9.17 17.17 -9.33
C ALA B 162 -10.52 16.50 -9.15
N ALA B 163 -11.11 16.70 -7.98
CA ALA B 163 -12.44 16.19 -7.69
C ALA B 163 -13.46 16.67 -8.72
N GLU B 164 -13.45 17.98 -8.98
CA GLU B 164 -14.35 18.59 -9.94
C GLU B 164 -14.16 18.02 -11.35
N PHE B 165 -12.91 17.90 -11.77
CA PHE B 165 -12.60 17.36 -13.09
C PHE B 165 -13.10 15.93 -13.21
N LEU B 166 -13.22 15.24 -12.07
CA LEU B 166 -13.70 13.86 -12.07
C LEU B 166 -15.22 13.80 -12.02
N GLY B 167 -15.87 14.95 -11.88
CA GLY B 167 -17.31 15.05 -11.94
C GLY B 167 -18.00 15.28 -10.60
N MET B 168 -17.22 15.46 -9.54
CA MET B 168 -17.77 15.64 -8.21
C MET B 168 -18.22 17.09 -7.99
N ARG B 169 -19.54 17.29 -7.96
CA ARG B 169 -20.11 18.64 -7.87
C ARG B 169 -20.09 19.23 -6.46
N LEU B 170 -19.93 18.38 -5.44
CA LEU B 170 -19.88 18.85 -4.05
C LEU B 170 -18.51 18.55 -3.47
N PHE B 171 -18.05 19.41 -2.58
CA PHE B 171 -16.77 19.23 -1.93
C PHE B 171 -16.90 19.55 -0.44
N TYR B 172 -16.37 18.64 0.38
CA TYR B 172 -16.55 18.70 1.82
C TYR B 172 -15.20 18.86 2.53
N LEU B 173 -14.99 20.03 3.14
CA LEU B 173 -13.80 20.28 3.94
C LEU B 173 -14.05 19.93 5.40
N GLU B 174 -13.45 18.82 5.83
CA GLU B 174 -13.73 18.22 7.13
C GLU B 174 -12.58 18.44 8.12
N ALA B 175 -12.88 19.09 9.24
CA ALA B 175 -11.88 19.28 10.31
C ALA B 175 -11.96 18.13 11.31
N GLY B 176 -12.94 17.26 11.14
CA GLY B 176 -13.16 16.15 12.06
C GLY B 176 -14.14 16.55 13.15
N SER B 177 -14.98 15.60 13.54
CA SER B 177 -15.97 15.83 14.60
C SER B 177 -15.32 16.33 15.89
N GLY B 178 -15.83 17.44 16.42
CA GLY B 178 -15.37 17.92 17.71
C GLY B 178 -14.00 18.56 17.61
N ALA B 179 -13.56 18.84 16.38
CA ALA B 179 -12.25 19.44 16.16
C ALA B 179 -12.10 20.72 16.98
N PRO B 180 -10.94 20.88 17.63
CA PRO B 180 -10.75 22.10 18.41
C PRO B 180 -10.86 23.37 17.57
N GLU B 181 -10.30 23.33 16.35
CA GLU B 181 -10.33 24.49 15.45
C GLU B 181 -10.79 24.30 14.01
N HIS B 182 -11.47 25.34 13.53
CA HIS B 182 -11.89 25.55 12.13
C HIS B 182 -11.19 24.77 11.02
N VAL B 183 -11.92 24.38 9.97
CA VAL B 183 -11.27 24.34 8.67
C VAL B 183 -10.86 25.80 8.51
N PRO B 184 -9.58 26.07 8.19
CA PRO B 184 -9.18 27.48 8.27
C PRO B 184 -9.90 28.44 7.33
N GLU B 185 -10.17 29.66 7.81
CA GLU B 185 -10.54 30.74 6.92
C GLU B 185 -9.29 30.81 6.06
N GLU B 186 -9.46 31.10 4.78
CA GLU B 186 -8.43 30.89 3.77
C GLU B 186 -8.90 29.53 3.31
N MET B 187 -8.01 28.64 2.88
CA MET B 187 -8.35 27.30 2.36
C MET B 187 -9.77 27.15 1.80
N ILE B 188 -10.78 27.53 2.58
CA ILE B 188 -12.15 27.60 2.08
C ILE B 188 -12.16 28.62 0.95
N ALA B 189 -11.64 29.81 1.23
CA ALA B 189 -11.52 30.87 0.23
C ALA B 189 -10.83 30.39 -1.05
N LEU B 190 -9.68 29.74 -0.89
CA LEU B 190 -8.91 29.28 -2.04
C LEU B 190 -9.67 28.20 -2.81
N VAL B 191 -10.27 27.26 -2.10
CA VAL B 191 -11.02 26.19 -2.74
C VAL B 191 -12.21 26.76 -3.52
N LYS B 192 -12.86 27.78 -2.96
CA LYS B 192 -14.01 28.38 -3.62
C LYS B 192 -13.59 29.15 -4.87
N ARG B 193 -12.39 29.73 -4.83
CA ARG B 193 -11.87 30.50 -5.94
C ARG B 193 -11.54 29.61 -7.13
N CYS B 194 -11.17 28.36 -6.84
CA CYS B 194 -10.57 27.49 -7.85
C CYS B 194 -11.53 26.51 -8.53
N THR B 195 -12.72 26.31 -7.98
CA THR B 195 -13.67 25.37 -8.57
C THR B 195 -15.10 25.90 -8.52
N ASP B 196 -15.98 25.27 -9.30
CA ASP B 196 -17.39 25.65 -9.35
C ASP B 196 -18.25 24.61 -8.63
N GLN B 197 -17.81 24.22 -7.43
CA GLN B 197 -18.50 23.21 -6.64
C GLN B 197 -19.33 23.79 -5.51
N ILE B 198 -20.34 23.04 -5.08
CA ILE B 198 -21.05 23.34 -3.85
C ILE B 198 -20.10 23.02 -2.70
N LEU B 199 -19.56 24.06 -2.07
CA LEU B 199 -18.52 23.86 -1.06
C LEU B 199 -19.10 23.68 0.34
N ILE B 200 -19.03 22.46 0.85
CA ILE B 200 -19.51 22.13 2.19
C ILE B 200 -18.37 22.15 3.19
N VAL B 201 -18.64 22.68 4.38
CA VAL B 201 -17.67 22.70 5.47
C VAL B 201 -18.31 22.22 6.77
N GLY B 202 -17.58 21.37 7.49
CA GLY B 202 -18.00 20.91 8.80
C GLY B 202 -16.88 21.08 9.80
N GLY B 203 -16.86 20.23 10.82
CA GLY B 203 -15.85 20.31 11.86
C GLY B 203 -16.35 21.05 13.08
N GLY B 204 -15.41 21.43 13.95
CA GLY B 204 -15.72 22.16 15.17
C GLY B 204 -16.39 23.52 15.05
N ILE B 205 -17.47 23.61 14.30
CA ILE B 205 -18.23 24.85 14.20
C ILE B 205 -19.25 24.83 15.33
N ARG B 206 -18.97 25.56 16.40
CA ARG B 206 -19.79 25.51 17.61
C ARG B 206 -20.54 26.81 17.86
N SER B 207 -19.82 27.93 17.84
CA SER B 207 -20.44 29.21 18.19
C SER B 207 -21.06 29.87 16.96
N GLY B 208 -21.95 30.83 17.21
CA GLY B 208 -22.53 31.63 16.14
C GLY B 208 -21.42 32.37 15.43
N GLU B 209 -20.37 32.67 16.20
CA GLU B 209 -19.21 33.39 15.70
C GLU B 209 -18.47 32.56 14.66
N ASP B 210 -18.31 31.27 14.96
CA ASP B 210 -17.71 30.32 14.03
C ASP B 210 -18.43 30.27 12.68
N ALA B 211 -19.76 30.33 12.72
CA ALA B 211 -20.57 30.17 11.51
C ALA B 211 -20.45 31.39 10.60
N ALA B 212 -20.28 32.57 11.20
CA ALA B 212 -20.06 33.78 10.42
C ALA B 212 -18.74 33.66 9.68
N ARG B 213 -17.74 33.14 10.38
CA ARG B 213 -16.40 32.96 9.81
C ARG B 213 -16.38 31.95 8.67
N VAL B 214 -16.89 30.74 8.92
CA VAL B 214 -16.88 29.69 7.91
C VAL B 214 -17.74 30.01 6.69
N ALA B 215 -18.96 30.45 6.93
CA ALA B 215 -19.87 30.77 5.83
C ALA B 215 -19.38 31.95 5.01
N GLY B 216 -18.96 33.02 5.70
CA GLY B 216 -18.46 34.21 5.05
C GLY B 216 -17.18 33.97 4.26
N ALA B 217 -16.41 32.98 4.67
CA ALA B 217 -15.11 32.72 4.06
C ALA B 217 -15.23 32.11 2.67
N GLY B 218 -16.40 31.56 2.36
CA GLY B 218 -16.64 31.00 1.04
C GLY B 218 -17.54 29.77 1.05
N ALA B 219 -17.72 29.18 2.22
CA ALA B 219 -18.53 27.96 2.35
C ALA B 219 -19.96 28.18 1.87
N ASP B 220 -20.44 27.30 1.00
CA ASP B 220 -21.83 27.34 0.54
C ASP B 220 -22.73 26.63 1.54
N VAL B 221 -22.14 25.67 2.25
CA VAL B 221 -22.87 24.85 3.21
C VAL B 221 -22.10 24.71 4.52
N VAL B 222 -22.82 24.83 5.63
CA VAL B 222 -22.23 24.62 6.96
C VAL B 222 -22.91 23.43 7.62
N VAL B 223 -22.11 22.59 8.28
CA VAL B 223 -22.64 21.40 8.95
C VAL B 223 -22.28 21.44 10.43
N THR B 224 -23.24 21.15 11.29
CA THR B 224 -23.01 21.16 12.74
C THR B 224 -23.62 19.95 13.46
N GLY B 225 -22.83 19.34 14.34
CA GLY B 225 -23.28 18.22 15.15
C GLY B 225 -23.16 18.52 16.64
N MET C 1 37.55 -18.42 4.78
CA MET C 1 37.99 -16.99 4.82
C MET C 1 38.35 -16.51 3.42
N PHE C 2 38.22 -15.21 3.18
CA PHE C 2 38.64 -14.64 1.90
C PHE C 2 39.41 -13.34 2.14
N LYS C 3 40.71 -13.38 1.88
CA LYS C 3 41.58 -12.20 1.94
C LYS C 3 40.97 -10.91 1.37
N MET C 4 40.66 -10.89 0.07
CA MET C 4 40.50 -9.62 -0.62
C MET C 4 39.03 -9.26 -0.80
N LYS C 5 38.78 -8.17 -1.52
CA LYS C 5 37.41 -7.74 -1.75
C LYS C 5 36.71 -8.73 -2.67
N VAL C 6 35.46 -9.04 -2.37
CA VAL C 6 34.71 -9.99 -3.17
C VAL C 6 34.35 -9.34 -4.51
N GLU C 7 34.13 -8.03 -4.49
CA GLU C 7 33.78 -7.31 -5.71
C GLU C 7 34.94 -7.27 -6.71
N ASP C 8 36.17 -7.13 -6.22
CA ASP C 8 37.34 -7.17 -7.09
C ASP C 8 37.57 -8.60 -7.56
N TYR C 9 37.34 -9.54 -6.66
CA TYR C 9 37.37 -10.97 -6.99
C TYR C 9 36.44 -11.27 -8.17
N PHE C 10 35.26 -10.64 -8.16
CA PHE C 10 34.29 -10.83 -9.24
C PHE C 10 34.83 -10.27 -10.55
N HIS C 11 35.33 -9.03 -10.51
CA HIS C 11 35.90 -8.41 -11.70
C HIS C 11 37.10 -9.21 -12.22
N ASP C 12 37.87 -9.78 -11.31
CA ASP C 12 39.02 -10.60 -11.68
C ASP C 12 38.64 -11.78 -12.59
N ILE C 13 37.59 -12.51 -12.20
CA ILE C 13 37.13 -13.65 -12.99
C ILE C 13 36.51 -13.17 -14.31
N LEU C 14 35.72 -12.10 -14.24
CA LEU C 14 34.96 -11.62 -15.40
C LEU C 14 35.82 -11.13 -16.55
N ARG C 15 37.11 -10.92 -16.30
CA ARG C 15 38.04 -10.58 -17.37
C ARG C 15 38.21 -11.77 -18.32
N GLU C 16 37.97 -12.98 -17.81
CA GLU C 16 38.28 -14.21 -18.54
C GLU C 16 37.04 -15.07 -18.83
N ARG C 17 36.08 -15.05 -17.92
CA ARG C 17 34.93 -15.95 -18.01
C ARG C 17 33.76 -15.45 -17.17
N LYS C 18 32.71 -16.26 -17.08
CA LYS C 18 31.54 -15.93 -16.28
C LYS C 18 31.56 -16.61 -14.90
N ILE C 19 30.90 -15.99 -13.93
CA ILE C 19 30.92 -16.41 -12.53
C ILE C 19 29.76 -17.33 -12.16
N HIS C 20 30.05 -18.31 -11.32
CA HIS C 20 29.02 -19.18 -10.75
C HIS C 20 29.01 -19.17 -9.22
N LEU C 21 27.82 -19.07 -8.64
CA LEU C 21 27.65 -19.11 -7.18
C LEU C 21 26.66 -20.19 -6.76
N THR C 22 26.98 -20.85 -5.64
CA THR C 22 26.13 -21.90 -5.09
C THR C 22 25.35 -21.37 -3.89
N LEU C 23 24.03 -21.52 -3.94
CA LEU C 23 23.15 -21.01 -2.89
C LEU C 23 22.78 -22.10 -1.89
N ILE C 24 23.20 -21.90 -0.65
CA ILE C 24 22.89 -22.83 0.45
C ILE C 24 21.88 -22.24 1.44
N ASP C 25 20.90 -23.06 1.80
CA ASP C 25 19.88 -22.71 2.80
C ASP C 25 20.23 -23.40 4.11
N PRO C 26 20.40 -22.63 5.21
CA PRO C 26 20.76 -23.26 6.49
C PRO C 26 19.69 -24.19 7.07
N GLU C 27 18.41 -23.84 6.88
CA GLU C 27 17.32 -24.62 7.47
C GLU C 27 17.35 -26.02 6.93
N GLU C 28 17.76 -26.13 5.67
CA GLU C 28 17.70 -27.36 4.92
C GLU C 28 18.92 -28.19 5.22
N GLN C 29 20.05 -27.51 5.32
CA GLN C 29 21.30 -28.17 5.54
C GLN C 29 21.56 -28.23 7.04
N THR C 30 22.60 -28.96 7.42
CA THR C 30 23.20 -28.88 8.73
C THR C 30 24.63 -28.40 8.48
N PRO C 31 25.19 -27.56 9.34
CA PRO C 31 26.52 -27.06 9.01
C PRO C 31 27.35 -28.25 8.63
N ILE C 37 28.41 -29.99 1.21
CA ILE C 37 27.86 -29.62 -0.10
C ILE C 37 28.72 -28.55 -0.74
N ALA C 38 29.17 -27.59 0.07
CA ALA C 38 30.05 -26.53 -0.41
C ALA C 38 31.28 -27.14 -1.05
N ARG C 39 31.93 -28.03 -0.31
CA ARG C 39 33.15 -28.68 -0.77
C ARG C 39 32.92 -29.42 -2.09
N ALA C 40 31.77 -30.07 -2.23
CA ALA C 40 31.43 -30.76 -3.45
C ALA C 40 31.31 -29.77 -4.61
N ALA C 41 30.63 -28.66 -4.35
CA ALA C 41 30.37 -27.66 -5.39
C ALA C 41 31.65 -26.97 -5.83
N ILE C 42 32.65 -26.94 -4.96
CA ILE C 42 33.95 -26.38 -5.30
C ILE C 42 34.74 -27.37 -6.13
N ARG C 43 34.51 -28.66 -5.89
CA ARG C 43 35.14 -29.69 -6.70
C ARG C 43 34.52 -29.69 -8.10
N GLY C 44 33.30 -29.14 -8.21
CA GLY C 44 32.65 -28.98 -9.49
C GLY C 44 33.17 -27.76 -10.23
N GLY C 45 33.52 -26.72 -9.48
CA GLY C 45 34.04 -25.48 -10.04
C GLY C 45 33.22 -24.24 -9.74
N THR C 46 32.56 -24.22 -8.59
CA THR C 46 31.87 -23.01 -8.14
C THR C 46 32.89 -21.98 -7.69
N ASP C 47 32.55 -20.70 -7.81
CA ASP C 47 33.47 -19.62 -7.47
C ASP C 47 33.09 -18.94 -6.16
N GLY C 48 32.04 -19.42 -5.51
CA GLY C 48 31.58 -18.81 -4.28
C GLY C 48 30.36 -19.47 -3.69
N ILE C 49 30.11 -19.17 -2.42
CA ILE C 49 29.00 -19.75 -1.68
C ILE C 49 28.04 -18.67 -1.24
N MET C 50 26.81 -18.70 -1.74
CA MET C 50 25.77 -17.82 -1.26
C MET C 50 25.10 -18.48 -0.07
N LEU C 51 24.83 -17.69 0.96
CA LEU C 51 24.33 -18.20 2.23
C LEU C 51 23.11 -17.42 2.73
N GLY C 52 21.96 -18.07 2.66
CA GLY C 52 20.72 -17.48 3.14
C GLY C 52 19.69 -17.60 2.04
N GLY C 53 18.71 -16.71 2.05
CA GLY C 53 17.72 -16.65 0.99
C GLY C 53 16.35 -16.74 1.63
N SER C 54 16.37 -16.93 2.94
CA SER C 54 15.18 -17.29 3.69
C SER C 54 15.10 -16.50 4.99
N THR C 55 13.91 -16.50 5.58
CA THR C 55 13.73 -16.01 6.93
C THR C 55 13.79 -17.15 7.94
N THR C 56 14.94 -17.28 8.60
CA THR C 56 15.16 -18.34 9.56
C THR C 56 16.02 -17.77 10.69
N ASP C 57 15.89 -18.34 11.88
CA ASP C 57 16.64 -17.92 13.07
C ASP C 57 18.15 -17.69 12.79
N SER C 58 18.64 -16.54 13.22
CA SER C 58 20.03 -16.14 12.94
C SER C 58 21.08 -16.82 13.83
N SER C 59 20.99 -18.14 13.97
CA SER C 59 21.98 -18.89 14.73
C SER C 59 22.35 -20.17 13.97
N GLU C 60 21.36 -20.81 13.35
CA GLU C 60 21.64 -21.84 12.37
C GLU C 60 22.48 -21.23 11.26
N LEU C 61 22.25 -19.95 10.98
CA LEU C 61 23.03 -19.21 10.02
C LEU C 61 24.46 -19.09 10.52
N ASP C 62 24.60 -18.54 11.72
CA ASP C 62 25.90 -18.40 12.38
C ASP C 62 26.72 -19.69 12.33
N ASN C 63 26.11 -20.81 12.69
CA ASN C 63 26.81 -22.08 12.73
C ASN C 63 27.24 -22.54 11.35
N THR C 64 26.34 -22.41 10.38
CA THR C 64 26.65 -22.76 9.01
C THR C 64 27.72 -21.81 8.49
N ALA C 65 27.58 -20.54 8.82
CA ALA C 65 28.53 -19.51 8.39
C ALA C 65 29.90 -19.75 9.00
N ARG C 66 29.92 -20.04 10.30
CA ARG C 66 31.17 -20.31 11.01
C ARG C 66 31.89 -21.51 10.39
N ALA C 67 31.13 -22.59 10.25
CA ALA C 67 31.64 -23.84 9.71
C ALA C 67 32.28 -23.65 8.34
N LEU C 68 31.62 -22.86 7.49
CA LEU C 68 32.12 -22.62 6.14
C LEU C 68 33.44 -21.84 6.13
N ARG C 69 33.47 -20.72 6.85
CA ARG C 69 34.62 -19.83 6.85
C ARG C 69 35.93 -20.50 7.25
N GLU C 70 35.83 -21.57 8.02
CA GLU C 70 37.02 -22.29 8.46
C GLU C 70 37.51 -23.23 7.37
N ASN C 71 36.57 -23.87 6.67
CA ASN C 71 36.88 -25.00 5.80
C ASN C 71 36.90 -24.78 4.27
N ILE C 72 36.50 -23.59 3.79
CA ILE C 72 36.56 -23.32 2.35
C ILE C 72 37.33 -22.03 2.08
N ASP C 73 37.81 -21.89 0.84
CA ASP C 73 38.69 -20.79 0.46
C ASP C 73 38.04 -19.88 -0.59
N VAL C 74 36.78 -20.16 -0.91
CA VAL C 74 36.00 -19.27 -1.77
C VAL C 74 35.15 -18.35 -0.90
N PRO C 75 34.69 -17.22 -1.47
CA PRO C 75 33.94 -16.26 -0.65
C PRO C 75 32.61 -16.77 -0.14
N ILE C 76 32.26 -16.41 1.09
CA ILE C 76 30.91 -16.59 1.61
C ILE C 76 30.17 -15.26 1.49
N ILE C 77 29.13 -15.24 0.66
CA ILE C 77 28.36 -14.02 0.46
C ILE C 77 26.95 -14.18 1.01
N LEU C 78 26.58 -13.30 1.93
CA LEU C 78 25.25 -13.32 2.52
C LEU C 78 24.18 -12.96 1.50
N PHE C 79 23.11 -13.76 1.47
CA PHE C 79 21.99 -13.58 0.56
C PHE C 79 20.72 -13.42 1.39
N PRO C 80 20.58 -12.27 2.06
CA PRO C 80 19.54 -12.17 3.10
C PRO C 80 18.12 -12.16 2.55
N GLY C 81 17.25 -12.91 3.22
CA GLY C 81 15.83 -12.90 2.93
C GLY C 81 15.15 -11.98 3.92
N ASN C 82 15.90 -11.58 4.94
CA ASN C 82 15.41 -10.67 5.96
C ASN C 82 16.60 -10.12 6.75
N THR C 83 16.31 -9.33 7.77
CA THR C 83 17.37 -8.81 8.64
C THR C 83 18.00 -9.90 9.49
N THR C 84 17.40 -11.09 9.46
CA THR C 84 17.94 -12.26 10.17
C THR C 84 19.13 -12.86 9.42
N GLY C 85 19.51 -12.25 8.31
CA GLY C 85 20.51 -12.80 7.42
C GLY C 85 21.92 -12.24 7.56
N VAL C 86 22.15 -11.44 8.59
CA VAL C 86 23.47 -10.86 8.80
C VAL C 86 24.27 -11.71 9.77
N SER C 87 25.50 -12.07 9.38
CA SER C 87 26.41 -12.83 10.22
C SER C 87 27.83 -12.33 10.01
N ARG C 88 28.55 -12.10 11.10
CA ARG C 88 29.90 -11.54 11.02
C ARG C 88 30.90 -12.52 10.41
N TYR C 89 30.52 -13.78 10.26
CA TYR C 89 31.43 -14.81 9.75
C TYR C 89 31.50 -14.85 8.22
N ALA C 90 30.78 -13.94 7.56
CA ALA C 90 30.75 -13.93 6.10
C ALA C 90 31.79 -12.97 5.54
N ASP C 91 32.10 -13.12 4.25
CA ASP C 91 33.11 -12.30 3.59
C ASP C 91 32.49 -11.07 2.95
N ALA C 92 31.26 -11.20 2.49
CA ALA C 92 30.54 -10.09 1.89
C ALA C 92 29.03 -10.32 2.01
N ILE C 93 28.25 -9.25 1.82
CA ILE C 93 26.80 -9.36 1.78
C ILE C 93 26.24 -8.72 0.53
N PHE C 94 25.36 -9.44 -0.16
CA PHE C 94 24.50 -8.81 -1.15
C PHE C 94 23.53 -7.89 -0.42
N PHE C 95 23.87 -6.62 -0.34
CA PHE C 95 23.02 -5.63 0.31
C PHE C 95 21.97 -5.17 -0.69
N MET C 96 20.81 -5.81 -0.66
CA MET C 96 19.87 -5.74 -1.75
C MET C 96 18.58 -4.99 -1.42
N SER C 97 18.01 -4.38 -2.45
CA SER C 97 16.69 -3.76 -2.39
C SER C 97 15.73 -4.56 -3.28
N LEU C 98 14.61 -5.00 -2.71
CA LEU C 98 13.62 -5.72 -3.48
C LEU C 98 12.77 -4.71 -4.25
N LEU C 99 13.24 -4.37 -5.45
CA LEU C 99 12.77 -3.19 -6.17
C LEU C 99 11.30 -3.23 -6.60
N ASN C 100 10.80 -4.40 -7.00
CA ASN C 100 9.44 -4.49 -7.50
C ASN C 100 8.45 -4.99 -6.45
N SER C 101 8.74 -4.67 -5.19
CA SER C 101 7.78 -4.89 -4.11
C SER C 101 6.81 -3.73 -3.97
N THR C 102 5.60 -4.02 -3.51
CA THR C 102 4.62 -2.99 -3.23
C THR C 102 4.71 -2.56 -1.77
N ASN C 103 5.60 -3.21 -1.03
CA ASN C 103 5.79 -2.96 0.39
C ASN C 103 7.13 -2.25 0.63
N PRO C 104 7.09 -1.02 1.18
CA PRO C 104 8.34 -0.30 1.42
C PRO C 104 9.30 -1.04 2.36
N TYR C 105 8.80 -2.00 3.13
CA TYR C 105 9.62 -2.75 4.06
C TYR C 105 10.71 -3.53 3.31
N TRP C 106 10.32 -4.18 2.22
CA TRP C 106 11.26 -5.00 1.45
C TRP C 106 12.14 -4.16 0.52
N ILE C 107 11.81 -2.88 0.36
CA ILE C 107 12.57 -2.01 -0.54
C ILE C 107 13.68 -1.27 0.20
N ILE C 108 13.37 -0.71 1.36
CA ILE C 108 14.32 0.13 2.08
C ILE C 108 14.17 -0.02 3.61
N GLY C 109 12.99 -0.47 4.04
CA GLY C 109 12.71 -0.61 5.46
C GLY C 109 13.60 -1.62 6.14
N ALA C 110 13.58 -2.86 5.66
CA ALA C 110 14.47 -3.90 6.17
C ALA C 110 15.92 -3.45 6.09
N GLN C 111 16.27 -2.83 4.97
CA GLN C 111 17.63 -2.37 4.72
C GLN C 111 18.10 -1.33 5.74
N ALA C 112 17.19 -0.47 6.16
CA ALA C 112 17.52 0.58 7.13
C ALA C 112 17.74 0.02 8.53
N LEU C 113 16.97 -0.99 8.89
CA LEU C 113 17.05 -1.58 10.23
C LEU C 113 18.32 -2.39 10.44
N GLY C 114 18.86 -2.93 9.35
CA GLY C 114 20.02 -3.81 9.43
C GLY C 114 21.36 -3.13 9.16
N ALA C 115 21.33 -1.84 8.82
CA ALA C 115 22.52 -1.14 8.35
C ALA C 115 23.55 -0.99 9.47
N ALA C 116 23.08 -0.66 10.67
CA ALA C 116 23.96 -0.51 11.83
C ALA C 116 24.69 -1.82 12.11
N THR C 117 23.97 -2.93 11.96
CA THR C 117 24.54 -4.26 12.18
C THR C 117 25.62 -4.58 11.14
N VAL C 118 25.35 -4.26 9.87
CA VAL C 118 26.31 -4.49 8.80
C VAL C 118 27.54 -3.61 9.01
N LYS C 119 27.32 -2.38 9.45
CA LYS C 119 28.41 -1.46 9.71
C LYS C 119 29.22 -1.81 10.96
N LYS C 120 28.57 -2.27 12.02
CA LYS C 120 29.30 -2.57 13.25
C LYS C 120 30.23 -3.74 12.94
N MET C 121 29.72 -4.72 12.19
CA MET C 121 30.56 -5.77 11.63
C MET C 121 31.39 -5.21 10.47
N GLY C 122 32.32 -6.01 9.96
CA GLY C 122 33.22 -5.57 8.90
C GLY C 122 32.75 -5.85 7.49
N ILE C 123 31.61 -6.50 7.35
CA ILE C 123 31.22 -7.16 6.10
C ILE C 123 31.20 -6.23 4.89
N GLU C 124 31.84 -6.65 3.81
CA GLU C 124 31.77 -5.91 2.54
C GLU C 124 30.35 -5.98 1.97
N ALA C 125 29.79 -4.82 1.64
CA ALA C 125 28.40 -4.72 1.15
C ALA C 125 28.35 -4.45 -0.34
N LEU C 126 27.85 -5.42 -1.11
CA LEU C 126 27.69 -5.26 -2.55
C LEU C 126 26.28 -4.70 -2.85
N PRO C 127 26.20 -3.49 -3.41
CA PRO C 127 24.88 -2.90 -3.70
C PRO C 127 24.16 -3.59 -4.85
N MET C 128 22.93 -4.06 -4.62
CA MET C 128 22.25 -4.89 -5.62
C MET C 128 20.77 -4.61 -5.75
N GLY C 129 20.33 -4.40 -6.99
CA GLY C 129 18.90 -4.36 -7.30
C GLY C 129 18.39 -5.78 -7.44
N TYR C 130 17.26 -6.06 -6.82
CA TYR C 130 16.69 -7.41 -6.78
C TYR C 130 15.29 -7.40 -7.39
N LEU C 131 15.12 -8.12 -8.49
CA LEU C 131 13.89 -8.06 -9.29
C LEU C 131 13.28 -9.44 -9.53
N VAL C 132 12.04 -9.62 -9.10
CA VAL C 132 11.34 -10.90 -9.27
C VAL C 132 10.63 -10.92 -10.64
N VAL C 133 10.80 -12.04 -11.36
CA VAL C 133 10.22 -12.22 -12.70
C VAL C 133 8.96 -13.11 -12.57
N GLU C 134 8.12 -13.08 -13.60
CA GLU C 134 6.71 -13.51 -13.53
C GLU C 134 6.29 -14.85 -12.89
N PRO C 135 7.22 -15.80 -12.65
CA PRO C 135 6.78 -16.79 -11.66
C PRO C 135 7.10 -16.29 -10.25
N GLY C 136 8.36 -16.33 -9.84
CA GLY C 136 8.77 -15.64 -8.63
C GLY C 136 8.97 -16.46 -7.37
N GLY C 137 8.39 -17.65 -7.31
CA GLY C 137 8.58 -18.52 -6.16
C GLY C 137 8.10 -17.91 -4.85
N THR C 138 8.70 -18.35 -3.74
CA THR C 138 8.28 -17.94 -2.41
C THR C 138 8.67 -16.49 -2.14
N VAL C 139 9.82 -16.05 -2.65
CA VAL C 139 10.30 -14.70 -2.38
C VAL C 139 9.39 -13.67 -3.01
N GLY C 140 8.86 -13.99 -4.19
CA GLY C 140 7.89 -13.14 -4.85
C GLY C 140 6.66 -12.94 -4.00
N TRP C 141 6.22 -14.00 -3.33
CA TRP C 141 5.01 -13.97 -2.54
C TRP C 141 5.25 -13.28 -1.20
N VAL C 142 6.29 -13.71 -0.49
CA VAL C 142 6.63 -13.14 0.81
C VAL C 142 7.07 -11.68 0.68
N GLY C 143 7.73 -11.38 -0.44
CA GLY C 143 8.28 -10.05 -0.65
C GLY C 143 7.22 -9.07 -1.13
N ASP C 144 5.98 -9.54 -1.24
CA ASP C 144 4.85 -8.70 -1.64
C ASP C 144 5.15 -8.07 -2.99
N THR C 145 5.57 -8.90 -3.94
CA THR C 145 6.01 -8.40 -5.23
C THR C 145 4.89 -8.43 -6.24
N LYS C 146 5.07 -7.64 -7.31
CA LYS C 146 4.26 -7.78 -8.50
C LYS C 146 5.21 -8.32 -9.57
N PRO C 147 5.29 -9.65 -9.73
CA PRO C 147 6.28 -10.25 -10.63
C PRO C 147 6.24 -9.66 -12.03
N VAL C 148 7.41 -9.36 -12.57
CA VAL C 148 7.55 -8.83 -13.92
C VAL C 148 7.13 -9.89 -14.94
N PRO C 149 6.12 -9.57 -15.79
CA PRO C 149 5.68 -10.58 -16.76
C PRO C 149 6.84 -10.99 -17.67
N ARG C 150 6.88 -12.25 -18.07
CA ARG C 150 8.03 -12.73 -18.81
C ARG C 150 8.10 -12.11 -20.21
N ASN C 151 6.98 -11.59 -20.67
CA ASN C 151 6.90 -10.96 -22.00
C ASN C 151 6.85 -9.44 -21.92
N LYS C 152 7.39 -8.87 -20.85
CA LYS C 152 7.45 -7.43 -20.69
C LYS C 152 8.86 -7.04 -20.23
N PRO C 153 9.87 -7.35 -21.05
CA PRO C 153 11.26 -7.08 -20.72
C PRO C 153 11.58 -5.59 -20.59
N ASP C 154 10.82 -4.74 -21.27
CA ASP C 154 10.99 -3.29 -21.15
C ASP C 154 10.85 -2.85 -19.70
N ILE C 155 10.00 -3.54 -18.95
CA ILE C 155 9.78 -3.24 -17.54
C ILE C 155 11.01 -3.61 -16.72
N ALA C 156 11.54 -4.81 -16.95
CA ALA C 156 12.76 -5.26 -16.28
C ALA C 156 13.92 -4.31 -16.56
N ALA C 157 14.09 -3.94 -17.83
CA ALA C 157 15.17 -3.05 -18.23
C ALA C 157 15.00 -1.68 -17.58
N ALA C 158 13.75 -1.26 -17.46
CA ALA C 158 13.43 0.02 -16.84
C ALA C 158 13.89 0.06 -15.37
N TYR C 159 13.73 -1.07 -14.67
CA TYR C 159 14.12 -1.15 -13.26
C TYR C 159 15.63 -1.34 -13.14
N ALA C 160 16.22 -2.03 -14.11
CA ALA C 160 17.66 -2.18 -14.15
C ALA C 160 18.34 -0.82 -14.30
N MET C 161 17.79 0.01 -15.18
CA MET C 161 18.36 1.33 -15.42
C MET C 161 18.22 2.23 -14.18
N ALA C 162 17.07 2.15 -13.52
CA ALA C 162 16.80 2.95 -12.33
C ALA C 162 17.71 2.54 -11.17
N ALA C 163 17.88 1.23 -11.00
CA ALA C 163 18.77 0.70 -9.98
C ALA C 163 20.17 1.28 -10.15
N GLU C 164 20.66 1.25 -11.38
CA GLU C 164 21.99 1.75 -11.70
C GLU C 164 22.16 3.24 -11.38
N PHE C 165 21.19 4.06 -11.81
CA PHE C 165 21.24 5.50 -11.56
C PHE C 165 21.21 5.81 -10.06
N LEU C 166 20.67 4.88 -9.29
CA LEU C 166 20.60 5.04 -7.84
C LEU C 166 21.87 4.53 -7.19
N GLY C 167 22.77 3.97 -8.00
CA GLY C 167 24.10 3.58 -7.55
C GLY C 167 24.32 2.09 -7.37
N MET C 168 23.33 1.29 -7.72
CA MET C 168 23.42 -0.16 -7.53
C MET C 168 24.21 -0.82 -8.66
N ARG C 169 25.44 -1.24 -8.34
CA ARG C 169 26.35 -1.78 -9.34
C ARG C 169 26.00 -3.21 -9.76
N LEU C 170 25.16 -3.88 -8.97
CA LEU C 170 24.76 -5.25 -9.26
C LEU C 170 23.26 -5.32 -9.49
N PHE C 171 22.83 -6.23 -10.37
CA PHE C 171 21.41 -6.42 -10.62
C PHE C 171 21.11 -7.91 -10.71
N TYR C 172 20.06 -8.33 -10.02
CA TYR C 172 19.71 -9.74 -9.86
C TYR C 172 18.34 -10.03 -10.45
N LEU C 173 18.29 -10.82 -11.52
CA LEU C 173 17.01 -11.24 -12.08
C LEU C 173 16.58 -12.57 -11.48
N GLU C 174 15.57 -12.51 -10.60
CA GLU C 174 15.18 -13.65 -9.78
C GLU C 174 13.86 -14.26 -10.27
N ALA C 175 13.90 -15.51 -10.71
CA ALA C 175 12.69 -16.22 -11.11
C ALA C 175 12.07 -16.97 -9.94
N GLY C 176 12.77 -16.97 -8.80
CA GLY C 176 12.31 -17.67 -7.61
C GLY C 176 12.81 -19.10 -7.57
N SER C 177 13.14 -19.57 -6.38
CA SER C 177 13.60 -20.94 -6.19
C SER C 177 12.61 -21.94 -6.78
N GLY C 178 13.12 -22.85 -7.60
CA GLY C 178 12.31 -23.93 -8.15
C GLY C 178 11.42 -23.53 -9.32
N ALA C 179 11.68 -22.36 -9.89
CA ALA C 179 10.90 -21.88 -11.04
C ALA C 179 10.92 -22.95 -12.14
N PRO C 180 9.76 -23.22 -12.76
CA PRO C 180 9.74 -24.25 -13.81
C PRO C 180 10.69 -23.92 -14.96
N GLU C 181 10.71 -22.66 -15.36
CA GLU C 181 11.65 -22.17 -16.37
C GLU C 181 12.36 -20.94 -15.84
N HIS C 182 13.65 -20.85 -16.15
CA HIS C 182 14.47 -19.70 -15.76
C HIS C 182 14.04 -18.42 -16.46
N VAL C 183 14.62 -17.31 -16.01
CA VAL C 183 14.35 -15.99 -16.57
C VAL C 183 14.51 -16.02 -18.08
N PRO C 184 13.59 -15.36 -18.81
CA PRO C 184 13.66 -15.46 -20.27
C PRO C 184 14.97 -14.93 -20.83
N GLU C 185 15.46 -15.56 -21.89
CA GLU C 185 16.68 -15.14 -22.56
C GLU C 185 16.58 -13.67 -22.98
N GLU C 186 15.42 -13.29 -23.51
CA GLU C 186 15.21 -11.95 -24.04
C GLU C 186 15.34 -10.89 -22.94
N MET C 187 14.77 -11.17 -21.77
CA MET C 187 14.80 -10.23 -20.67
C MET C 187 16.22 -9.92 -20.21
N ILE C 188 17.02 -10.97 -20.06
CA ILE C 188 18.41 -10.84 -19.66
C ILE C 188 19.20 -9.99 -20.67
N ALA C 189 19.10 -10.36 -21.94
CA ALA C 189 19.74 -9.63 -23.04
C ALA C 189 19.43 -8.14 -23.00
N LEU C 190 18.17 -7.78 -22.81
CA LEU C 190 17.78 -6.38 -22.81
C LEU C 190 18.44 -5.64 -21.65
N VAL C 191 18.44 -6.26 -20.47
CA VAL C 191 19.05 -5.65 -19.30
C VAL C 191 20.55 -5.45 -19.51
N LYS C 192 21.19 -6.43 -20.14
CA LYS C 192 22.63 -6.36 -20.37
C LYS C 192 22.94 -5.25 -21.35
N ARG C 193 22.02 -5.03 -22.28
CA ARG C 193 22.18 -3.99 -23.30
C ARG C 193 22.09 -2.58 -22.70
N CYS C 194 21.31 -2.43 -21.62
CA CYS C 194 20.95 -1.12 -21.09
C CYS C 194 21.79 -0.60 -19.92
N THR C 195 22.58 -1.47 -19.28
CA THR C 195 23.36 -1.07 -18.10
C THR C 195 24.76 -1.69 -18.03
N ASP C 196 25.59 -1.09 -17.18
CA ASP C 196 26.94 -1.59 -16.90
C ASP C 196 27.00 -2.22 -15.51
N GLN C 197 26.02 -3.06 -15.21
CA GLN C 197 25.94 -3.72 -13.91
C GLN C 197 26.41 -5.17 -14.06
N ILE C 198 26.90 -5.73 -12.96
CA ILE C 198 27.15 -7.17 -12.92
C ILE C 198 25.78 -7.83 -12.89
N LEU C 199 25.39 -8.45 -14.00
CA LEU C 199 24.05 -9.00 -14.14
C LEU C 199 23.99 -10.44 -13.64
N ILE C 200 23.34 -10.62 -12.50
CA ILE C 200 23.16 -11.93 -11.88
C ILE C 200 21.79 -12.52 -12.22
N VAL C 201 21.75 -13.82 -12.52
CA VAL C 201 20.50 -14.51 -12.78
C VAL C 201 20.40 -15.83 -12.01
N GLY C 202 19.28 -16.01 -11.32
CA GLY C 202 18.99 -17.27 -10.66
C GLY C 202 17.57 -17.75 -10.89
N GLY C 203 17.26 -18.89 -10.27
CA GLY C 203 15.94 -19.49 -10.32
C GLY C 203 15.83 -20.48 -11.47
N GLY C 204 15.24 -21.64 -11.19
CA GLY C 204 14.97 -22.65 -12.20
C GLY C 204 16.13 -23.15 -13.05
N ILE C 205 17.35 -22.76 -12.72
CA ILE C 205 18.52 -23.21 -13.50
C ILE C 205 19.05 -24.54 -12.98
N ARG C 206 18.74 -25.61 -13.71
CA ARG C 206 19.09 -26.96 -13.28
C ARG C 206 20.14 -27.59 -14.19
N SER C 207 19.91 -27.58 -15.51
CA SER C 207 20.81 -28.24 -16.45
C SER C 207 21.90 -27.30 -16.96
N GLY C 208 22.93 -27.89 -17.56
CA GLY C 208 24.00 -27.13 -18.19
C GLY C 208 23.44 -26.30 -19.33
N GLU C 209 22.42 -26.83 -19.99
CA GLU C 209 21.75 -26.13 -21.07
C GLU C 209 21.04 -24.90 -20.53
N ASP C 210 20.38 -25.05 -19.38
CA ASP C 210 19.77 -23.90 -18.71
C ASP C 210 20.84 -22.85 -18.49
N ALA C 211 22.02 -23.31 -18.10
CA ALA C 211 23.12 -22.41 -17.78
C ALA C 211 23.73 -21.80 -19.03
N ALA C 212 23.76 -22.56 -20.11
CA ALA C 212 24.27 -22.08 -21.39
C ALA C 212 23.40 -20.97 -21.98
N ARG C 213 22.09 -21.16 -21.93
CA ARG C 213 21.14 -20.21 -22.52
C ARG C 213 21.24 -18.89 -21.75
N VAL C 214 21.19 -18.99 -20.42
CA VAL C 214 21.25 -17.81 -19.54
C VAL C 214 22.61 -17.09 -19.65
N ALA C 215 23.70 -17.85 -19.63
CA ALA C 215 25.03 -17.26 -19.73
C ALA C 215 25.19 -16.60 -21.10
N GLY C 216 24.75 -17.30 -22.14
CA GLY C 216 24.82 -16.78 -23.49
C GLY C 216 23.95 -15.55 -23.66
N ALA C 217 22.91 -15.44 -22.85
CA ALA C 217 21.95 -14.35 -22.98
C ALA C 217 22.51 -13.03 -22.47
N GLY C 218 23.53 -13.10 -21.61
CA GLY C 218 24.17 -11.89 -21.10
C GLY C 218 24.58 -11.94 -19.64
N ALA C 219 24.06 -12.92 -18.91
CA ALA C 219 24.30 -13.03 -17.47
C ALA C 219 25.78 -13.15 -17.11
N ASP C 220 26.22 -12.29 -16.20
CA ASP C 220 27.60 -12.30 -15.72
C ASP C 220 27.77 -13.34 -14.62
N VAL C 221 26.68 -13.59 -13.89
CA VAL C 221 26.70 -14.50 -12.74
C VAL C 221 25.52 -15.47 -12.83
N VAL C 222 25.72 -16.68 -12.31
CA VAL C 222 24.69 -17.70 -12.35
C VAL C 222 24.55 -18.32 -10.96
N VAL C 223 23.36 -18.21 -10.37
CA VAL C 223 23.09 -18.72 -9.03
C VAL C 223 22.30 -20.02 -9.09
N THR C 224 22.70 -21.00 -8.27
CA THR C 224 21.99 -22.27 -8.18
C THR C 224 21.96 -22.86 -6.78
N GLY C 225 20.80 -23.36 -6.39
CA GLY C 225 20.61 -24.02 -5.10
C GLY C 225 20.05 -25.40 -5.29
N THR C 226 18.92 -25.49 -5.98
CA THR C 226 18.27 -26.76 -6.26
C THR C 226 18.90 -27.50 -7.42
N ASP C 236 28.66 -34.60 -10.32
CA ASP C 236 28.21 -33.31 -9.80
C ASP C 236 27.34 -32.58 -10.81
N LYS C 237 26.23 -32.03 -10.33
CA LYS C 237 25.43 -31.13 -11.15
C LYS C 237 26.17 -29.83 -11.46
N ILE C 238 26.96 -29.35 -10.51
CA ILE C 238 27.67 -28.09 -10.68
C ILE C 238 28.66 -28.08 -11.85
N ARG C 239 29.38 -29.17 -12.05
CA ARG C 239 30.36 -29.21 -13.13
C ARG C 239 29.62 -29.25 -14.46
N GLU C 240 28.44 -29.87 -14.46
CA GLU C 240 27.59 -29.87 -15.64
C GLU C 240 27.24 -28.42 -15.97
N ILE C 241 26.81 -27.71 -14.94
CA ILE C 241 26.45 -26.29 -15.03
C ILE C 241 27.61 -25.40 -15.47
N VAL C 242 28.73 -25.50 -14.76
CA VAL C 242 29.89 -24.65 -15.06
C VAL C 242 30.47 -24.97 -16.44
N GLU C 243 30.39 -26.24 -16.84
CA GLU C 243 30.75 -26.62 -18.20
C GLU C 243 29.87 -25.84 -19.17
N GLY C 244 28.56 -25.87 -18.91
CA GLY C 244 27.59 -25.16 -19.73
C GLY C 244 27.93 -23.69 -19.91
N MET C 245 28.36 -23.04 -18.84
CA MET C 245 28.62 -21.61 -18.90
C MET C 245 29.91 -21.30 -19.66
N GLY C 246 30.74 -22.32 -19.85
CA GLY C 246 31.96 -22.17 -20.63
C GLY C 246 31.72 -22.40 -22.11
N SER C 247 30.66 -23.16 -22.41
CA SER C 247 30.35 -23.56 -23.77
C SER C 247 30.11 -22.38 -24.69
N VAL C 248 29.77 -21.22 -24.11
CA VAL C 248 29.55 -20.00 -24.88
C VAL C 248 30.71 -19.04 -24.69
N PHE D 2 -29.62 -24.94 27.91
CA PHE D 2 -30.54 -25.42 26.89
C PHE D 2 -29.93 -25.48 25.50
N LYS D 3 -29.39 -24.37 25.03
CA LYS D 3 -28.59 -24.36 23.81
C LYS D 3 -27.15 -24.38 24.27
N MET D 4 -26.29 -25.13 23.59
CA MET D 4 -24.90 -25.22 24.03
C MET D 4 -24.12 -24.32 23.12
N LYS D 5 -22.85 -24.08 23.44
CA LYS D 5 -22.06 -23.18 22.63
C LYS D 5 -21.85 -23.85 21.27
N VAL D 6 -21.52 -23.08 20.25
CA VAL D 6 -21.33 -23.66 18.92
C VAL D 6 -19.97 -24.34 18.85
N GLU D 7 -18.99 -23.79 19.57
CA GLU D 7 -17.67 -24.39 19.59
C GLU D 7 -17.69 -25.71 20.34
N ASP D 8 -18.51 -25.78 21.39
CA ASP D 8 -18.66 -27.02 22.14
C ASP D 8 -19.46 -28.02 21.32
N TYR D 9 -20.48 -27.52 20.64
CA TYR D 9 -21.26 -28.32 19.70
C TYR D 9 -20.34 -28.96 18.65
N PHE D 10 -19.37 -28.20 18.19
CA PHE D 10 -18.41 -28.68 17.19
C PHE D 10 -17.51 -29.78 17.75
N HIS D 11 -16.94 -29.55 18.93
CA HIS D 11 -16.07 -30.55 19.53
C HIS D 11 -16.82 -31.84 19.82
N ASP D 12 -18.10 -31.76 20.20
CA ASP D 12 -18.88 -32.97 20.42
C ASP D 12 -18.90 -33.86 19.18
N ILE D 13 -19.14 -33.27 18.02
CA ILE D 13 -19.15 -34.02 16.77
C ILE D 13 -17.75 -34.53 16.43
N LEU D 14 -16.75 -33.67 16.62
CA LEU D 14 -15.39 -34.00 16.20
C LEU D 14 -14.82 -35.17 17.00
N ARG D 15 -15.47 -35.52 18.11
CA ARG D 15 -15.07 -36.70 18.86
C ARG D 15 -15.31 -37.98 18.08
N GLU D 16 -16.31 -37.97 17.20
CA GLU D 16 -16.77 -39.19 16.54
C GLU D 16 -16.70 -39.12 15.01
N ARG D 17 -16.93 -37.94 14.44
CA ARG D 17 -16.96 -37.84 12.99
C ARG D 17 -16.63 -36.45 12.48
N LYS D 18 -16.66 -36.30 11.15
CA LYS D 18 -16.35 -35.01 10.54
C LYS D 18 -17.38 -33.97 10.97
N ILE D 19 -17.42 -32.87 10.23
CA ILE D 19 -18.37 -31.79 10.47
C ILE D 19 -18.74 -31.16 9.13
N HIS D 20 -20.02 -30.93 8.87
CA HIS D 20 -20.40 -30.33 7.59
C HIS D 20 -21.26 -29.09 7.83
N LEU D 21 -20.96 -28.01 7.11
CA LEU D 21 -21.74 -26.78 7.19
C LEU D 21 -22.23 -26.38 5.81
N THR D 22 -23.46 -25.89 5.73
CA THR D 22 -24.05 -25.46 4.46
C THR D 22 -24.04 -23.94 4.37
N LEU D 23 -23.48 -23.42 3.27
CA LEU D 23 -23.32 -21.99 3.08
C LEU D 23 -24.47 -21.40 2.27
N ILE D 24 -25.25 -20.53 2.90
CA ILE D 24 -26.35 -19.83 2.24
C ILE D 24 -26.00 -18.37 2.04
N ASP D 25 -26.29 -17.84 0.85
CA ASP D 25 -26.09 -16.43 0.56
C ASP D 25 -27.45 -15.75 0.69
N PRO D 26 -27.58 -14.75 1.58
CA PRO D 26 -28.90 -14.10 1.73
C PRO D 26 -29.35 -13.38 0.47
N GLU D 27 -28.37 -12.90 -0.28
CA GLU D 27 -28.60 -12.11 -1.48
C GLU D 27 -29.21 -12.91 -2.63
N GLU D 28 -29.00 -14.22 -2.65
CA GLU D 28 -29.27 -15.01 -3.86
C GLU D 28 -30.69 -15.58 -3.89
N GLN D 29 -31.38 -15.58 -2.76
CA GLN D 29 -32.79 -15.97 -2.71
C GLN D 29 -33.42 -15.54 -1.39
N ALA D 34 -36.79 -19.29 1.21
CA ALA D 34 -35.82 -20.33 0.94
C ALA D 34 -35.23 -20.90 2.24
N VAL D 35 -36.11 -21.10 3.23
CA VAL D 35 -35.81 -21.98 4.35
C VAL D 35 -35.85 -23.41 3.83
N GLU D 36 -36.39 -23.56 2.62
CA GLU D 36 -36.39 -24.82 1.89
C GLU D 36 -34.98 -25.42 1.80
N ILE D 37 -34.00 -24.61 1.43
CA ILE D 37 -32.63 -25.10 1.24
C ILE D 37 -32.05 -25.66 2.54
N ALA D 38 -32.21 -24.91 3.63
CA ALA D 38 -31.72 -25.34 4.95
C ALA D 38 -32.36 -26.67 5.38
N ARG D 39 -33.69 -26.70 5.35
CA ARG D 39 -34.44 -27.88 5.76
C ARG D 39 -34.02 -29.10 4.94
N ALA D 40 -33.78 -28.88 3.65
CA ALA D 40 -33.34 -29.95 2.78
C ALA D 40 -31.96 -30.48 3.16
N ALA D 41 -31.02 -29.58 3.41
CA ALA D 41 -29.65 -29.95 3.72
C ALA D 41 -29.51 -30.65 5.07
N ILE D 42 -30.45 -30.42 5.99
CA ILE D 42 -30.43 -31.07 7.28
C ILE D 42 -30.90 -32.52 7.15
N ARG D 43 -31.79 -32.76 6.19
CA ARG D 43 -32.24 -34.12 5.91
C ARG D 43 -31.14 -34.91 5.23
N GLY D 44 -30.18 -34.19 4.64
CA GLY D 44 -29.00 -34.80 4.07
C GLY D 44 -28.01 -35.16 5.16
N GLY D 45 -27.87 -34.26 6.14
CA GLY D 45 -26.98 -34.46 7.27
C GLY D 45 -25.98 -33.34 7.49
N THR D 46 -26.39 -32.11 7.16
CA THR D 46 -25.56 -30.95 7.50
C THR D 46 -25.66 -30.73 9.01
N ASP D 47 -24.61 -30.16 9.59
CA ASP D 47 -24.56 -29.96 11.04
C ASP D 47 -24.74 -28.50 11.42
N GLY D 48 -24.93 -27.65 10.43
CA GLY D 48 -25.09 -26.23 10.67
C GLY D 48 -25.27 -25.45 9.40
N ILE D 49 -25.74 -24.21 9.54
CA ILE D 49 -26.00 -23.34 8.41
C ILE D 49 -25.13 -22.09 8.50
N MET D 50 -24.21 -21.94 7.54
CA MET D 50 -23.42 -20.72 7.46
C MET D 50 -24.19 -19.69 6.66
N LEU D 51 -24.16 -18.43 7.11
CA LEU D 51 -24.97 -17.38 6.50
C LEU D 51 -24.14 -16.15 6.19
N GLY D 52 -23.84 -15.98 4.90
CA GLY D 52 -23.11 -14.83 4.41
C GLY D 52 -22.45 -15.16 3.09
N GLY D 53 -21.39 -14.43 2.76
CA GLY D 53 -20.58 -14.71 1.60
C GLY D 53 -20.40 -13.47 0.75
N SER D 54 -21.10 -12.41 1.13
CA SER D 54 -21.17 -11.20 0.34
C SER D 54 -21.12 -9.95 1.20
N THR D 55 -20.80 -8.83 0.55
CA THR D 55 -21.00 -7.51 1.15
C THR D 55 -22.32 -7.01 0.58
N THR D 56 -23.39 -7.13 1.37
CA THR D 56 -24.73 -6.82 0.88
C THR D 56 -25.59 -6.23 2.01
N ASP D 57 -26.67 -5.56 1.62
CA ASP D 57 -27.65 -4.99 2.56
C ASP D 57 -27.96 -5.92 3.73
N SER D 58 -27.85 -5.38 4.94
CA SER D 58 -28.03 -6.15 6.17
C SER D 58 -29.49 -6.45 6.51
N SER D 59 -30.38 -6.27 5.53
CA SER D 59 -31.81 -6.50 5.73
C SER D 59 -32.24 -7.83 5.10
N GLU D 60 -31.65 -8.14 3.94
CA GLU D 60 -31.79 -9.46 3.36
C GLU D 60 -31.26 -10.51 4.33
N LEU D 61 -30.22 -10.15 5.08
CA LEU D 61 -29.63 -11.03 6.08
C LEU D 61 -30.55 -11.28 7.26
N ASP D 62 -30.95 -10.21 7.93
CA ASP D 62 -31.89 -10.26 9.05
C ASP D 62 -33.10 -11.12 8.72
N ASN D 63 -33.69 -10.90 7.55
CA ASN D 63 -34.89 -11.63 7.16
C ASN D 63 -34.61 -13.12 6.96
N THR D 64 -33.50 -13.44 6.31
CA THR D 64 -33.11 -14.82 6.12
C THR D 64 -32.75 -15.48 7.45
N ALA D 65 -32.09 -14.72 8.32
CA ALA D 65 -31.68 -15.24 9.62
C ALA D 65 -32.90 -15.54 10.48
N ARG D 66 -33.87 -14.64 10.49
CA ARG D 66 -35.10 -14.85 11.24
C ARG D 66 -35.83 -16.11 10.78
N ALA D 67 -36.09 -16.19 9.48
CA ALA D 67 -36.77 -17.34 8.88
C ALA D 67 -36.07 -18.64 9.21
N LEU D 68 -34.74 -18.64 9.14
CA LEU D 68 -33.96 -19.83 9.47
C LEU D 68 -34.14 -20.20 10.93
N ARG D 69 -33.97 -19.21 11.81
CA ARG D 69 -33.98 -19.44 13.25
C ARG D 69 -35.32 -20.05 13.67
N GLU D 70 -36.33 -19.90 12.82
CA GLU D 70 -37.66 -20.44 13.08
C GLU D 70 -37.79 -21.94 12.82
N ASN D 71 -37.20 -22.40 11.71
CA ASN D 71 -37.48 -23.74 11.19
C ASN D 71 -36.41 -24.82 11.40
N ILE D 72 -35.25 -24.46 11.95
CA ILE D 72 -34.18 -25.45 12.14
C ILE D 72 -33.66 -25.49 13.57
N ASP D 73 -33.03 -26.60 13.93
CA ASP D 73 -32.53 -26.81 15.29
C ASP D 73 -31.01 -26.96 15.32
N VAL D 74 -30.36 -26.79 14.16
CA VAL D 74 -28.91 -26.72 14.09
C VAL D 74 -28.47 -25.26 14.09
N PRO D 75 -27.21 -24.99 14.46
CA PRO D 75 -26.76 -23.59 14.61
C PRO D 75 -26.73 -22.79 13.31
N ILE D 76 -27.08 -21.51 13.42
CA ILE D 76 -26.88 -20.55 12.34
C ILE D 76 -25.62 -19.74 12.63
N ILE D 77 -24.59 -19.90 11.80
CA ILE D 77 -23.31 -19.24 12.03
C ILE D 77 -23.02 -18.21 10.93
N LEU D 78 -22.82 -16.97 11.33
CA LEU D 78 -22.52 -15.88 10.40
C LEU D 78 -21.13 -16.00 9.76
N PHE D 79 -21.10 -15.79 8.44
CA PHE D 79 -19.87 -15.86 7.65
C PHE D 79 -19.65 -14.52 6.94
N PRO D 80 -19.25 -13.49 7.70
CA PRO D 80 -19.29 -12.08 7.25
C PRO D 80 -18.26 -11.70 6.18
N GLY D 81 -18.70 -10.90 5.21
CA GLY D 81 -17.81 -10.33 4.19
C GLY D 81 -17.42 -8.90 4.49
N ASN D 82 -18.11 -8.29 5.45
CA ASN D 82 -17.82 -6.95 5.91
C ASN D 82 -18.56 -6.73 7.22
N THR D 83 -18.52 -5.52 7.77
CA THR D 83 -19.21 -5.25 9.02
C THR D 83 -20.74 -5.34 8.87
N THR D 84 -21.21 -5.40 7.63
CA THR D 84 -22.63 -5.55 7.35
C THR D 84 -23.13 -7.00 7.52
N GLY D 85 -22.26 -7.89 7.97
CA GLY D 85 -22.57 -9.31 8.01
C GLY D 85 -23.02 -9.80 9.37
N VAL D 86 -23.27 -8.85 10.27
CA VAL D 86 -23.72 -9.16 11.63
C VAL D 86 -25.23 -9.08 11.77
N SER D 87 -25.81 -10.12 12.36
CA SER D 87 -27.24 -10.15 12.66
C SER D 87 -27.46 -10.82 14.01
N ARG D 88 -28.31 -10.19 14.81
CA ARG D 88 -28.59 -10.61 16.18
C ARG D 88 -29.35 -11.93 16.27
N TYR D 89 -29.86 -12.40 15.13
CA TYR D 89 -30.65 -13.63 15.06
C TYR D 89 -29.81 -14.89 14.92
N ALA D 90 -28.49 -14.75 14.91
CA ALA D 90 -27.60 -15.90 14.74
C ALA D 90 -27.11 -16.43 16.09
N ASP D 91 -26.60 -17.66 16.08
CA ASP D 91 -26.15 -18.31 17.31
C ASP D 91 -24.67 -18.05 17.57
N ALA D 92 -23.89 -17.92 16.50
CA ALA D 92 -22.47 -17.63 16.62
C ALA D 92 -21.96 -16.91 15.37
N ILE D 93 -20.79 -16.29 15.49
CA ILE D 93 -20.14 -15.65 14.36
C ILE D 93 -18.71 -16.13 14.16
N PHE D 94 -18.37 -16.47 12.92
CA PHE D 94 -16.99 -16.63 12.54
C PHE D 94 -16.33 -15.25 12.54
N PHE D 95 -15.67 -14.92 13.64
CA PHE D 95 -14.99 -13.63 13.76
C PHE D 95 -13.60 -13.75 13.16
N MET D 96 -13.49 -13.38 11.88
CA MET D 96 -12.33 -13.77 11.09
C MET D 96 -11.42 -12.62 10.66
N SER D 97 -10.15 -12.96 10.52
CA SER D 97 -9.15 -12.08 9.94
C SER D 97 -8.69 -12.67 8.61
N LEU D 98 -8.78 -11.88 7.55
CA LEU D 98 -8.32 -12.31 6.24
C LEU D 98 -6.80 -12.15 6.18
N LEU D 99 -6.11 -13.21 6.58
CA LEU D 99 -4.69 -13.13 6.93
C LEU D 99 -3.76 -12.74 5.77
N ASN D 100 -4.03 -13.23 4.56
CA ASN D 100 -3.14 -12.96 3.45
C ASN D 100 -3.65 -11.82 2.57
N SER D 101 -4.34 -10.88 3.20
CA SER D 101 -4.71 -9.63 2.55
C SER D 101 -3.56 -8.63 2.68
N THR D 102 -3.44 -7.74 1.71
CA THR D 102 -2.43 -6.69 1.76
C THR D 102 -3.00 -5.42 2.38
N ASN D 103 -4.30 -5.47 2.69
CA ASN D 103 -5.03 -4.32 3.20
C ASN D 103 -5.37 -4.52 4.68
N PRO D 104 -4.87 -3.62 5.56
CA PRO D 104 -5.14 -3.80 7.00
C PRO D 104 -6.63 -3.80 7.35
N TYR D 105 -7.47 -3.28 6.47
CA TYR D 105 -8.90 -3.23 6.73
C TYR D 105 -9.48 -4.64 6.87
N TRP D 106 -9.06 -5.56 6.01
CA TRP D 106 -9.58 -6.92 6.04
C TRP D 106 -8.88 -7.78 7.10
N ILE D 107 -7.78 -7.28 7.66
CA ILE D 107 -7.03 -8.03 8.66
C ILE D 107 -7.51 -7.71 10.08
N ILE D 108 -7.70 -6.43 10.38
CA ILE D 108 -8.03 -5.98 11.73
C ILE D 108 -8.94 -4.74 11.75
N GLY D 109 -8.91 -3.96 10.67
CA GLY D 109 -9.67 -2.73 10.59
C GLY D 109 -11.17 -2.93 10.66
N ALA D 110 -11.70 -3.70 9.71
CA ALA D 110 -13.13 -4.05 9.69
C ALA D 110 -13.54 -4.70 11.01
N GLN D 111 -12.67 -5.59 11.50
CA GLN D 111 -12.91 -6.29 12.75
C GLN D 111 -13.02 -5.31 13.91
N ALA D 112 -12.22 -4.26 13.87
CA ALA D 112 -12.22 -3.26 14.93
C ALA D 112 -13.51 -2.45 14.90
N LEU D 113 -14.01 -2.16 13.71
CA LEU D 113 -15.21 -1.36 13.53
C LEU D 113 -16.48 -2.10 13.90
N GLY D 114 -16.45 -3.41 13.78
CA GLY D 114 -17.62 -4.24 14.02
C GLY D 114 -17.68 -4.87 15.39
N ALA D 115 -16.64 -4.64 16.20
CA ALA D 115 -16.47 -5.36 17.46
C ALA D 115 -17.55 -5.03 18.50
N ALA D 116 -17.84 -3.75 18.70
CA ALA D 116 -18.85 -3.34 19.67
C ALA D 116 -20.24 -3.89 19.34
N THR D 117 -20.55 -3.94 18.04
CA THR D 117 -21.84 -4.46 17.60
C THR D 117 -21.94 -5.93 18.00
N VAL D 118 -20.86 -6.66 17.80
CA VAL D 118 -20.82 -8.07 18.18
C VAL D 118 -20.96 -8.22 19.69
N LYS D 119 -20.29 -7.34 20.45
CA LYS D 119 -20.37 -7.39 21.90
C LYS D 119 -21.74 -6.98 22.45
N LYS D 120 -22.38 -6.02 21.81
CA LYS D 120 -23.67 -5.51 22.27
C LYS D 120 -24.70 -6.63 22.21
N MET D 121 -24.65 -7.40 21.12
CA MET D 121 -25.41 -8.63 21.01
C MET D 121 -24.74 -9.72 21.84
N GLY D 122 -25.39 -10.88 21.95
CA GLY D 122 -24.85 -11.96 22.75
C GLY D 122 -23.97 -12.92 21.96
N ILE D 123 -23.84 -12.68 20.66
CA ILE D 123 -23.30 -13.69 19.74
C ILE D 123 -21.93 -14.23 20.11
N GLU D 124 -21.87 -15.55 20.10
CA GLU D 124 -20.64 -16.30 20.31
C GLU D 124 -19.70 -16.06 19.15
N ALA D 125 -18.48 -15.65 19.48
CA ALA D 125 -17.48 -15.35 18.46
C ALA D 125 -16.41 -16.43 18.42
N LEU D 126 -16.38 -17.19 17.34
CA LEU D 126 -15.35 -18.20 17.15
C LEU D 126 -14.15 -17.56 16.46
N PRO D 127 -12.99 -17.51 17.14
CA PRO D 127 -11.84 -16.88 16.48
C PRO D 127 -11.30 -17.74 15.35
N MET D 128 -11.19 -17.17 14.16
CA MET D 128 -10.85 -17.92 12.95
C MET D 128 -9.86 -17.19 12.07
N GLY D 129 -8.77 -17.87 11.72
CA GLY D 129 -7.86 -17.39 10.69
C GLY D 129 -8.43 -17.75 9.33
N TYR D 130 -8.44 -16.76 8.43
CA TYR D 130 -9.07 -16.92 7.12
C TYR D 130 -8.02 -16.71 6.04
N LEU D 131 -7.77 -17.76 5.25
CA LEU D 131 -6.66 -17.77 4.29
C LEU D 131 -7.15 -18.10 2.88
N VAL D 132 -6.93 -17.19 1.93
CA VAL D 132 -7.34 -17.43 0.55
C VAL D 132 -6.27 -18.19 -0.21
N VAL D 133 -6.69 -19.30 -0.81
CA VAL D 133 -5.81 -20.15 -1.60
C VAL D 133 -6.15 -19.98 -3.08
N GLU D 134 -5.15 -20.19 -3.94
CA GLU D 134 -5.33 -20.04 -5.37
C GLU D 134 -6.47 -20.96 -5.82
N PRO D 135 -7.42 -20.44 -6.62
CA PRO D 135 -7.46 -19.17 -7.34
C PRO D 135 -8.02 -18.01 -6.53
N GLY D 136 -8.87 -18.29 -5.55
CA GLY D 136 -9.29 -17.29 -4.57
C GLY D 136 -10.68 -16.70 -4.74
N GLY D 137 -11.25 -16.81 -5.95
CA GLY D 137 -12.60 -16.33 -6.19
C GLY D 137 -12.77 -14.84 -5.94
N THR D 138 -14.00 -14.44 -5.64
CA THR D 138 -14.34 -13.04 -5.47
C THR D 138 -13.76 -12.47 -4.18
N VAL D 139 -13.73 -13.30 -3.13
CA VAL D 139 -13.24 -12.83 -1.85
C VAL D 139 -11.76 -12.53 -1.97
N GLY D 140 -11.07 -13.32 -2.78
CA GLY D 140 -9.66 -13.08 -3.07
C GLY D 140 -9.44 -11.72 -3.68
N TRP D 141 -10.33 -11.33 -4.60
CA TRP D 141 -10.20 -10.08 -5.32
C TRP D 141 -10.63 -8.89 -4.46
N VAL D 142 -11.82 -8.98 -3.87
CA VAL D 142 -12.35 -7.91 -3.04
C VAL D 142 -11.51 -7.74 -1.78
N GLY D 143 -10.97 -8.86 -1.28
CA GLY D 143 -10.23 -8.86 -0.03
C GLY D 143 -8.79 -8.40 -0.16
N ASP D 144 -8.39 -8.00 -1.36
CA ASP D 144 -7.06 -7.47 -1.62
C ASP D 144 -5.96 -8.47 -1.21
N THR D 145 -6.15 -9.72 -1.61
CA THR D 145 -5.25 -10.79 -1.18
C THR D 145 -4.17 -11.15 -2.20
N LYS D 146 -3.15 -11.82 -1.68
CA LYS D 146 -2.18 -12.55 -2.48
C LYS D 146 -2.43 -14.03 -2.25
N PRO D 147 -3.26 -14.66 -3.10
CA PRO D 147 -3.65 -16.05 -2.85
C PRO D 147 -2.45 -16.98 -2.67
N VAL D 148 -2.50 -17.82 -1.65
CA VAL D 148 -1.44 -18.78 -1.42
C VAL D 148 -1.44 -19.80 -2.57
N PRO D 149 -0.32 -19.88 -3.32
CA PRO D 149 -0.28 -20.82 -4.45
C PRO D 149 -0.46 -22.26 -4.02
N ARG D 150 -1.06 -23.09 -4.87
CA ARG D 150 -1.41 -24.46 -4.51
C ARG D 150 -0.20 -25.36 -4.28
N ASN D 151 0.96 -24.98 -4.80
CA ASN D 151 2.19 -25.77 -4.59
C ASN D 151 3.16 -25.08 -3.63
N LYS D 152 2.60 -24.26 -2.74
CA LYS D 152 3.36 -23.56 -1.71
C LYS D 152 2.65 -23.71 -0.36
N PRO D 153 2.49 -24.97 0.09
CA PRO D 153 1.80 -25.30 1.35
C PRO D 153 2.54 -24.79 2.58
N ASP D 154 3.85 -24.63 2.46
CA ASP D 154 4.68 -24.12 3.53
C ASP D 154 4.20 -22.75 3.97
N ILE D 155 3.69 -21.97 3.01
CA ILE D 155 3.16 -20.65 3.26
C ILE D 155 1.88 -20.76 4.07
N ALA D 156 0.98 -21.64 3.63
CA ALA D 156 -0.27 -21.90 4.36
C ALA D 156 0.02 -22.32 5.80
N ALA D 157 0.96 -23.25 5.96
CA ALA D 157 1.31 -23.75 7.28
C ALA D 157 1.88 -22.66 8.17
N ALA D 158 2.66 -21.77 7.58
CA ALA D 158 3.26 -20.66 8.32
C ALA D 158 2.19 -19.76 8.93
N TYR D 159 1.12 -19.51 8.18
CA TYR D 159 0.04 -18.65 8.63
C TYR D 159 -0.90 -19.35 9.60
N ALA D 160 -1.10 -20.65 9.42
CA ALA D 160 -1.89 -21.43 10.35
C ALA D 160 -1.24 -21.41 11.72
N MET D 161 0.09 -21.54 11.74
CA MET D 161 0.84 -21.51 12.99
C MET D 161 0.82 -20.13 13.63
N ALA D 162 0.97 -19.09 12.82
CA ALA D 162 0.96 -17.72 13.32
C ALA D 162 -0.43 -17.38 13.86
N ALA D 163 -1.46 -17.78 13.13
CA ALA D 163 -2.85 -17.61 13.58
C ALA D 163 -3.06 -18.28 14.94
N GLU D 164 -2.58 -19.51 15.07
CA GLU D 164 -2.72 -20.24 16.32
C GLU D 164 -2.02 -19.55 17.48
N PHE D 165 -0.78 -19.12 17.27
CA PHE D 165 -0.01 -18.45 18.32
C PHE D 165 -0.70 -17.16 18.74
N LEU D 166 -1.50 -16.59 17.84
CA LEU D 166 -2.20 -15.34 18.09
C LEU D 166 -3.54 -15.56 18.78
N GLY D 167 -3.91 -16.81 18.99
CA GLY D 167 -5.09 -17.16 19.76
C GLY D 167 -6.27 -17.65 18.93
N MET D 168 -6.09 -17.77 17.62
CA MET D 168 -7.14 -18.23 16.73
C MET D 168 -7.28 -19.76 16.71
N ARG D 169 -8.34 -20.25 17.32
CA ARG D 169 -8.56 -21.68 17.51
C ARG D 169 -9.08 -22.38 16.25
N LEU D 170 -9.60 -21.60 15.31
CA LEU D 170 -10.10 -22.17 14.05
C LEU D 170 -9.31 -21.60 12.89
N PHE D 171 -9.17 -22.40 11.84
CA PHE D 171 -8.48 -21.97 10.63
C PHE D 171 -9.23 -22.41 9.39
N TYR D 172 -9.43 -21.47 8.47
CA TYR D 172 -10.24 -21.67 7.29
C TYR D 172 -9.39 -21.56 6.02
N LEU D 173 -9.24 -22.68 5.31
CA LEU D 173 -8.54 -22.69 4.03
C LEU D 173 -9.56 -22.46 2.91
N GLU D 174 -9.52 -21.25 2.35
CA GLU D 174 -10.54 -20.80 1.40
C GLU D 174 -10.01 -20.79 -0.03
N ALA D 175 -10.60 -21.60 -0.89
CA ALA D 175 -10.25 -21.62 -2.31
C ALA D 175 -11.10 -20.66 -3.13
N GLY D 176 -12.06 -20.03 -2.48
CA GLY D 176 -12.96 -19.11 -3.16
C GLY D 176 -14.16 -19.85 -3.72
N SER D 177 -15.33 -19.22 -3.63
CA SER D 177 -16.55 -19.82 -4.15
C SER D 177 -16.45 -20.21 -5.63
N GLY D 178 -16.80 -21.47 -5.91
CA GLY D 178 -16.87 -21.96 -7.28
C GLY D 178 -15.53 -22.28 -7.93
N ALA D 179 -14.47 -22.30 -7.13
CA ALA D 179 -13.14 -22.64 -7.63
C ALA D 179 -13.15 -24.01 -8.31
N PRO D 180 -12.49 -24.14 -9.49
CA PRO D 180 -12.44 -25.43 -10.20
C PRO D 180 -11.84 -26.58 -9.40
N GLU D 181 -10.80 -26.31 -8.62
CA GLU D 181 -10.20 -27.33 -7.78
C GLU D 181 -10.29 -26.87 -6.33
N HIS D 182 -10.62 -27.78 -5.43
CA HIS D 182 -10.64 -27.47 -4.00
C HIS D 182 -9.21 -27.29 -3.51
N VAL D 183 -9.06 -26.79 -2.29
CA VAL D 183 -7.73 -26.61 -1.71
C VAL D 183 -7.00 -27.96 -1.76
N PRO D 184 -5.72 -27.96 -2.19
CA PRO D 184 -5.02 -29.24 -2.37
C PRO D 184 -4.88 -30.03 -1.07
N GLU D 185 -4.95 -31.36 -1.19
CA GLU D 185 -4.79 -32.25 -0.04
C GLU D 185 -3.47 -32.06 0.68
N GLU D 186 -2.42 -31.73 -0.06
CA GLU D 186 -1.09 -31.58 0.53
C GLU D 186 -1.12 -30.45 1.55
N MET D 187 -1.74 -29.35 1.14
CA MET D 187 -1.82 -28.17 1.99
C MET D 187 -2.63 -28.46 3.25
N ILE D 188 -3.78 -29.10 3.05
CA ILE D 188 -4.66 -29.49 4.15
C ILE D 188 -3.90 -30.41 5.10
N ALA D 189 -3.31 -31.46 4.54
CA ALA D 189 -2.50 -32.40 5.30
C ALA D 189 -1.46 -31.66 6.12
N LEU D 190 -0.72 -30.76 5.47
CA LEU D 190 0.35 -30.03 6.14
C LEU D 190 -0.15 -29.12 7.25
N VAL D 191 -1.20 -28.36 6.97
CA VAL D 191 -1.73 -27.42 7.97
C VAL D 191 -2.25 -28.16 9.18
N LYS D 192 -2.89 -29.30 8.98
CA LYS D 192 -3.43 -30.06 10.10
C LYS D 192 -2.30 -30.63 10.95
N ARG D 193 -1.18 -30.95 10.31
CA ARG D 193 -0.02 -31.50 11.01
C ARG D 193 0.62 -30.46 11.93
N CYS D 194 0.47 -29.19 11.57
CA CYS D 194 1.22 -28.11 12.20
C CYS D 194 0.47 -27.37 13.31
N THR D 195 -0.84 -27.58 13.42
CA THR D 195 -1.62 -26.90 14.45
C THR D 195 -2.68 -27.81 15.08
N ASP D 196 -3.18 -27.39 16.25
CA ASP D 196 -4.25 -28.10 16.93
C ASP D 196 -5.52 -27.26 16.81
N GLN D 197 -5.79 -26.80 15.60
CA GLN D 197 -6.94 -25.96 15.31
C GLN D 197 -8.06 -26.78 14.68
N ILE D 198 -9.29 -26.32 14.82
CA ILE D 198 -10.38 -26.87 14.04
C ILE D 198 -10.18 -26.37 12.61
N LEU D 199 -9.77 -27.28 11.74
CA LEU D 199 -9.40 -26.93 10.36
C LEU D 199 -10.61 -27.00 9.43
N ILE D 200 -11.09 -25.83 9.00
CA ILE D 200 -12.19 -25.74 8.05
C ILE D 200 -11.66 -25.53 6.63
N VAL D 201 -12.27 -26.21 5.66
CA VAL D 201 -11.89 -26.04 4.27
C VAL D 201 -13.13 -25.87 3.40
N GLY D 202 -13.11 -24.84 2.54
CA GLY D 202 -14.18 -24.65 1.58
C GLY D 202 -13.73 -24.35 0.16
N GLY D 203 -14.72 -24.16 -0.70
CA GLY D 203 -14.50 -23.81 -2.10
C GLY D 203 -14.42 -25.04 -3.00
N GLY D 204 -15.09 -24.96 -4.15
CA GLY D 204 -15.04 -26.00 -5.16
C GLY D 204 -15.40 -27.43 -4.77
N ILE D 205 -15.91 -27.65 -3.55
CA ILE D 205 -16.27 -29.01 -3.13
C ILE D 205 -17.71 -29.31 -3.51
N ARG D 206 -17.87 -30.06 -4.59
CA ARG D 206 -19.18 -30.36 -5.17
C ARG D 206 -19.55 -31.83 -5.02
N SER D 207 -18.64 -32.70 -5.41
CA SER D 207 -18.90 -34.13 -5.44
C SER D 207 -18.58 -34.78 -4.09
N GLY D 208 -19.11 -35.98 -3.87
CA GLY D 208 -18.78 -36.72 -2.68
C GLY D 208 -17.30 -37.03 -2.64
N GLU D 209 -16.70 -37.26 -3.80
CA GLU D 209 -15.29 -37.61 -3.86
C GLU D 209 -14.43 -36.44 -3.38
N ASP D 210 -14.80 -35.23 -3.78
CA ASP D 210 -14.12 -34.03 -3.32
C ASP D 210 -14.11 -33.91 -1.80
N ALA D 211 -15.25 -34.23 -1.19
CA ALA D 211 -15.38 -34.12 0.26
C ALA D 211 -14.64 -35.24 0.98
N ALA D 212 -14.62 -36.42 0.36
CA ALA D 212 -13.88 -37.54 0.91
C ALA D 212 -12.40 -37.21 0.95
N ARG D 213 -11.91 -36.61 -0.14
CA ARG D 213 -10.51 -36.26 -0.25
C ARG D 213 -10.12 -35.14 0.72
N VAL D 214 -10.90 -34.07 0.74
CA VAL D 214 -10.62 -32.93 1.61
C VAL D 214 -10.70 -33.39 3.06
N ALA D 215 -11.71 -34.18 3.37
CA ALA D 215 -11.87 -34.73 4.72
C ALA D 215 -10.73 -35.69 5.06
N GLY D 216 -10.41 -36.57 4.12
CA GLY D 216 -9.34 -37.53 4.32
C GLY D 216 -7.99 -36.89 4.52
N ALA D 217 -7.79 -35.71 3.92
CA ALA D 217 -6.50 -35.04 3.98
C ALA D 217 -6.26 -34.37 5.33
N GLY D 218 -7.32 -34.14 6.10
CA GLY D 218 -7.18 -33.56 7.42
C GLY D 218 -8.25 -32.58 7.85
N ALA D 219 -9.06 -32.11 6.91
CA ALA D 219 -10.09 -31.11 7.23
C ALA D 219 -11.06 -31.65 8.29
N ASP D 220 -11.26 -30.87 9.36
CA ASP D 220 -12.23 -31.20 10.40
C ASP D 220 -13.62 -30.73 10.03
N VAL D 221 -13.68 -29.66 9.23
CA VAL D 221 -14.94 -29.08 8.81
C VAL D 221 -14.91 -28.89 7.31
N VAL D 222 -16.01 -29.23 6.66
CA VAL D 222 -16.16 -29.05 5.22
C VAL D 222 -17.30 -28.08 4.97
N VAL D 223 -17.11 -27.18 4.01
CA VAL D 223 -18.11 -26.18 3.68
C VAL D 223 -18.54 -26.30 2.23
N THR D 224 -19.85 -26.25 2.00
CA THR D 224 -20.41 -26.33 0.66
C THR D 224 -21.47 -25.26 0.48
N GLY D 225 -21.36 -24.53 -0.63
CA GLY D 225 -22.32 -23.48 -0.96
C GLY D 225 -22.97 -23.72 -2.32
N MET E 1 25.55 26.49 -19.70
CA MET E 1 26.28 25.20 -19.92
C MET E 1 27.39 25.02 -18.90
N PHE E 2 27.77 23.77 -18.66
CA PHE E 2 28.86 23.48 -17.73
C PHE E 2 29.86 22.43 -18.25
N LYS E 3 29.50 21.72 -19.31
CA LYS E 3 30.40 20.82 -20.02
C LYS E 3 30.86 19.56 -19.27
N MET E 4 31.46 19.69 -18.08
CA MET E 4 32.09 18.54 -17.42
C MET E 4 31.21 17.97 -16.31
N LYS E 5 31.71 16.94 -15.63
CA LYS E 5 30.98 16.25 -14.57
C LYS E 5 30.73 17.18 -13.40
N VAL E 6 29.47 17.23 -12.99
CA VAL E 6 29.06 18.10 -11.91
C VAL E 6 29.55 17.54 -10.58
N GLU E 7 29.67 16.22 -10.50
CA GLU E 7 30.16 15.57 -9.29
C GLU E 7 31.64 15.84 -9.01
N ASP E 8 32.44 15.94 -10.06
CA ASP E 8 33.86 16.25 -9.89
C ASP E 8 34.01 17.71 -9.48
N TYR E 9 33.21 18.57 -10.11
CA TYR E 9 33.14 19.97 -9.70
C TYR E 9 32.80 20.11 -8.22
N PHE E 10 31.91 19.26 -7.74
CA PHE E 10 31.55 19.29 -6.32
C PHE E 10 32.75 18.92 -5.47
N HIS E 11 33.42 17.82 -5.83
CA HIS E 11 34.60 17.38 -5.10
C HIS E 11 35.72 18.42 -5.15
N ASP E 12 35.86 19.11 -6.28
CA ASP E 12 36.84 20.17 -6.42
C ASP E 12 36.63 21.25 -5.35
N ILE E 13 35.39 21.67 -5.18
CA ILE E 13 35.04 22.68 -4.18
C ILE E 13 35.20 22.14 -2.76
N LEU E 14 34.77 20.90 -2.54
CA LEU E 14 34.75 20.33 -1.19
C LEU E 14 36.13 20.19 -0.57
N ARG E 15 37.17 20.26 -1.39
CA ARG E 15 38.53 20.25 -0.87
C ARG E 15 38.84 21.50 -0.06
N GLU E 16 38.13 22.60 -0.35
CA GLU E 16 38.47 23.91 0.20
C GLU E 16 37.35 24.52 1.04
N ARG E 17 36.10 24.23 0.68
CA ARG E 17 34.95 24.87 1.31
C ARG E 17 33.68 24.06 1.15
N LYS E 18 32.57 24.60 1.65
CA LYS E 18 31.29 23.92 1.55
C LYS E 18 30.48 24.51 0.40
N ILE E 19 29.61 23.69 -0.18
CA ILE E 19 28.92 24.05 -1.40
C ILE E 19 27.58 24.70 -1.10
N HIS E 20 27.20 25.70 -1.90
CA HIS E 20 25.89 26.31 -1.82
C HIS E 20 25.14 26.19 -3.13
N LEU E 21 23.88 25.81 -3.04
CA LEU E 21 23.00 25.68 -4.21
C LEU E 21 21.72 26.49 -4.04
N THR E 22 21.28 27.12 -5.13
CA THR E 22 20.06 27.91 -5.14
C THR E 22 18.94 27.13 -5.83
N LEU E 23 17.82 26.96 -5.14
CA LEU E 23 16.68 26.21 -5.68
C LEU E 23 15.63 27.15 -6.27
N ILE E 24 15.45 27.04 -7.58
CA ILE E 24 14.44 27.83 -8.30
C ILE E 24 13.28 26.94 -8.74
N ASP E 25 12.07 27.45 -8.56
CA ASP E 25 10.85 26.77 -8.98
C ASP E 25 10.37 27.37 -10.30
N PRO E 26 10.22 26.53 -11.36
CA PRO E 26 9.76 27.06 -12.64
C PRO E 26 8.34 27.63 -12.58
N GLU E 27 7.53 27.09 -11.67
CA GLU E 27 6.13 27.47 -11.55
C GLU E 27 5.92 28.92 -11.12
N GLU E 28 6.89 29.44 -10.37
CA GLU E 28 6.69 30.69 -9.62
C GLU E 28 7.11 31.96 -10.35
N GLN E 29 7.82 31.84 -11.46
CA GLN E 29 8.21 33.02 -12.23
C GLN E 29 8.64 32.68 -13.65
N THR E 30 8.68 33.70 -14.51
CA THR E 30 9.01 33.48 -15.92
C THR E 30 10.49 33.19 -16.10
N PRO E 31 10.86 32.55 -17.22
CA PRO E 31 12.26 32.24 -17.53
C PRO E 31 13.18 33.45 -17.50
N GLU E 32 12.74 34.61 -18.00
CA GLU E 32 13.58 35.78 -17.91
C GLU E 32 13.83 36.11 -16.44
N GLU E 33 12.78 36.14 -15.63
CA GLU E 33 12.92 36.48 -14.21
C GLU E 33 13.81 35.53 -13.44
N ALA E 34 13.87 34.27 -13.83
CA ALA E 34 14.70 33.31 -13.12
C ALA E 34 16.18 33.52 -13.46
N VAL E 35 16.46 33.89 -14.70
CA VAL E 35 17.82 34.26 -15.09
C VAL E 35 18.27 35.43 -14.24
N GLU E 36 17.35 36.36 -14.00
CA GLU E 36 17.65 37.53 -13.19
C GLU E 36 18.04 37.07 -11.79
N ILE E 37 17.23 36.16 -11.25
CA ILE E 37 17.44 35.60 -9.92
C ILE E 37 18.75 34.83 -9.92
N ALA E 38 18.94 34.00 -10.94
CA ALA E 38 20.17 33.23 -11.11
C ALA E 38 21.40 34.13 -11.22
N ARG E 39 21.38 35.05 -12.16
CA ARG E 39 22.51 35.96 -12.36
C ARG E 39 22.81 36.72 -11.07
N ALA E 40 21.75 37.12 -10.38
CA ALA E 40 21.87 37.78 -9.09
C ALA E 40 22.48 36.84 -8.05
N ALA E 41 22.00 35.60 -8.03
CA ALA E 41 22.44 34.61 -7.04
C ALA E 41 23.90 34.23 -7.19
N ILE E 42 24.45 34.43 -8.39
CA ILE E 42 25.85 34.14 -8.65
C ILE E 42 26.73 35.21 -7.99
N ARG E 43 26.16 36.40 -7.77
CA ARG E 43 26.90 37.48 -7.12
C ARG E 43 27.21 37.19 -5.66
N GLY E 44 26.43 36.31 -5.05
CA GLY E 44 26.69 35.89 -3.68
C GLY E 44 27.79 34.85 -3.59
N GLY E 45 28.04 34.16 -4.70
CA GLY E 45 29.02 33.10 -4.73
C GLY E 45 28.39 31.74 -4.56
N THR E 46 27.17 31.59 -5.09
CA THR E 46 26.53 30.29 -5.13
C THR E 46 27.30 29.47 -6.15
N ASP E 47 27.31 28.15 -5.98
CA ASP E 47 28.12 27.28 -6.82
C ASP E 47 27.30 26.54 -7.85
N GLY E 48 25.99 26.76 -7.87
CA GLY E 48 25.12 26.06 -8.78
C GLY E 48 23.66 26.44 -8.60
N ILE E 49 22.85 26.08 -9.59
CA ILE E 49 21.43 26.38 -9.57
C ILE E 49 20.62 25.09 -9.59
N MET E 50 19.91 24.82 -8.50
CA MET E 50 19.00 23.69 -8.45
C MET E 50 17.67 24.12 -9.06
N LEU E 51 17.06 23.24 -9.85
CA LEU E 51 15.84 23.58 -10.57
C LEU E 51 14.72 22.56 -10.40
N GLY E 52 13.71 22.91 -9.60
CA GLY E 52 12.57 22.04 -9.42
C GLY E 52 11.81 22.30 -8.13
N GLY E 53 11.82 21.29 -7.26
CA GLY E 53 11.21 21.39 -5.94
C GLY E 53 9.71 21.18 -5.97
N SER E 54 9.15 21.09 -7.17
CA SER E 54 7.71 20.99 -7.34
C SER E 54 7.36 20.01 -8.46
N THR E 55 6.11 19.55 -8.47
CA THR E 55 5.57 18.81 -9.61
C THR E 55 4.76 19.75 -10.50
N THR E 56 5.37 20.18 -11.60
CA THR E 56 4.76 21.17 -12.48
C THR E 56 5.12 20.92 -13.94
N ASP E 57 4.35 21.56 -14.82
CA ASP E 57 4.49 21.47 -16.27
C ASP E 57 5.93 21.39 -16.79
N SER E 58 6.19 20.35 -17.60
CA SER E 58 7.52 20.07 -18.14
C SER E 58 7.88 20.96 -19.34
N SER E 59 7.09 22.00 -19.59
CA SER E 59 7.35 22.92 -20.69
C SER E 59 7.89 24.22 -20.10
N GLU E 60 7.31 24.64 -18.98
CA GLU E 60 7.93 25.68 -18.16
C GLU E 60 9.31 25.25 -17.69
N LEU E 61 9.46 23.95 -17.42
CA LEU E 61 10.74 23.44 -16.97
C LEU E 61 11.76 23.66 -18.09
N ASP E 62 11.46 23.08 -19.25
CA ASP E 62 12.29 23.23 -20.45
C ASP E 62 12.65 24.69 -20.75
N ASN E 63 11.65 25.57 -20.74
CA ASN E 63 11.85 26.97 -21.09
C ASN E 63 12.73 27.72 -20.08
N THR E 64 12.49 27.50 -18.78
CA THR E 64 13.31 28.12 -17.76
C THR E 64 14.72 27.55 -17.82
N ALA E 65 14.82 26.24 -18.07
CA ALA E 65 16.10 25.56 -18.15
C ALA E 65 16.91 26.05 -19.35
N ARG E 66 16.25 26.17 -20.50
CA ARG E 66 16.91 26.68 -21.70
C ARG E 66 17.45 28.08 -21.45
N ALA E 67 16.60 28.96 -20.94
CA ALA E 67 16.99 30.33 -20.65
C ALA E 67 18.22 30.40 -19.74
N LEU E 68 18.24 29.56 -18.71
CA LEU E 68 19.36 29.52 -17.77
C LEU E 68 20.63 28.99 -18.45
N ARG E 69 20.51 27.86 -19.12
CA ARG E 69 21.65 27.19 -19.72
C ARG E 69 22.40 28.11 -20.68
N GLU E 70 21.68 29.09 -21.23
CA GLU E 70 22.27 30.04 -22.16
C GLU E 70 23.00 31.16 -21.42
N ASN E 71 22.43 31.62 -20.31
CA ASN E 71 22.88 32.84 -19.65
C ASN E 71 23.71 32.68 -18.38
N ILE E 72 23.88 31.45 -17.87
CA ILE E 72 24.73 31.25 -16.69
C ILE E 72 25.78 30.17 -16.97
N ASP E 73 26.85 30.19 -16.18
CA ASP E 73 27.99 29.33 -16.43
C ASP E 73 28.24 28.37 -15.25
N VAL E 74 27.34 28.41 -14.28
CA VAL E 74 27.34 27.44 -13.18
C VAL E 74 26.41 26.29 -13.50
N PRO E 75 26.61 25.13 -12.85
CA PRO E 75 25.80 23.97 -13.23
C PRO E 75 24.31 24.16 -12.95
N ILE E 76 23.48 23.70 -13.88
CA ILE E 76 22.04 23.62 -13.69
C ILE E 76 21.67 22.20 -13.30
N ILE E 77 21.21 22.02 -12.07
CA ILE E 77 20.89 20.69 -11.55
C ILE E 77 19.39 20.52 -11.28
N LEU E 78 18.80 19.53 -11.94
CA LEU E 78 17.39 19.21 -11.73
C LEU E 78 17.13 18.62 -10.35
N PHE E 79 16.08 19.13 -9.71
CA PHE E 79 15.65 18.68 -8.39
C PHE E 79 14.22 18.19 -8.53
N PRO E 80 14.04 17.02 -9.19
CA PRO E 80 12.72 16.59 -9.65
C PRO E 80 11.76 16.21 -8.54
N GLY E 81 10.51 16.64 -8.67
CA GLY E 81 9.45 16.26 -7.76
C GLY E 81 8.62 15.14 -8.34
N ASN E 82 8.82 14.86 -9.62
CA ASN E 82 8.15 13.78 -10.30
C ASN E 82 8.86 13.53 -11.63
N THR E 83 8.32 12.64 -12.46
CA THR E 83 8.93 12.39 -13.77
C THR E 83 8.79 13.62 -14.69
N THR E 84 8.00 14.60 -14.25
CA THR E 84 7.87 15.86 -14.96
C THR E 84 9.07 16.78 -14.73
N GLY E 85 10.05 16.31 -13.97
CA GLY E 85 11.17 17.13 -13.57
C GLY E 85 12.41 16.93 -14.42
N VAL E 86 12.28 16.18 -15.52
CA VAL E 86 13.42 15.90 -16.41
C VAL E 86 13.45 16.82 -17.63
N SER E 87 14.61 17.43 -17.86
CA SER E 87 14.82 18.29 -19.04
C SER E 87 16.24 18.15 -19.57
N ARG E 88 16.36 18.05 -20.89
CA ARG E 88 17.67 17.88 -21.54
C ARG E 88 18.57 19.11 -21.40
N TYR E 89 18.00 20.22 -20.97
CA TYR E 89 18.74 21.48 -20.87
C TYR E 89 19.52 21.63 -19.56
N ALA E 90 19.47 20.61 -18.72
CA ALA E 90 20.17 20.63 -17.44
C ALA E 90 21.54 19.95 -17.55
N ASP E 91 22.41 20.17 -16.58
CA ASP E 91 23.75 19.58 -16.59
C ASP E 91 23.77 18.23 -15.88
N ALA E 92 22.95 18.10 -14.86
CA ALA E 92 22.84 16.85 -14.11
C ALA E 92 21.46 16.75 -13.47
N ILE E 93 21.10 15.54 -13.06
CA ILE E 93 19.87 15.31 -12.33
C ILE E 93 20.19 14.61 -11.02
N PHE E 94 19.64 15.13 -9.92
CA PHE E 94 19.63 14.39 -8.67
C PHE E 94 18.68 13.22 -8.87
N PHE E 95 19.21 12.05 -9.18
CA PHE E 95 18.36 10.88 -9.35
C PHE E 95 18.10 10.30 -7.96
N MET E 96 16.99 10.71 -7.38
CA MET E 96 16.78 10.52 -5.94
C MET E 96 15.67 9.53 -5.63
N SER E 97 15.84 8.86 -4.49
CA SER E 97 14.81 8.00 -3.94
C SER E 97 14.28 8.63 -2.65
N LEU E 98 12.97 8.80 -2.56
CA LEU E 98 12.35 9.32 -1.36
C LEU E 98 12.21 8.17 -0.35
N LEU E 99 13.25 8.00 0.46
CA LEU E 99 13.44 6.76 1.22
C LEU E 99 12.36 6.46 2.25
N ASN E 100 11.88 7.48 2.94
CA ASN E 100 10.92 7.27 4.02
C ASN E 100 9.47 7.53 3.57
N SER E 101 9.19 7.24 2.31
CA SER E 101 7.82 7.22 1.81
C SER E 101 7.20 5.86 2.12
N THR E 102 5.88 5.84 2.30
CA THR E 102 5.14 4.60 2.50
C THR E 102 4.65 4.09 1.15
N ASN E 103 4.91 4.87 0.11
CA ASN E 103 4.46 4.58 -1.25
C ASN E 103 5.65 4.22 -2.15
N PRO E 104 5.66 3.00 -2.73
CA PRO E 104 6.77 2.59 -3.60
C PRO E 104 6.98 3.47 -4.84
N TYR E 105 5.95 4.21 -5.23
CA TYR E 105 6.07 5.06 -6.41
C TYR E 105 7.15 6.12 -6.19
N TRP E 106 7.18 6.69 -5.00
CA TRP E 106 8.13 7.75 -4.69
C TRP E 106 9.52 7.19 -4.36
N ILE E 107 9.60 5.88 -4.14
CA ILE E 107 10.86 5.24 -3.81
C ILE E 107 11.55 4.68 -5.05
N ILE E 108 10.79 4.03 -5.92
CA ILE E 108 11.35 3.30 -7.05
C ILE E 108 10.47 3.36 -8.32
N GLY E 109 9.18 3.56 -8.14
CA GLY E 109 8.25 3.57 -9.27
C GLY E 109 8.51 4.70 -10.25
N ALA E 110 8.45 5.93 -9.75
CA ALA E 110 8.76 7.11 -10.55
C ALA E 110 10.15 7.02 -11.16
N GLN E 111 11.12 6.59 -10.36
CA GLN E 111 12.50 6.47 -10.82
C GLN E 111 12.59 5.52 -12.01
N ALA E 112 11.82 4.44 -11.94
CA ALA E 112 11.82 3.43 -13.00
C ALA E 112 11.18 3.95 -14.28
N LEU E 113 10.15 4.78 -14.12
CA LEU E 113 9.40 5.33 -15.26
C LEU E 113 10.17 6.40 -16.03
N GLY E 114 11.06 7.11 -15.33
CA GLY E 114 11.81 8.20 -15.92
C GLY E 114 13.22 7.86 -16.36
N ALA E 115 13.67 6.64 -16.08
CA ALA E 115 15.07 6.28 -16.27
C ALA E 115 15.46 6.25 -17.74
N ALA E 116 14.63 5.64 -18.58
CA ALA E 116 14.90 5.56 -20.01
C ALA E 116 15.03 6.97 -20.60
N THR E 117 14.18 7.88 -20.14
CA THR E 117 14.22 9.27 -20.58
C THR E 117 15.53 9.94 -20.20
N VAL E 118 15.96 9.69 -18.96
CA VAL E 118 17.21 10.26 -18.47
C VAL E 118 18.37 9.73 -19.27
N LYS E 119 18.35 8.44 -19.59
CA LYS E 119 19.40 7.84 -20.42
C LYS E 119 19.29 8.30 -21.87
N LYS E 120 18.08 8.47 -22.38
CA LYS E 120 17.92 8.90 -23.77
C LYS E 120 18.52 10.29 -23.93
N MET E 121 18.24 11.19 -22.97
CA MET E 121 18.97 12.44 -22.90
C MET E 121 20.35 12.13 -22.31
N GLY E 122 21.24 13.11 -22.27
CA GLY E 122 22.59 12.85 -21.82
C GLY E 122 22.84 13.03 -20.33
N ILE E 123 21.81 13.43 -19.60
CA ILE E 123 21.99 14.02 -18.26
C ILE E 123 22.74 13.10 -17.29
N GLU E 124 23.75 13.67 -16.64
CA GLU E 124 24.50 12.99 -15.59
C GLU E 124 23.62 12.74 -14.35
N ALA E 125 23.62 11.51 -13.87
CA ALA E 125 22.78 11.14 -12.72
C ALA E 125 23.60 10.96 -11.44
N LEU E 126 23.35 11.85 -10.48
CA LEU E 126 23.93 11.78 -9.14
C LEU E 126 23.04 10.93 -8.24
N PRO E 127 23.54 9.76 -7.79
CA PRO E 127 22.69 8.91 -6.95
C PRO E 127 22.51 9.53 -5.56
N MET E 128 21.26 9.71 -5.14
CA MET E 128 20.95 10.46 -3.93
C MET E 128 19.82 9.86 -3.09
N GLY E 129 20.10 9.66 -1.80
CA GLY E 129 19.05 9.33 -0.85
C GLY E 129 18.37 10.61 -0.38
N TYR E 130 17.04 10.59 -0.38
CA TYR E 130 16.25 11.78 -0.06
C TYR E 130 15.35 11.48 1.14
N LEU E 131 15.61 12.18 2.24
CA LEU E 131 14.97 11.88 3.52
C LEU E 131 14.28 13.11 4.11
N VAL E 132 12.97 12.99 4.32
CA VAL E 132 12.18 14.08 4.86
C VAL E 132 12.16 14.08 6.40
N VAL E 133 12.51 15.21 7.00
CA VAL E 133 12.51 15.36 8.45
C VAL E 133 11.36 16.27 8.89
N GLU E 134 10.89 16.09 10.12
CA GLU E 134 9.77 16.86 10.66
C GLU E 134 10.09 18.36 10.53
N PRO E 135 9.16 19.17 10.00
CA PRO E 135 7.74 18.90 9.73
C PRO E 135 7.50 18.24 8.38
N GLY E 136 8.43 18.47 7.45
CA GLY E 136 8.45 17.75 6.18
C GLY E 136 7.93 18.60 5.03
N GLY E 137 7.20 19.66 5.35
CA GLY E 137 6.67 20.57 4.36
C GLY E 137 5.72 19.89 3.39
N THR E 138 5.59 20.47 2.20
CA THR E 138 4.64 20.00 1.21
C THR E 138 5.09 18.68 0.58
N VAL E 139 6.40 18.53 0.40
CA VAL E 139 6.94 17.32 -0.21
C VAL E 139 6.72 16.14 0.73
N GLY E 140 6.79 16.40 2.03
CA GLY E 140 6.49 15.38 3.02
C GLY E 140 5.09 14.83 2.87
N TRP E 141 4.14 15.71 2.57
CA TRP E 141 2.74 15.32 2.46
C TRP E 141 2.46 14.62 1.13
N VAL E 142 2.91 15.25 0.04
CA VAL E 142 2.70 14.69 -1.29
C VAL E 142 3.49 13.41 -1.47
N GLY E 143 4.66 13.33 -0.83
CA GLY E 143 5.53 12.19 -1.02
C GLY E 143 5.11 10.98 -0.20
N ASP E 144 3.99 11.10 0.50
CA ASP E 144 3.43 10.00 1.29
C ASP E 144 4.46 9.52 2.31
N THR E 145 5.07 10.46 3.00
CA THR E 145 6.17 10.15 3.90
C THR E 145 5.73 10.01 5.35
N LYS E 146 6.59 9.35 6.12
CA LYS E 146 6.56 9.41 7.58
C LYS E 146 7.80 10.19 8.00
N PRO E 147 7.68 11.52 8.16
CA PRO E 147 8.86 12.34 8.43
C PRO E 147 9.65 11.83 9.61
N VAL E 148 10.97 11.76 9.45
CA VAL E 148 11.85 11.34 10.52
C VAL E 148 11.76 12.36 11.65
N PRO E 149 11.36 11.91 12.86
CA PRO E 149 11.24 12.90 13.95
C PRO E 149 12.57 13.58 14.25
N ARG E 150 12.50 14.84 14.66
CA ARG E 150 13.69 15.65 14.88
C ARG E 150 14.53 15.21 16.07
N ASN E 151 13.93 14.41 16.96
CA ASN E 151 14.64 13.88 18.12
C ASN E 151 14.95 12.39 17.91
N LYS E 152 15.06 11.99 16.65
CA LYS E 152 15.38 10.61 16.30
C LYS E 152 16.45 10.54 15.21
N PRO E 153 17.65 11.07 15.50
CA PRO E 153 18.75 11.05 14.54
C PRO E 153 19.23 9.63 14.22
N ASP E 154 19.02 8.70 15.15
CA ASP E 154 19.36 7.30 14.92
C ASP E 154 18.63 6.75 13.71
N ILE E 155 17.42 7.25 13.48
CA ILE E 155 16.62 6.83 12.34
C ILE E 155 17.24 7.41 11.07
N ALA E 156 17.57 8.70 11.10
CA ALA E 156 18.22 9.35 9.96
C ALA E 156 19.49 8.59 9.58
N ALA E 157 20.31 8.26 10.57
CA ALA E 157 21.56 7.55 10.34
C ALA E 157 21.31 6.17 9.77
N ALA E 158 20.25 5.52 10.23
CA ALA E 158 19.91 4.17 9.78
C ALA E 158 19.61 4.14 8.29
N TYR E 159 18.89 5.16 7.80
CA TYR E 159 18.53 5.22 6.39
C TYR E 159 19.69 5.74 5.54
N ALA E 160 20.46 6.66 6.10
CA ALA E 160 21.64 7.18 5.44
C ALA E 160 22.68 6.09 5.20
N MET E 161 22.86 5.22 6.19
CA MET E 161 23.80 4.13 6.09
C MET E 161 23.35 3.13 5.03
N ALA E 162 22.04 2.86 4.99
CA ALA E 162 21.48 1.92 4.03
C ALA E 162 21.60 2.46 2.60
N ALA E 163 21.31 3.74 2.43
CA ALA E 163 21.45 4.40 1.14
C ALA E 163 22.86 4.21 0.60
N GLU E 164 23.85 4.44 1.46
CA GLU E 164 25.25 4.29 1.08
C GLU E 164 25.56 2.87 0.62
N PHE E 165 25.09 1.89 1.40
CA PHE E 165 25.29 0.49 1.08
C PHE E 165 24.62 0.12 -0.24
N LEU E 166 23.60 0.89 -0.62
CA LEU E 166 22.87 0.65 -1.85
C LEU E 166 23.54 1.37 -3.03
N GLY E 167 24.56 2.17 -2.73
CA GLY E 167 25.36 2.80 -3.76
C GLY E 167 25.07 4.28 -3.92
N MET E 168 24.22 4.82 -3.07
CA MET E 168 23.83 6.22 -3.15
C MET E 168 24.91 7.09 -2.52
N ARG E 169 25.67 7.80 -3.36
CA ARG E 169 26.82 8.55 -2.88
C ARG E 169 26.46 9.89 -2.22
N LEU E 170 25.24 10.37 -2.48
CA LEU E 170 24.79 11.65 -1.90
C LEU E 170 23.59 11.45 -0.99
N PHE E 171 23.48 12.31 0.02
CA PHE E 171 22.37 12.26 0.95
C PHE E 171 21.80 13.64 1.25
N TYR E 172 20.49 13.75 1.16
CA TYR E 172 19.78 15.01 1.30
C TYR E 172 18.85 14.96 2.52
N LEU E 173 19.18 15.75 3.54
CA LEU E 173 18.31 15.88 4.71
C LEU E 173 17.37 17.06 4.50
N GLU E 174 16.11 16.74 4.19
CA GLU E 174 15.13 17.71 3.76
C GLU E 174 14.07 18.03 4.81
N ALA E 175 14.01 19.28 5.25
CA ALA E 175 12.97 19.71 6.18
C ALA E 175 11.75 20.27 5.46
N GLY E 176 11.85 20.42 4.14
CA GLY E 176 10.74 20.94 3.35
C GLY E 176 10.72 22.45 3.23
N SER E 177 10.30 22.95 2.08
CA SER E 177 10.20 24.38 1.83
C SER E 177 9.39 25.10 2.91
N GLY E 178 9.96 26.19 3.42
CA GLY E 178 9.28 27.01 4.39
C GLY E 178 9.31 26.44 5.79
N ALA E 179 10.15 25.45 6.02
CA ALA E 179 10.27 24.85 7.35
C ALA E 179 10.60 25.91 8.40
N PRO E 180 9.88 25.90 9.53
CA PRO E 180 10.16 26.88 10.59
C PRO E 180 11.59 26.79 11.14
N GLU E 181 12.11 25.57 11.32
CA GLU E 181 13.49 25.38 11.73
C GLU E 181 14.21 24.42 10.80
N HIS E 182 15.49 24.67 10.55
CA HIS E 182 16.28 23.75 9.74
C HIS E 182 16.46 22.45 10.49
N VAL E 183 16.96 21.43 9.78
CA VAL E 183 17.22 20.12 10.39
C VAL E 183 18.17 20.32 11.58
N PRO E 184 17.89 19.64 12.72
CA PRO E 184 18.71 19.90 13.90
C PRO E 184 20.18 19.57 13.65
N GLU E 185 21.08 20.36 14.22
CA GLU E 185 22.51 20.13 14.05
C GLU E 185 22.91 18.73 14.50
N GLU E 186 22.19 18.18 15.47
CA GLU E 186 22.51 16.87 16.01
C GLU E 186 22.35 15.79 14.95
N MET E 187 21.24 15.88 14.22
CA MET E 187 20.90 14.90 13.19
C MET E 187 21.93 14.94 12.08
N ILE E 188 22.28 16.15 11.65
CA ILE E 188 23.30 16.36 10.63
C ILE E 188 24.64 15.78 11.08
N ALA E 189 25.07 16.18 12.28
CA ALA E 189 26.32 15.68 12.85
C ALA E 189 26.41 14.15 12.85
N LEU E 190 25.37 13.48 13.31
CA LEU E 190 25.39 12.01 13.40
C LEU E 190 25.46 11.36 12.02
N VAL E 191 24.68 11.88 11.09
CA VAL E 191 24.64 11.34 9.73
C VAL E 191 26.00 11.48 9.06
N LYS E 192 26.71 12.57 9.35
CA LYS E 192 28.00 12.78 8.73
C LYS E 192 29.04 11.77 9.24
N ARG E 193 28.92 11.39 10.50
CA ARG E 193 29.85 10.45 11.12
C ARG E 193 29.71 9.02 10.59
N CYS E 194 28.51 8.67 10.12
CA CYS E 194 28.18 7.28 9.82
C CYS E 194 28.35 6.89 8.34
N THR E 195 28.54 7.86 7.47
CA THR E 195 28.64 7.58 6.03
C THR E 195 29.71 8.39 5.31
N ASP E 196 30.05 7.91 4.11
CA ASP E 196 31.00 8.59 3.24
C ASP E 196 30.23 9.22 2.09
N GLN E 197 29.12 9.88 2.45
CA GLN E 197 28.25 10.52 1.47
C GLN E 197 28.45 12.03 1.46
N ILE E 198 28.17 12.65 0.32
CA ILE E 198 28.05 14.10 0.25
C ILE E 198 26.75 14.48 0.92
N LEU E 199 26.83 15.09 2.10
CA LEU E 199 25.64 15.35 2.89
C LEU E 199 25.04 16.70 2.49
N ILE E 200 23.91 16.64 1.80
CA ILE E 200 23.20 17.83 1.36
C ILE E 200 22.10 18.15 2.36
N VAL E 201 21.89 19.44 2.61
CA VAL E 201 20.84 19.89 3.52
C VAL E 201 20.01 21.02 2.92
N GLY E 202 18.69 20.88 3.02
CA GLY E 202 17.78 21.95 2.66
C GLY E 202 16.71 22.14 3.71
N GLY E 203 15.84 23.11 3.46
CA GLY E 203 14.72 23.44 4.33
C GLY E 203 15.04 24.51 5.36
N GLY E 204 14.14 25.50 5.44
CA GLY E 204 14.19 26.52 6.48
C GLY E 204 15.47 27.32 6.66
N ILE E 205 16.42 27.22 5.74
CA ILE E 205 17.69 27.93 5.87
C ILE E 205 17.62 29.34 5.28
N ARG E 206 17.54 30.33 6.17
CA ARG E 206 17.30 31.72 5.78
C ARG E 206 18.50 32.62 5.98
N SER E 207 18.98 32.68 7.22
CA SER E 207 20.05 33.58 7.61
C SER E 207 21.43 32.93 7.53
N GLY E 208 22.46 33.76 7.56
CA GLY E 208 23.83 33.28 7.61
C GLY E 208 24.07 32.44 8.86
N GLU E 209 23.38 32.79 9.95
CA GLU E 209 23.53 32.07 11.20
C GLU E 209 23.02 30.63 11.07
N ASP E 210 21.85 30.47 10.44
CA ASP E 210 21.33 29.15 10.12
C ASP E 210 22.33 28.37 9.28
N ALA E 211 22.96 29.08 8.34
CA ALA E 211 23.90 28.44 7.42
C ALA E 211 25.17 28.06 8.15
N ALA E 212 25.56 28.84 9.14
CA ALA E 212 26.73 28.53 9.96
C ALA E 212 26.51 27.26 10.76
N ARG E 213 25.34 27.13 11.38
CA ARG E 213 25.03 25.96 12.18
C ARG E 213 24.91 24.70 11.33
N VAL E 214 24.10 24.77 10.28
CA VAL E 214 23.87 23.59 9.43
C VAL E 214 25.15 23.15 8.74
N ALA E 215 25.88 24.11 8.16
CA ALA E 215 27.14 23.81 7.51
C ALA E 215 28.16 23.34 8.55
N GLY E 216 28.21 24.07 9.66
CA GLY E 216 29.12 23.75 10.75
C GLY E 216 28.80 22.41 11.39
N ALA E 217 27.55 21.99 11.31
CA ALA E 217 27.12 20.76 11.97
C ALA E 217 27.65 19.53 11.21
N GLY E 218 28.01 19.72 9.95
CA GLY E 218 28.58 18.65 9.16
C GLY E 218 28.16 18.65 7.70
N ALA E 219 27.11 19.40 7.36
CA ALA E 219 26.58 19.43 6.01
C ALA E 219 27.63 19.91 5.00
N ASP E 220 27.83 19.12 3.94
CA ASP E 220 28.77 19.47 2.89
C ASP E 220 28.15 20.44 1.90
N VAL E 221 26.82 20.36 1.76
CA VAL E 221 26.09 21.17 0.80
C VAL E 221 24.88 21.77 1.49
N VAL E 222 24.65 23.06 1.27
CA VAL E 222 23.47 23.73 1.81
C VAL E 222 22.63 24.29 0.66
N VAL E 223 21.32 24.14 0.78
CA VAL E 223 20.37 24.57 -0.24
C VAL E 223 19.40 25.60 0.30
N THR E 224 19.15 26.65 -0.50
CA THR E 224 18.23 27.71 -0.12
C THR E 224 17.29 28.04 -1.27
N GLY E 225 16.00 28.11 -0.97
CA GLY E 225 14.98 28.45 -1.96
C GLY E 225 14.19 29.70 -1.56
N PHE F 2 12.63 -21.76 35.94
CA PHE F 2 11.67 -21.03 35.13
C PHE F 2 10.43 -21.88 34.85
N LYS F 3 10.53 -23.16 35.22
CA LYS F 3 9.42 -24.09 35.22
C LYS F 3 8.17 -23.43 35.83
N MET F 4 7.06 -23.30 35.10
CA MET F 4 6.88 -23.71 33.71
C MET F 4 6.13 -22.62 32.95
N LYS F 5 4.80 -22.71 32.95
CA LYS F 5 3.96 -21.76 32.21
C LYS F 5 3.99 -20.36 32.81
N VAL F 6 4.38 -19.40 31.98
CA VAL F 6 4.46 -18.01 32.40
C VAL F 6 3.06 -17.41 32.51
N GLU F 7 2.14 -17.89 31.68
CA GLU F 7 0.78 -17.39 31.72
C GLU F 7 0.14 -17.77 33.04
N ASP F 8 0.50 -18.94 33.56
CA ASP F 8 0.04 -19.40 34.86
C ASP F 8 0.74 -18.62 35.97
N TYR F 9 2.03 -18.36 35.77
CA TYR F 9 2.80 -17.50 36.66
C TYR F 9 2.11 -16.16 36.81
N PHE F 10 1.57 -15.66 35.71
CA PHE F 10 0.88 -14.38 35.70
C PHE F 10 -0.42 -14.43 36.49
N HIS F 11 -1.25 -15.42 36.20
CA HIS F 11 -2.54 -15.55 36.88
C HIS F 11 -2.39 -15.75 38.38
N ASP F 12 -1.40 -16.55 38.77
CA ASP F 12 -1.13 -16.80 40.18
C ASP F 12 -0.89 -15.50 40.93
N ILE F 13 -0.06 -14.63 40.35
CA ILE F 13 0.22 -13.34 40.95
C ILE F 13 -1.00 -12.42 40.91
N LEU F 14 -1.71 -12.41 39.80
CA LEU F 14 -2.82 -11.47 39.61
C LEU F 14 -3.94 -11.71 40.62
N ARG F 15 -3.92 -12.86 41.28
CA ARG F 15 -4.88 -13.15 42.35
C ARG F 15 -4.68 -12.23 43.55
N GLU F 16 -3.45 -11.75 43.75
CA GLU F 16 -3.09 -11.02 44.96
C GLU F 16 -2.60 -9.60 44.69
N ARG F 17 -1.96 -9.38 43.54
CA ARG F 17 -1.34 -8.10 43.25
C ARG F 17 -1.16 -7.88 41.75
N LYS F 18 -0.53 -6.77 41.39
CA LYS F 18 -0.28 -6.45 39.99
C LYS F 18 1.16 -6.79 39.61
N ILE F 19 1.36 -7.10 38.32
CA ILE F 19 2.65 -7.59 37.85
C ILE F 19 3.53 -6.44 37.38
N HIS F 20 4.83 -6.56 37.65
CA HIS F 20 5.82 -5.63 37.12
C HIS F 20 6.85 -6.39 36.30
N LEU F 21 7.16 -5.87 35.13
CA LEU F 21 8.16 -6.45 34.24
C LEU F 21 9.24 -5.45 33.90
N THR F 22 10.48 -5.93 33.89
CA THR F 22 11.64 -5.10 33.58
C THR F 22 12.10 -5.37 32.15
N LEU F 23 12.18 -4.32 31.35
CA LEU F 23 12.56 -4.45 29.95
C LEU F 23 14.05 -4.19 29.75
N ILE F 24 14.78 -5.22 29.31
CA ILE F 24 16.20 -5.06 29.02
C ILE F 24 16.42 -5.01 27.51
N ASP F 25 17.16 -4.00 27.07
CA ASP F 25 17.52 -3.86 25.67
C ASP F 25 18.99 -4.21 25.44
N PRO F 26 19.27 -5.23 24.60
CA PRO F 26 20.68 -5.54 24.31
C PRO F 26 21.38 -4.43 23.51
N GLU F 33 26.67 -7.03 27.92
CA GLU F 33 25.76 -7.90 28.65
C GLU F 33 25.95 -7.73 30.15
N ALA F 34 25.08 -6.92 30.76
CA ALA F 34 25.14 -6.65 32.19
C ALA F 34 23.96 -7.27 32.93
N VAL F 35 24.20 -8.44 33.51
CA VAL F 35 23.25 -9.12 34.39
C VAL F 35 22.86 -8.25 35.57
N GLU F 36 23.78 -7.38 35.99
CA GLU F 36 23.57 -6.52 37.15
C GLU F 36 22.22 -5.80 37.13
N ILE F 37 21.82 -5.28 35.98
CA ILE F 37 20.53 -4.58 35.89
C ILE F 37 19.34 -5.48 36.22
N ALA F 38 19.34 -6.70 35.70
CA ALA F 38 18.26 -7.63 36.00
C ALA F 38 18.17 -7.87 37.50
N ARG F 39 19.29 -8.30 38.08
CA ARG F 39 19.38 -8.61 39.50
C ARG F 39 19.01 -7.44 40.42
N ALA F 40 19.36 -6.22 40.02
CA ALA F 40 18.98 -5.04 40.79
C ALA F 40 17.45 -4.91 40.80
N ALA F 41 16.84 -5.01 39.63
CA ALA F 41 15.39 -4.89 39.50
C ALA F 41 14.66 -6.09 40.10
N ILE F 42 15.34 -7.23 40.19
CA ILE F 42 14.74 -8.44 40.76
C ILE F 42 14.68 -8.39 42.28
N ARG F 43 15.72 -7.85 42.89
CA ARG F 43 15.73 -7.58 44.33
C ARG F 43 14.90 -6.33 44.62
N GLY F 44 14.62 -5.55 43.59
CA GLY F 44 13.75 -4.39 43.70
C GLY F 44 12.30 -4.84 43.67
N GLY F 45 12.10 -6.13 43.37
CA GLY F 45 10.79 -6.75 43.31
C GLY F 45 10.07 -6.78 41.98
N THR F 46 10.82 -6.82 40.89
CA THR F 46 10.22 -7.04 39.57
C THR F 46 9.85 -8.52 39.48
N ASP F 47 8.87 -8.85 38.64
CA ASP F 47 8.40 -10.22 38.52
C ASP F 47 8.86 -10.92 37.25
N GLY F 48 9.64 -10.23 36.42
CA GLY F 48 10.09 -10.81 35.17
C GLY F 48 10.96 -9.91 34.32
N ILE F 49 11.62 -10.52 33.35
CA ILE F 49 12.51 -9.80 32.45
C ILE F 49 12.01 -9.88 31.02
N MET F 50 11.62 -8.72 30.49
CA MET F 50 11.28 -8.59 29.09
C MET F 50 12.56 -8.30 28.31
N LEU F 51 12.70 -8.94 27.15
CA LEU F 51 13.93 -8.84 26.37
C LEU F 51 13.55 -8.49 24.94
N GLY F 52 13.73 -7.23 24.58
CA GLY F 52 13.36 -6.76 23.25
C GLY F 52 14.21 -5.64 22.70
N GLY F 53 14.25 -5.55 21.38
CA GLY F 53 14.95 -4.48 20.69
C GLY F 53 14.11 -3.91 19.56
N THR F 64 21.74 -10.50 22.27
CA THR F 64 20.59 -11.36 21.97
C THR F 64 20.82 -12.76 22.53
N ALA F 65 21.63 -12.82 23.59
CA ALA F 65 22.01 -14.04 24.28
C ALA F 65 23.06 -13.63 25.30
N ARG F 66 22.67 -13.15 26.48
CA ARG F 66 21.35 -13.28 27.13
C ARG F 66 21.02 -14.76 27.36
N ALA F 67 22.07 -15.58 27.34
CA ALA F 67 22.05 -16.88 28.01
C ALA F 67 22.21 -16.60 29.50
N LEU F 68 22.59 -15.35 29.80
CA LEU F 68 22.73 -14.88 31.16
C LEU F 68 21.40 -14.92 31.92
N ARG F 69 20.90 -16.14 32.13
CA ARG F 69 19.74 -16.45 32.98
C ARG F 69 19.27 -17.88 32.72
N GLU F 70 19.87 -18.93 33.30
CA GLU F 70 21.11 -18.95 34.10
C GLU F 70 21.04 -18.27 35.47
N ASN F 71 21.40 -16.99 35.54
CA ASN F 71 21.63 -16.30 36.80
C ASN F 71 20.38 -15.69 37.40
N ILE F 72 19.24 -15.84 36.72
CA ILE F 72 17.99 -15.26 37.23
C ILE F 72 16.92 -16.33 37.40
N ASP F 73 15.96 -16.04 38.28
CA ASP F 73 14.94 -17.00 38.69
C ASP F 73 13.55 -16.52 38.35
N VAL F 74 13.49 -15.35 37.72
CA VAL F 74 12.26 -14.82 37.16
C VAL F 74 12.21 -15.16 35.68
N PRO F 75 11.00 -15.15 35.08
CA PRO F 75 10.86 -15.56 33.67
C PRO F 75 11.55 -14.62 32.69
N ILE F 76 12.14 -15.17 31.64
CA ILE F 76 12.65 -14.37 30.53
C ILE F 76 11.62 -14.39 29.40
N ILE F 77 11.02 -13.24 29.10
CA ILE F 77 10.02 -13.16 28.05
C ILE F 77 10.52 -12.29 26.89
N LEU F 78 10.62 -12.87 25.70
CA LEU F 78 11.05 -12.13 24.53
C LEU F 78 10.00 -11.11 24.10
N PHE F 79 10.46 -9.90 23.83
CA PHE F 79 9.61 -8.78 23.42
C PHE F 79 10.06 -8.26 22.06
N PRO F 80 9.78 -9.04 20.99
CA PRO F 80 10.41 -8.83 19.69
C PRO F 80 9.99 -7.55 18.96
N GLY F 81 10.97 -6.90 18.34
CA GLY F 81 10.73 -5.76 17.47
C GLY F 81 10.73 -6.23 16.03
N ASN F 82 11.15 -7.47 15.83
CA ASN F 82 11.16 -8.10 14.51
C ASN F 82 11.34 -9.61 14.64
N THR F 83 11.47 -10.30 13.52
CA THR F 83 11.70 -11.75 13.55
C THR F 83 13.08 -12.09 14.11
N THR F 84 13.90 -11.06 14.29
CA THR F 84 15.22 -11.23 14.91
C THR F 84 15.13 -11.37 16.43
N GLY F 85 13.90 -11.40 16.95
CA GLY F 85 13.69 -11.36 18.39
C GLY F 85 13.41 -12.71 19.03
N VAL F 86 13.58 -13.78 18.26
CA VAL F 86 13.39 -15.13 18.78
C VAL F 86 14.72 -15.76 19.20
N SER F 87 14.76 -16.26 20.43
CA SER F 87 15.94 -16.92 20.96
C SER F 87 15.52 -18.08 21.87
N ARG F 88 16.17 -19.23 21.72
CA ARG F 88 15.81 -20.42 22.47
C ARG F 88 16.10 -20.35 23.99
N TYR F 89 16.84 -19.34 24.45
CA TYR F 89 17.15 -19.28 25.87
C TYR F 89 16.03 -18.63 26.68
N ALA F 90 14.94 -18.27 26.02
CA ALA F 90 13.85 -17.58 26.71
C ALA F 90 12.78 -18.53 27.20
N ASP F 91 11.97 -18.06 28.13
CA ASP F 91 10.94 -18.88 28.75
C ASP F 91 9.61 -18.73 28.01
N ALA F 92 9.37 -17.52 27.49
CA ALA F 92 8.17 -17.24 26.75
C ALA F 92 8.39 -16.09 25.78
N ILE F 93 7.49 -15.96 24.82
CA ILE F 93 7.49 -14.82 23.91
C ILE F 93 6.10 -14.21 23.89
N PHE F 94 6.04 -12.89 24.02
CA PHE F 94 4.84 -12.18 23.66
C PHE F 94 4.71 -12.29 22.15
N PHE F 95 3.90 -13.23 21.69
CA PHE F 95 3.69 -13.42 20.26
C PHE F 95 2.63 -12.42 19.83
N MET F 96 3.09 -11.26 19.36
CA MET F 96 2.22 -10.11 19.22
C MET F 96 1.94 -9.66 17.80
N SER F 97 0.75 -9.07 17.63
CA SER F 97 0.37 -8.42 16.40
C SER F 97 0.31 -6.91 16.63
N LEU F 98 1.03 -6.16 15.80
CA LEU F 98 1.00 -4.70 15.90
C LEU F 98 -0.26 -4.21 15.20
N LEU F 99 -1.35 -4.14 15.97
CA LEU F 99 -2.70 -4.05 15.41
C LEU F 99 -3.00 -2.79 14.60
N ASN F 100 -2.49 -1.65 15.03
CA ASN F 100 -2.79 -0.38 14.36
C ASN F 100 -1.67 0.08 13.45
N SER F 101 -0.96 -0.87 12.85
CA SER F 101 0.01 -0.58 11.80
C SER F 101 -0.71 -0.52 10.45
N THR F 102 -0.18 0.26 9.51
CA THR F 102 -0.76 0.35 8.16
C THR F 102 -0.12 -0.68 7.21
N ASN F 103 0.87 -1.39 7.71
CA ASN F 103 1.65 -2.35 6.94
C ASN F 103 1.31 -3.78 7.38
N PRO F 104 0.81 -4.61 6.45
CA PRO F 104 0.45 -5.99 6.81
C PRO F 104 1.63 -6.79 7.38
N TYR F 105 2.84 -6.32 7.14
CA TYR F 105 4.04 -7.01 7.61
C TYR F 105 4.06 -7.08 9.13
N TRP F 106 3.73 -5.96 9.77
CA TRP F 106 3.78 -5.87 11.23
C TRP F 106 2.54 -6.45 11.91
N ILE F 107 1.50 -6.74 11.13
CA ILE F 107 0.26 -7.25 11.69
C ILE F 107 0.27 -8.78 11.68
N ILE F 108 0.73 -9.37 10.58
CA ILE F 108 0.68 -10.81 10.42
C ILE F 108 1.87 -11.37 9.62
N GLY F 109 2.48 -10.53 8.79
CA GLY F 109 3.57 -10.96 7.92
C GLY F 109 4.80 -11.45 8.66
N ALA F 110 5.38 -10.58 9.50
CA ALA F 110 6.50 -10.95 10.35
C ALA F 110 6.15 -12.17 11.20
N GLN F 111 4.94 -12.16 11.75
CA GLN F 111 4.46 -13.24 12.62
C GLN F 111 4.44 -14.58 11.88
N ALA F 112 4.05 -14.55 10.60
CA ALA F 112 3.99 -15.77 9.80
C ALA F 112 5.39 -16.29 9.46
N LEU F 113 6.33 -15.38 9.20
CA LEU F 113 7.69 -15.78 8.85
C LEU F 113 8.47 -16.31 10.04
N GLY F 114 8.08 -15.88 11.24
CA GLY F 114 8.77 -16.27 12.46
C GLY F 114 8.13 -17.41 13.22
N ALA F 115 6.97 -17.86 12.74
CA ALA F 115 6.16 -18.82 13.49
C ALA F 115 6.82 -20.18 13.61
N ALA F 116 7.40 -20.68 12.53
CA ALA F 116 8.03 -22.00 12.53
C ALA F 116 9.15 -22.13 13.55
N THR F 117 9.94 -21.07 13.71
CA THR F 117 11.03 -21.07 14.67
C THR F 117 10.51 -21.17 16.10
N VAL F 118 9.45 -20.43 16.40
CA VAL F 118 8.86 -20.42 17.73
C VAL F 118 8.39 -21.83 18.08
N LYS F 119 7.79 -22.52 17.10
CA LYS F 119 7.38 -23.90 17.29
C LYS F 119 8.57 -24.85 17.34
N LYS F 120 9.59 -24.59 16.54
CA LYS F 120 10.75 -25.47 16.50
C LYS F 120 11.42 -25.47 17.87
N MET F 121 11.59 -24.27 18.42
CA MET F 121 11.99 -24.13 19.80
C MET F 121 10.77 -24.43 20.68
N GLY F 122 10.97 -24.47 21.99
CA GLY F 122 9.89 -24.82 22.90
C GLY F 122 9.08 -23.63 23.37
N ILE F 123 9.48 -22.44 22.92
CA ILE F 123 9.07 -21.19 23.55
C ILE F 123 7.55 -21.07 23.64
N GLU F 124 7.08 -20.78 24.84
CA GLU F 124 5.68 -20.53 25.11
C GLU F 124 5.26 -19.24 24.45
N ALA F 125 4.18 -19.27 23.68
CA ALA F 125 3.72 -18.10 22.96
C ALA F 125 2.46 -17.52 23.61
N LEU F 126 2.59 -16.32 24.15
CA LEU F 126 1.47 -15.58 24.70
C LEU F 126 0.81 -14.71 23.63
N PRO F 127 -0.46 -15.02 23.29
CA PRO F 127 -1.12 -14.24 22.24
C PRO F 127 -1.42 -12.82 22.73
N MET F 128 -0.92 -11.82 22.01
CA MET F 128 -1.00 -10.43 22.48
C MET F 128 -1.28 -9.42 21.38
N GLY F 129 -2.28 -8.57 21.62
CA GLY F 129 -2.51 -7.41 20.78
C GLY F 129 -1.61 -6.28 21.23
N TYR F 130 -0.95 -5.63 20.27
CA TYR F 130 0.03 -4.59 20.55
C TYR F 130 -0.48 -3.30 19.90
N LEU F 131 -0.76 -2.30 20.73
CA LEU F 131 -1.42 -1.07 20.27
C LEU F 131 -0.60 0.16 20.63
N VAL F 132 -0.22 0.92 19.61
CA VAL F 132 0.57 2.13 19.80
C VAL F 132 -0.32 3.35 20.02
N VAL F 133 -0.07 4.04 21.13
CA VAL F 133 -0.80 5.25 21.49
C VAL F 133 0.11 6.47 21.31
N GLU F 134 -0.49 7.65 21.12
CA GLU F 134 0.28 8.87 20.95
C GLU F 134 1.24 9.05 22.11
N PRO F 135 2.50 9.43 21.84
CA PRO F 135 3.07 9.81 20.54
C PRO F 135 3.59 8.61 19.77
N GLY F 136 3.89 7.52 20.47
CA GLY F 136 4.19 6.24 19.85
C GLY F 136 5.66 5.87 19.82
N GLY F 137 6.54 6.86 19.98
CA GLY F 137 7.96 6.60 19.99
C GLY F 137 8.49 6.00 18.71
N THR F 138 9.61 5.27 18.82
CA THR F 138 10.29 4.70 17.66
C THR F 138 9.54 3.51 17.07
N VAL F 139 8.90 2.72 17.94
CA VAL F 139 8.19 1.53 17.47
C VAL F 139 7.00 1.93 16.60
N GLY F 140 6.35 3.04 16.95
CA GLY F 140 5.28 3.59 16.14
C GLY F 140 5.75 3.95 14.74
N TRP F 141 6.97 4.48 14.66
CA TRP F 141 7.52 4.95 13.40
C TRP F 141 8.00 3.79 12.53
N VAL F 142 8.80 2.91 13.10
CA VAL F 142 9.31 1.75 12.36
C VAL F 142 8.14 0.84 12.00
N GLY F 143 7.15 0.78 12.89
CA GLY F 143 6.02 -0.11 12.73
C GLY F 143 4.95 0.41 11.79
N ASP F 144 5.21 1.58 11.19
CA ASP F 144 4.29 2.17 10.21
C ASP F 144 2.89 2.38 10.80
N THR F 145 2.83 2.96 11.99
CA THR F 145 1.56 3.06 12.71
C THR F 145 0.84 4.39 12.55
N LYS F 146 -0.45 4.35 12.84
CA LYS F 146 -1.24 5.55 13.10
C LYS F 146 -1.57 5.54 14.60
N PRO F 147 -0.72 6.18 15.41
CA PRO F 147 -0.90 6.10 16.86
C PRO F 147 -2.29 6.53 17.31
N VAL F 148 -2.90 5.76 18.21
CA VAL F 148 -4.21 6.10 18.75
C VAL F 148 -4.08 7.41 19.51
N PRO F 149 -4.84 8.44 19.10
CA PRO F 149 -4.72 9.72 19.81
C PRO F 149 -5.13 9.61 21.27
N ARG F 150 -4.51 10.41 22.13
CA ARG F 150 -4.75 10.32 23.57
C ARG F 150 -6.16 10.71 23.97
N ASN F 151 -6.89 11.41 23.11
CA ASN F 151 -8.27 11.78 23.42
C ASN F 151 -9.27 10.93 22.65
N LYS F 152 -8.85 9.73 22.24
CA LYS F 152 -9.71 8.82 21.49
C LYS F 152 -9.66 7.38 22.01
N PRO F 153 -10.06 7.18 23.28
CA PRO F 153 -10.10 5.86 23.92
C PRO F 153 -11.13 4.89 23.32
N ASP F 154 -12.17 5.40 22.67
CA ASP F 154 -13.14 4.56 21.99
C ASP F 154 -12.47 3.68 20.94
N ILE F 155 -11.42 4.21 20.31
CA ILE F 155 -10.67 3.47 19.31
C ILE F 155 -9.88 2.36 19.98
N ALA F 156 -9.21 2.70 21.08
CA ALA F 156 -8.45 1.72 21.86
C ALA F 156 -9.35 0.55 22.26
N ALA F 157 -10.53 0.87 22.78
CA ALA F 157 -11.48 -0.15 23.23
C ALA F 157 -11.94 -1.01 22.05
N ALA F 158 -12.15 -0.37 20.90
CA ALA F 158 -12.60 -1.08 19.70
C ALA F 158 -11.60 -2.14 19.28
N TYR F 159 -10.31 -1.81 19.40
CA TYR F 159 -9.25 -2.73 19.00
C TYR F 159 -9.01 -3.80 20.06
N ALA F 160 -9.17 -3.43 21.32
CA ALA F 160 -9.04 -4.38 22.42
C ALA F 160 -10.10 -5.47 22.30
N MET F 161 -11.32 -5.06 21.94
CA MET F 161 -12.41 -6.00 21.78
C MET F 161 -12.19 -6.91 20.56
N ALA F 162 -11.72 -6.34 19.46
CA ALA F 162 -11.49 -7.12 18.25
C ALA F 162 -10.37 -8.13 18.47
N ALA F 163 -9.29 -7.66 19.10
CA ALA F 163 -8.18 -8.55 19.44
C ALA F 163 -8.68 -9.73 20.28
N GLU F 164 -9.47 -9.44 21.30
CA GLU F 164 -10.02 -10.48 22.17
C GLU F 164 -10.88 -11.47 21.40
N PHE F 165 -11.74 -10.97 20.52
CA PHE F 165 -12.60 -11.84 19.73
C PHE F 165 -11.75 -12.73 18.82
N LEU F 166 -10.54 -12.29 18.51
CA LEU F 166 -9.64 -13.08 17.67
C LEU F 166 -8.80 -14.03 18.51
N GLY F 167 -8.93 -13.94 19.83
CA GLY F 167 -8.30 -14.90 20.73
C GLY F 167 -7.08 -14.37 21.48
N MET F 168 -6.80 -13.08 21.34
CA MET F 168 -5.63 -12.51 22.00
C MET F 168 -5.98 -12.20 23.46
N ARG F 169 -5.46 -13.03 24.36
CA ARG F 169 -5.79 -12.96 25.78
C ARG F 169 -5.05 -11.82 26.48
N LEU F 170 -4.01 -11.32 25.81
CA LEU F 170 -3.22 -10.22 26.33
C LEU F 170 -3.32 -9.01 25.41
N PHE F 171 -3.30 -7.83 26.00
CA PHE F 171 -3.37 -6.60 25.24
C PHE F 171 -2.38 -5.58 25.80
N TYR F 172 -1.61 -4.97 24.91
CA TYR F 172 -0.51 -4.08 25.30
C TYR F 172 -0.74 -2.65 24.80
N LEU F 173 -0.92 -1.72 25.74
CA LEU F 173 -1.03 -0.31 25.41
C LEU F 173 0.34 0.37 25.42
N GLU F 174 0.83 0.67 24.22
CA GLU F 174 2.19 1.14 24.02
C GLU F 174 2.23 2.63 23.70
N ALA F 175 2.83 3.42 24.57
CA ALA F 175 3.02 4.85 24.31
C ALA F 175 4.38 5.12 23.68
N GLY F 176 5.19 4.07 23.57
CA GLY F 176 6.54 4.19 23.04
C GLY F 176 7.52 4.50 24.15
N SER F 177 8.72 3.92 24.07
CA SER F 177 9.77 4.15 25.05
C SER F 177 10.09 5.64 25.19
N GLY F 178 10.16 6.12 26.43
CA GLY F 178 10.55 7.50 26.67
C GLY F 178 9.44 8.50 26.42
N ALA F 179 8.20 8.02 26.33
CA ALA F 179 7.04 8.87 26.09
C ALA F 179 6.99 10.03 27.08
N PRO F 180 6.72 11.25 26.60
CA PRO F 180 6.64 12.41 27.51
C PRO F 180 5.58 12.20 28.59
N GLU F 181 4.44 11.66 28.19
CA GLU F 181 3.37 11.30 29.13
C GLU F 181 2.97 9.85 28.88
N HIS F 182 2.69 9.11 29.94
CA HIS F 182 2.23 7.73 29.79
C HIS F 182 0.83 7.67 29.18
N VAL F 183 0.40 6.46 28.83
CA VAL F 183 -0.90 6.21 28.22
C VAL F 183 -2.02 6.80 29.08
N PRO F 184 -3.04 7.40 28.45
CA PRO F 184 -4.05 8.08 29.27
C PRO F 184 -4.77 7.14 30.23
N GLU F 185 -5.04 7.63 31.45
CA GLU F 185 -5.76 6.87 32.45
C GLU F 185 -7.14 6.46 31.95
N GLU F 186 -7.77 7.36 31.20
CA GLU F 186 -9.12 7.11 30.69
C GLU F 186 -9.08 5.90 29.77
N MET F 187 -8.06 5.86 28.92
CA MET F 187 -7.91 4.80 27.95
C MET F 187 -7.69 3.44 28.60
N ILE F 188 -6.82 3.38 29.60
CA ILE F 188 -6.54 2.13 30.30
C ILE F 188 -7.82 1.58 30.91
N ALA F 189 -8.47 2.41 31.73
CA ALA F 189 -9.73 2.05 32.38
C ALA F 189 -10.78 1.52 31.41
N LEU F 190 -10.97 2.22 30.30
CA LEU F 190 -12.01 1.88 29.35
C LEU F 190 -11.76 0.50 28.72
N VAL F 191 -10.51 0.21 28.35
CA VAL F 191 -10.19 -1.07 27.74
C VAL F 191 -10.44 -2.22 28.72
N LYS F 192 -10.14 -2.01 29.99
CA LYS F 192 -10.30 -3.04 31.01
C LYS F 192 -11.79 -3.30 31.25
N ARG F 193 -12.58 -2.26 31.12
CA ARG F 193 -14.03 -2.37 31.28
C ARG F 193 -14.67 -3.15 30.12
N CYS F 194 -14.02 -3.15 28.95
CA CYS F 194 -14.62 -3.70 27.74
C CYS F 194 -14.20 -5.15 27.41
N THR F 195 -13.13 -5.63 28.04
CA THR F 195 -12.63 -6.99 27.74
C THR F 195 -12.11 -7.75 28.97
N ASP F 196 -11.92 -9.06 28.78
CA ASP F 196 -11.41 -9.96 29.81
C ASP F 196 -9.95 -10.35 29.53
N GLN F 197 -9.13 -9.36 29.22
CA GLN F 197 -7.71 -9.58 28.88
C GLN F 197 -6.76 -9.18 30.00
N ILE F 198 -5.57 -9.78 30.01
CA ILE F 198 -4.47 -9.26 30.82
C ILE F 198 -3.98 -7.97 30.21
N LEU F 199 -4.30 -6.86 30.87
CA LEU F 199 -4.03 -5.53 30.33
C LEU F 199 -2.65 -5.00 30.72
N ILE F 200 -1.75 -4.98 29.75
CA ILE F 200 -0.40 -4.45 29.95
C ILE F 200 -0.33 -3.01 29.45
N VAL F 201 0.38 -2.16 30.19
CA VAL F 201 0.59 -0.78 29.78
C VAL F 201 2.06 -0.45 29.92
N GLY F 202 2.65 0.13 28.86
CA GLY F 202 4.01 0.61 28.94
C GLY F 202 4.21 1.99 28.35
N GLY F 203 5.46 2.45 28.42
CA GLY F 203 5.85 3.74 27.91
C GLY F 203 5.79 4.83 28.97
N GLY F 204 6.80 5.70 28.97
CA GLY F 204 6.82 6.87 29.83
C GLY F 204 6.65 6.69 31.34
N ILE F 205 6.69 5.45 31.83
CA ILE F 205 6.54 5.21 33.28
C ILE F 205 7.88 5.26 34.03
N ARG F 206 8.12 6.37 34.73
CA ARG F 206 9.37 6.58 35.45
C ARG F 206 9.18 6.62 36.96
N SER F 207 8.25 7.46 37.42
CA SER F 207 8.04 7.63 38.85
C SER F 207 7.02 6.63 39.37
N GLY F 208 7.01 6.41 40.68
CA GLY F 208 6.01 5.56 41.33
C GLY F 208 4.63 6.12 41.12
N GLU F 209 4.56 7.45 41.03
CA GLU F 209 3.31 8.15 40.83
C GLU F 209 2.77 7.87 39.43
N ASP F 210 3.65 7.88 38.44
CA ASP F 210 3.28 7.44 37.09
C ASP F 210 2.76 6.01 37.18
N ALA F 211 3.43 5.22 38.01
CA ALA F 211 3.08 3.82 38.18
C ALA F 211 1.78 3.70 38.97
N ALA F 212 1.55 4.65 39.87
CA ALA F 212 0.30 4.70 40.63
C ALA F 212 -0.90 4.95 39.72
N ARG F 213 -0.77 5.88 38.78
CA ARG F 213 -1.85 6.20 37.86
C ARG F 213 -2.20 5.01 36.96
N VAL F 214 -1.19 4.46 36.31
CA VAL F 214 -1.39 3.35 35.39
C VAL F 214 -1.94 2.12 36.12
N ALA F 215 -1.38 1.83 37.28
CA ALA F 215 -1.82 0.69 38.07
C ALA F 215 -3.24 0.89 38.57
N GLY F 216 -3.52 2.08 39.11
CA GLY F 216 -4.84 2.39 39.61
C GLY F 216 -5.93 2.42 38.55
N ALA F 217 -5.54 2.75 37.32
CA ALA F 217 -6.50 2.93 36.23
C ALA F 217 -7.07 1.63 35.66
N GLY F 218 -6.37 0.51 35.88
CA GLY F 218 -6.86 -0.77 35.41
C GLY F 218 -5.79 -1.74 34.91
N ALA F 219 -4.60 -1.23 34.65
CA ALA F 219 -3.51 -2.05 34.11
C ALA F 219 -3.16 -3.23 35.01
N ASP F 220 -3.13 -4.42 34.43
CA ASP F 220 -2.75 -5.63 35.17
C ASP F 220 -1.23 -5.79 35.24
N VAL F 221 -0.54 -5.26 34.24
CA VAL F 221 0.90 -5.41 34.12
C VAL F 221 1.56 -4.07 33.79
N VAL F 222 2.66 -3.78 34.47
CA VAL F 222 3.41 -2.56 34.23
C VAL F 222 4.80 -2.88 33.71
N VAL F 223 5.24 -2.08 32.74
CA VAL F 223 6.56 -2.26 32.12
C VAL F 223 7.36 -0.97 32.28
N THR F 224 8.63 -1.10 32.63
CA THR F 224 9.52 0.05 32.81
C THR F 224 10.86 -0.17 32.11
C3 1GP G . -5.12 0.92 -24.60
O3 1GP G . -6.97 0.54 -25.93
C2 1GP G . -5.59 0.61 -25.97
O2 1GP G . -6.26 1.14 -23.84
C1 1GP G . -5.04 -0.70 -26.42
O1P 1GP G . -5.50 -0.94 -27.69
O2P 1GP G . -5.25 -1.71 -30.06
O3P 1GP G . -3.24 -1.20 -28.72
O4P 1GP G . -4.60 -3.21 -28.21
P 1GP G . -4.64 -1.77 -28.68
H31 1GP G . -4.57 1.73 -24.61
H32 1GP G . -4.62 0.17 -24.24
HO3 1GP G . -7.29 0.64 -26.76
H2 1GP G . -5.31 1.32 -26.58
HO2 1GP G . -6.77 0.42 -23.89
H11 1GP G . -4.06 -0.65 -26.44
H12 1GP G . -5.33 -1.40 -25.82
C1 PGE H . -3.02 14.52 -15.08
O1 PGE H . -4.40 14.58 -14.91
C2 PGE H . -2.53 13.21 -14.56
O2 PGE H . -3.44 12.22 -14.84
C3 PGE H . -3.26 10.96 -14.31
C4 PGE H . -3.42 9.94 -15.39
O4 PGE H . -2.72 6.19 -14.61
C6 PGE H . -3.99 6.43 -15.11
C5 PGE H . -4.39 7.84 -14.80
O3 PGE H . -3.30 8.67 -14.87
H1 PGE H . -2.81 14.60 -16.03
H12 PGE H . -2.61 15.24 -14.58
HO1 PGE H . -4.69 15.37 -15.17
H2 PGE H . -1.67 13.00 -14.98
H22 PGE H . -2.41 13.28 -13.60
H3 PGE H . -2.36 10.90 -13.95
H32 PGE H . -3.91 10.80 -13.61
H4 PGE H . -4.31 10.05 -15.77
H42 PGE H . -2.76 10.09 -16.09
HO4 PGE H . -2.75 5.49 -14.07
H6 PGE H . -4.61 5.83 -14.68
H62 PGE H . -4.00 6.29 -16.07
H5 PGE H . -4.77 7.88 -13.91
H52 PGE H . -5.06 8.12 -15.45
C3 1GP I . -18.66 16.11 10.92
O3 1GP I . -18.89 18.43 10.76
C2 1GP I . -19.51 17.30 11.22
O2 1GP I . -18.44 16.06 9.56
C1 1GP I . -19.71 17.40 12.70
O1P 1GP I . -18.91 18.40 13.20
O2P 1GP I . -19.79 17.73 15.44
O3P 1GP I . -17.78 19.16 15.31
O4P 1GP I . -19.99 20.08 14.71
P 1GP I . -19.12 18.85 14.68
H31 1GP I . -19.11 15.30 11.21
H32 1GP I . -17.81 16.20 11.39
HO3 1GP I . -18.51 18.26 9.98
H2 1GP I . -20.37 17.19 10.78
HO2 1GP I . -18.18 15.24 9.33
H11 1GP I . -20.64 17.61 12.88
H12 1GP I . -19.49 16.55 13.12
C1 PGE J . -15.39 6.96 4.21
O1 PGE J . -15.51 8.00 5.12
C2 PGE J . -16.30 7.19 3.05
O2 PGE J . -16.79 5.99 2.59
C3 PGE J . -18.01 6.01 1.95
C4 PGE J . -18.43 4.65 1.55
O4 PGE J . -22.36 3.10 -0.55
C6 PGE J . -21.70 4.17 0.00
C5 PGE J . -20.45 3.69 0.66
O3 PGE J . -19.62 4.77 0.87
H1 PGE J . -14.47 6.89 3.91
H12 PGE J . -15.65 6.13 4.66
HO1 PGE J . -15.74 8.75 4.67
H2 PGE J . -17.04 7.75 3.35
H22 PGE J . -15.81 7.65 2.34
H3 PGE J . -18.68 6.39 2.56
H32 PGE J . -17.95 6.58 1.17
H4 PGE J . -17.76 4.25 0.96
H42 PGE J . -18.55 4.09 2.34
HO4 PGE J . -22.01 2.91 -1.34
H6 PGE J . -22.27 4.60 0.66
H62 PGE J . -21.47 4.81 -0.69
H5 PGE J . -20.00 3.04 0.08
H52 PGE J . -20.67 3.27 1.51
C3 1GP K . 18.32 -18.13 -7.21
O3 1GP K . 17.02 -18.15 -5.28
C2 1GP K . 17.22 -18.81 -6.47
O2 1GP K . 17.99 -16.80 -7.37
C1 1GP K . 17.62 -20.21 -6.22
O1P 1GP K . 17.74 -20.87 -7.43
O2P 1GP K . 15.93 -22.45 -8.19
O3P 1GP K . 18.30 -23.09 -8.43
O4P 1GP K . 17.27 -23.02 -6.19
P 1GP K . 17.30 -22.37 -7.56
H31 1GP K . 18.44 -18.54 -8.08
H32 1GP K . 19.15 -18.20 -6.69
HO3 1GP K . 16.51 -17.43 -5.42
H2 1GP K . 16.41 -18.78 -7.00
HO2 1GP K . 17.66 -16.68 -8.18
H11 1GP K . 18.48 -20.23 -5.76
H12 1GP K . 16.96 -20.66 -5.67
C1 PGE L . 19.73 -6.86 5.01
O1 PGE L . 20.04 -6.20 6.18
C2 PGE L . 18.44 -6.35 4.47
O2 PGE L . 18.12 -7.04 3.31
C3 PGE L . 16.90 -6.86 2.69
C4 PGE L . 16.17 -8.16 2.66
O4 PGE L . 13.38 -10.46 0.60
C6 PGE L . 13.89 -9.29 0.09
C5 PGE L . 15.25 -9.05 0.65
O3 PGE L . 15.20 -8.12 1.67
H1 PGE L . 20.43 -6.71 4.35
H12 PGE L . 19.65 -7.82 5.18
HO1 PGE L . 20.13 -6.79 6.83
H2 PGE L . 17.74 -6.48 5.13
H22 PGE L . 18.51 -5.40 4.26
H3 PGE L . 16.38 -6.20 3.18
H32 PGE L . 17.06 -6.55 1.78
H4 PGE L . 16.81 -8.86 2.44
H42 PGE L . 15.76 -8.34 3.53
HO4 PGE L . 13.06 -10.96 -0.05
H6 PGE L . 13.31 -8.54 0.33
H62 PGE L . 13.95 -9.35 -0.87
H5 PGE L . 15.84 -8.71 -0.05
H52 PGE L . 15.61 -9.89 0.98
C3 1GP M . -16.90 -20.07 -0.23
O3 1GP M . -16.04 -21.67 1.26
C2 1GP M . -17.21 -21.21 0.69
O2 1GP M . -16.91 -18.89 0.48
C1 1GP M . -17.86 -22.33 -0.04
O1P 1GP M . -17.45 -22.41 -1.34
O2P 1GP M . -19.66 -22.10 -2.47
O3P 1GP M . -17.80 -23.05 -3.77
O4P 1GP M . -18.85 -24.37 -1.99
P 1GP M . -18.44 -22.98 -2.41
H31 1GP M . -17.57 -20.03 -0.94
H32 1GP M . -16.02 -20.21 -0.64
HO3 1GP M . -16.24 -22.23 1.91
H2 1GP M . -17.80 -20.88 1.39
HO2 1GP M . -16.68 -18.21 -0.05
H11 1GP M . -17.64 -23.17 0.41
H12 1GP M . -18.82 -22.22 -0.01
C1 PGE N . -12.60 -10.82 5.46
O1 PGE N . -13.67 -10.72 4.58
C2 PGE N . -12.86 -9.95 6.64
O2 PGE N . -14.22 -9.94 6.90
C3 PGE N . -14.83 -8.87 7.52
C4 PGE N . -14.50 -8.86 8.97
O4 PGE N . -17.39 -8.52 12.69
C6 PGE N . -17.02 -7.99 11.46
C5 PGE N . -15.84 -8.74 10.94
O3 PGE N . -15.58 -8.35 9.65
H1 PGE N . -12.51 -11.75 5.76
H12 PGE N . -11.79 -10.54 5.02
HO1 PGE N . -13.42 -10.23 3.88
H2 PGE N . -12.37 -10.26 7.41
H22 PGE N . -12.58 -9.04 6.42
H3 PGE N . -14.53 -8.04 7.12
H32 PGE N . -15.79 -8.96 7.42
H4 PGE N . -14.34 -9.77 9.28
H42 PGE N . -13.71 -8.31 9.14
HO4 PGE N . -17.76 -7.89 13.18
H6 PGE N . -16.77 -7.05 11.58
H62 PGE N . -17.75 -8.06 10.84
H5 PGE N . -16.03 -9.70 10.96
H52 PGE N . -15.06 -8.55 11.50
C3 1GP O . 12.96 22.37 -0.38
O3 1GP O . 15.21 22.40 0.32
C2 1GP O . 14.17 23.20 -0.12
O2 1GP O . 13.22 21.47 -1.40
C1 1GP O . 13.83 24.19 0.93
O1P 1GP O . 14.33 25.44 0.66
O2P 1GP O . 12.22 26.77 0.47
O3P 1GP O . 13.31 26.54 2.68
O4P 1GP O . 14.34 27.94 0.95
P 1GP O . 13.54 26.67 1.20
H31 1GP O . 12.22 22.94 -0.64
H32 1GP O . 12.73 21.88 0.43
HO3 1GP O . 15.97 22.86 0.29
H2 1GP O . 14.44 23.66 -0.94
HO2 1GP O . 12.78 20.71 -1.24
H11 1GP O . 12.86 24.25 1.01
H12 1GP O . 14.19 23.89 1.78
C1 PGE P . 13.67 10.49 -12.15
O1 PGE P . 13.80 10.98 -13.43
C2 PGE P . 12.59 11.21 -11.44
O2 PGE P . 12.14 10.42 -10.41
C3 PGE P . 11.12 10.84 -9.58
C4 PGE P . 11.61 11.93 -8.69
O4 PGE P . 10.57 13.22 -4.92
C6 PGE P . 10.60 11.86 -5.19
C5 PGE P . 11.51 11.61 -6.35
O3 PGE P . 10.87 11.93 -7.52
H1 PGE P . 13.46 9.53 -12.19
H12 PGE P . 14.51 10.60 -11.66
HO1 PGE P . 14.00 10.31 -13.99
H2 PGE P . 12.91 12.06 -11.10
H22 PGE P . 11.85 11.36 -12.06
H3 PGE P . 10.37 11.16 -10.12
H32 PGE P . 10.83 10.09 -9.03
H4 PGE P . 12.54 11.74 -8.47
H42 PGE P . 11.54 12.79 -9.13
HO4 PGE P . 9.73 13.47 -4.84
H6 PGE P . 9.72 11.54 -5.40
H62 PGE P . 10.95 11.39 -4.41
H5 PGE P . 11.76 10.67 -6.36
H52 PGE P . 12.31 12.16 -6.26
C3 1GP Q . 8.32 -0.14 25.13
O3 1GP Q . 7.03 -0.08 27.08
C2 1GP Q . 8.31 0.04 26.61
O2 1GP Q . 9.62 -0.14 24.66
C1 1GP Q . 8.84 1.39 26.92
O1P 1GP Q . 8.85 1.58 28.29
O2P 1GP Q . 9.53 4.00 28.39
O3P 1GP Q . 9.67 2.60 30.42
O4P 1GP Q . 11.24 2.22 28.55
P 1GP Q . 9.83 2.61 28.92
H31 1GP Q . 7.90 -1.00 24.91
H32 1GP Q . 7.83 0.57 24.71
HO3 1GP Q . 6.47 0.33 26.53
H2 1GP Q . 8.88 -0.64 27.03
HO2 1GP Q . 9.61 -0.08 23.77
H11 1GP Q . 8.28 2.07 26.51
H12 1GP Q . 9.75 1.48 26.59
C1 PGE R . 5.95 -5.51 16.33
O1 PGE R . 7.24 -5.12 16.06
C2 PGE R . 5.64 -6.79 15.61
O2 PGE R . 6.57 -7.74 15.94
C3 PGE R . 6.52 -8.98 15.34
C4 PGE R . 7.37 -9.93 16.11
O4 PGE R . 9.13 -14.13 15.00
C6 PGE R . 7.97 -13.41 15.23
C5 PGE R . 8.35 -12.06 15.73
O3 PGE R . 7.29 -11.19 15.55
H1 PGE R . 5.85 -5.65 17.29
H12 PGE R . 5.33 -4.82 16.04
HO1 PGE R . 7.47 -4.45 16.58
H2 PGE R . 4.76 -7.09 15.86
H22 PGE R . 5.67 -6.62 14.65
H3 PGE R . 5.59 -9.30 15.34
H32 PGE R . 6.83 -8.92 14.43
H4 PGE R . 8.29 -9.63 16.08
H42 PGE R . 7.07 -9.97 17.03
HO4 PGE R . 9.49 -13.86 14.24
H6 PGE R . 7.44 -13.86 15.91
H62 PGE R . 7.47 -13.33 14.41
H5 PGE R . 9.11 -11.72 15.21
H52 PGE R . 8.58 -12.09 16.66
#